data_5ZMD
#
_entry.id   5ZMD
#
_cell.length_a   122.736
_cell.length_b   160.033
_cell.length_c   276.756
_cell.angle_alpha   90.00
_cell.angle_beta   90.00
_cell.angle_gamma   90.00
#
_symmetry.space_group_name_H-M   'I 21 21 21'
#
loop_
_entity.id
_entity.type
_entity.pdbx_description
1 polymer 'Alpha-ketoglutarate-dependent dioxygenase FTO'
2 polymer "DNA (5'-D(P*TP*CP*TP*(6MA)P*TP*AP*TP*CP*G)-3')"
3 non-polymer 'MANGANESE (II) ION'
4 non-polymer N-OXALYLGLYCINE
5 water water
#
loop_
_entity_poly.entity_id
_entity_poly.type
_entity_poly.pdbx_seq_one_letter_code
_entity_poly.pdbx_strand_id
1 'polypeptide(L)'
;EFYQQWQLKYPKLILREASSVSEELHKEVQEAFLTLHKHGCLFRDLVRIKGKDLLTPVSRILIGNPGCTYKYLNTRLFTV
PWPVKGSNIKHTEAEIAAACETFLKLNDYLQIETIQALEELAAKEKANEDAVPLCMSADFPRVGMGSSYNGQDEVDIKSR
AAYNVTLLNFMDPQKMPYLKEEPYFGMGKMAVSWHHDENLVDRSAVAVYSYSCEGPEEESEDDSHLEGRDPDIWHVGFKI
SWDIETPGLAIPLHQGDCYFMLDDLNATHKHCVLAGSQPRFSSTHRVAECSTGTLDYILQRCQLALQNVCDDVDNDDVSL
KSFEPAVLKQGEEIHNEVEFEWLRQFWFQGNRYRKCTDWWCQPMAQLEALWKKMEGVTNAVLHEVKREGLPVEQRNEILT
AILASLTARQNLRREWHARCQSRIARTLPADQKPECRPYWEKDDASMPLPFDLTDIVSELRGQ
;
A,C,E,G
2 'polydeoxyribonucleotide' (DT)(DC)(DT)(6MA)(DT)(DA)(DT)(DC)(DG) B,D,F,H
#
loop_
_chem_comp.id
_chem_comp.type
_chem_comp.name
_chem_comp.formula
6MA DNA linking N6-METHYL-DEOXY-ADENOSINE-5'-MONOPHOSPHATE 'C11 H16 N5 O6 P'
DA DNA linking 2'-DEOXYADENOSINE-5'-MONOPHOSPHATE 'C10 H14 N5 O6 P'
DC DNA linking 2'-DEOXYCYTIDINE-5'-MONOPHOSPHATE 'C9 H14 N3 O7 P'
DG DNA linking 2'-DEOXYGUANOSINE-5'-MONOPHOSPHATE 'C10 H14 N5 O7 P'
DT DNA linking THYMIDINE-5'-MONOPHOSPHATE 'C10 H15 N2 O8 P'
MN non-polymer 'MANGANESE (II) ION' 'Mn 2'
OGA non-polymer N-OXALYLGLYCINE 'C4 H5 N O5'
#
# COMPACT_ATOMS: atom_id res chain seq x y z
N GLU A 1 16.33 -24.17 30.01
CA GLU A 1 17.41 -25.07 30.44
C GLU A 1 17.10 -25.67 31.80
N PHE A 2 16.51 -24.86 32.67
CA PHE A 2 16.02 -25.32 33.97
C PHE A 2 14.53 -25.61 33.86
N TYR A 3 13.92 -25.79 35.02
CA TYR A 3 12.48 -26.00 35.11
C TYR A 3 11.83 -24.64 35.18
N GLN A 4 11.71 -24.12 33.97
CA GLN A 4 11.16 -22.84 33.57
C GLN A 4 9.67 -22.50 33.50
N GLN A 5 9.46 -21.20 33.51
CA GLN A 5 8.21 -20.46 33.54
C GLN A 5 7.66 -20.14 32.17
N TRP A 6 8.18 -20.81 31.17
CA TRP A 6 7.82 -20.57 29.77
C TRP A 6 6.47 -20.96 29.21
N GLN A 7 5.61 -21.64 29.92
CA GLN A 7 4.28 -21.93 29.48
C GLN A 7 3.49 -20.71 29.15
N LEU A 8 3.61 -19.64 29.89
CA LEU A 8 2.81 -18.53 29.53
C LEU A 8 3.52 -17.88 28.39
N LYS A 9 2.82 -17.95 27.26
CA LYS A 9 3.21 -17.43 25.98
C LYS A 9 2.02 -16.79 25.27
N TYR A 10 2.10 -16.62 23.98
CA TYR A 10 1.00 -15.93 23.38
C TYR A 10 0.82 -16.13 21.90
N PRO A 11 -0.25 -16.80 21.63
CA PRO A 11 -0.63 -17.27 20.37
C PRO A 11 -1.16 -16.94 19.10
N LYS A 12 -0.12 -17.08 18.28
CA LYS A 12 0.14 -16.82 16.94
C LYS A 12 1.05 -18.05 17.02
N LEU A 13 1.35 -18.64 18.17
CA LEU A 13 2.22 -19.75 18.26
C LEU A 13 1.49 -20.57 19.25
N ILE A 14 0.79 -21.57 18.76
CA ILE A 14 0.03 -22.41 19.65
C ILE A 14 0.70 -23.76 19.87
N LEU A 15 0.52 -24.31 21.02
CA LEU A 15 1.15 -25.54 21.47
C LEU A 15 0.04 -26.50 21.84
N ARG A 16 0.12 -27.73 21.35
CA ARG A 16 -0.85 -28.74 21.67
C ARG A 16 -0.15 -30.02 22.11
N GLU A 17 -0.35 -30.34 23.36
CA GLU A 17 0.22 -31.47 24.09
C GLU A 17 -0.23 -32.81 23.50
N ALA A 18 0.61 -33.82 23.72
CA ALA A 18 0.47 -35.21 23.28
C ALA A 18 -0.97 -35.71 23.43
N SER A 19 -1.67 -35.14 24.36
CA SER A 19 -2.99 -35.64 24.70
C SER A 19 -4.01 -35.32 23.66
N SER A 20 -3.60 -34.69 22.59
CA SER A 20 -4.48 -34.28 21.51
C SER A 20 -4.50 -35.26 20.33
N VAL A 21 -3.54 -36.17 20.24
CA VAL A 21 -3.47 -37.17 19.18
C VAL A 21 -3.97 -38.50 19.75
N SER A 22 -4.72 -39.23 18.92
CA SER A 22 -5.35 -40.53 19.23
C SER A 22 -4.49 -41.66 19.77
N GLU A 23 -3.17 -41.53 19.78
CA GLU A 23 -2.22 -42.53 20.28
C GLU A 23 -2.24 -43.70 19.28
N GLU A 24 -3.33 -43.78 18.50
CA GLU A 24 -3.45 -44.79 17.46
C GLU A 24 -2.52 -44.36 16.36
N LEU A 25 -2.43 -43.04 16.23
CA LEU A 25 -1.61 -42.29 15.31
C LEU A 25 -0.17 -42.29 15.82
N HIS A 26 0.04 -42.01 17.13
CA HIS A 26 1.40 -42.01 17.68
C HIS A 26 2.19 -43.24 17.26
N LYS A 27 1.72 -44.43 17.59
CA LYS A 27 2.49 -45.62 17.22
C LYS A 27 2.77 -45.67 15.73
N GLU A 28 1.77 -45.36 14.91
CA GLU A 28 1.95 -45.40 13.46
C GLU A 28 3.04 -44.42 13.00
N VAL A 29 2.97 -43.16 13.43
CA VAL A 29 3.96 -42.17 13.00
C VAL A 29 5.34 -42.39 13.63
N GLN A 30 5.38 -42.93 14.85
CA GLN A 30 6.69 -43.18 15.46
C GLN A 30 7.35 -44.37 14.78
N GLU A 31 6.52 -45.32 14.35
CA GLU A 31 7.04 -46.47 13.63
C GLU A 31 7.48 -46.03 12.26
N ALA A 32 6.79 -45.03 11.70
CA ALA A 32 7.19 -44.53 10.41
C ALA A 32 8.58 -43.89 10.53
N PHE A 33 8.80 -43.08 11.57
CA PHE A 33 10.11 -42.47 11.77
C PHE A 33 11.18 -43.54 11.98
N LEU A 34 10.82 -44.64 12.67
CA LEU A 34 11.79 -45.69 12.95
C LEU A 34 12.13 -46.52 11.72
N THR A 35 11.12 -46.90 10.93
CA THR A 35 11.35 -47.66 9.71
C THR A 35 12.15 -46.80 8.74
N LEU A 36 11.71 -45.54 8.55
CA LEU A 36 12.42 -44.61 7.68
C LEU A 36 13.87 -44.46 8.09
N HIS A 37 14.15 -44.40 9.37
CA HIS A 37 15.52 -44.30 9.87
C HIS A 37 16.33 -45.54 9.66
N LYS A 38 15.75 -46.68 9.95
CA LYS A 38 16.48 -47.93 9.75
C LYS A 38 16.75 -48.22 8.28
N HIS A 39 15.86 -47.92 7.39
CA HIS A 39 16.17 -48.21 6.00
C HIS A 39 17.19 -47.29 5.44
N GLY A 40 17.42 -46.19 6.12
CA GLY A 40 18.36 -45.17 5.69
C GLY A 40 17.89 -44.22 4.60
N CYS A 41 16.68 -43.68 4.77
CA CYS A 41 16.08 -42.71 3.86
C CYS A 41 16.27 -41.29 4.33
N LEU A 42 16.80 -41.10 5.54
CA LEU A 42 17.01 -39.77 6.08
C LEU A 42 18.50 -39.50 5.90
N PHE A 43 18.81 -38.42 5.21
CA PHE A 43 20.17 -38.00 4.94
C PHE A 43 20.31 -36.54 5.32
N ARG A 44 21.53 -36.12 5.51
CA ARG A 44 21.90 -34.77 5.80
C ARG A 44 21.97 -34.02 4.48
N ASP A 45 21.52 -32.78 4.38
CA ASP A 45 21.65 -32.08 3.11
C ASP A 45 22.92 -31.25 3.03
N LEU A 46 23.56 -31.31 1.86
CA LEU A 46 24.78 -30.57 1.54
C LEU A 46 24.42 -29.21 0.94
N VAL A 47 23.94 -28.34 1.81
CA VAL A 47 23.53 -26.98 1.41
C VAL A 47 24.71 -26.09 1.07
N ARG A 48 24.38 -24.97 0.48
CA ARG A 48 25.35 -23.95 0.15
C ARG A 48 24.73 -22.66 0.45
N ILE A 49 24.82 -22.31 1.71
CA ILE A 49 24.29 -21.11 2.32
C ILE A 49 25.14 -19.90 2.14
N LYS A 50 24.80 -19.02 1.21
CA LYS A 50 25.68 -17.86 1.04
C LYS A 50 27.07 -18.08 0.52
N GLY A 51 27.24 -18.94 -0.45
CA GLY A 51 28.58 -19.15 -0.92
C GLY A 51 29.38 -20.17 -0.15
N LYS A 52 28.92 -20.65 0.97
CA LYS A 52 29.67 -21.59 1.75
C LYS A 52 29.08 -22.95 1.64
N ASP A 53 29.85 -24.02 1.67
CA ASP A 53 29.30 -25.31 1.58
C ASP A 53 29.17 -25.83 2.97
N LEU A 54 28.01 -26.32 3.34
CA LEU A 54 27.77 -26.74 4.71
C LEU A 54 26.87 -27.96 4.78
N LEU A 55 27.22 -28.87 5.67
CA LEU A 55 26.44 -30.07 5.93
C LEU A 55 25.45 -29.75 7.03
N THR A 56 24.27 -30.35 6.98
CA THR A 56 23.37 -29.96 8.07
C THR A 56 23.47 -30.95 9.22
N PRO A 57 23.61 -30.46 10.47
CA PRO A 57 23.71 -31.39 11.61
C PRO A 57 22.58 -32.41 11.68
N VAL A 58 21.39 -32.00 11.35
CA VAL A 58 20.19 -32.83 11.36
C VAL A 58 20.07 -33.51 10.01
N SER A 59 19.50 -34.72 9.99
CA SER A 59 19.31 -35.47 8.76
C SER A 59 17.85 -35.48 8.46
N ARG A 60 17.50 -35.26 7.20
CA ARG A 60 16.11 -35.02 6.83
C ARG A 60 15.72 -35.75 5.55
N ILE A 61 14.41 -35.70 5.29
CA ILE A 61 13.78 -36.31 4.12
C ILE A 61 12.53 -35.52 3.79
N LEU A 62 12.41 -35.05 2.56
CA LEU A 62 11.22 -34.30 2.13
C LEU A 62 10.20 -35.28 1.57
N ILE A 63 9.02 -35.29 2.18
CA ILE A 63 7.90 -36.14 1.76
C ILE A 63 6.71 -35.24 1.45
N GLY A 64 5.96 -35.55 0.39
CA GLY A 64 4.81 -34.74 0.09
C GLY A 64 4.17 -35.07 -1.24
N ASN A 65 3.41 -34.11 -1.74
CA ASN A 65 2.71 -34.25 -3.01
C ASN A 65 3.67 -34.65 -4.13
N PRO A 66 3.25 -35.53 -5.03
CA PRO A 66 4.12 -35.94 -6.14
C PRO A 66 4.33 -34.79 -7.11
N GLY A 67 5.59 -34.60 -7.53
CA GLY A 67 5.90 -33.54 -8.45
C GLY A 67 6.25 -32.22 -7.80
N CYS A 68 6.21 -32.15 -6.47
CA CYS A 68 6.49 -30.91 -5.76
C CYS A 68 7.93 -30.91 -5.24
N THR A 69 8.48 -29.71 -5.11
CA THR A 69 9.85 -29.51 -4.64
C THR A 69 9.87 -28.34 -3.67
N TYR A 70 10.90 -28.30 -2.82
CA TYR A 70 11.02 -27.22 -1.86
C TYR A 70 12.46 -26.74 -1.91
N LYS A 71 12.70 -25.50 -2.28
CA LYS A 71 14.06 -25.01 -2.35
C LYS A 71 14.36 -24.30 -1.09
N TYR A 72 15.46 -24.67 -0.47
CA TYR A 72 15.81 -24.07 0.82
C TYR A 72 17.33 -23.94 0.92
N LEU A 73 17.86 -22.72 0.79
CA LEU A 73 19.31 -22.47 0.85
C LEU A 73 20.04 -23.05 -0.37
N ASN A 74 19.58 -22.67 -1.55
CA ASN A 74 20.11 -23.07 -2.84
C ASN A 74 19.98 -24.56 -3.12
N THR A 75 19.49 -25.36 -2.19
CA THR A 75 19.30 -26.76 -2.51
C THR A 75 17.80 -26.97 -2.66
N ARG A 76 17.42 -27.71 -3.67
CA ARG A 76 16.02 -28.01 -3.95
C ARG A 76 15.77 -29.45 -3.56
N LEU A 77 14.94 -29.65 -2.54
CA LEU A 77 14.65 -31.00 -2.13
C LEU A 77 13.45 -31.46 -2.94
N PHE A 78 13.47 -32.73 -3.33
CA PHE A 78 12.41 -33.28 -4.15
C PHE A 78 11.54 -34.17 -3.26
N THR A 79 10.24 -34.07 -3.49
CA THR A 79 9.27 -34.80 -2.69
C THR A 79 9.23 -36.28 -3.04
N VAL A 80 9.26 -37.11 -2.01
CA VAL A 80 9.03 -38.53 -2.23
C VAL A 80 7.51 -38.51 -2.26
N PRO A 81 6.93 -38.91 -3.36
CA PRO A 81 5.50 -38.82 -3.47
C PRO A 81 4.83 -39.55 -2.36
N TRP A 82 3.79 -38.99 -1.76
CA TRP A 82 3.00 -39.73 -0.80
C TRP A 82 1.73 -40.15 -1.49
N PRO A 83 1.06 -41.20 -1.04
CA PRO A 83 -0.05 -41.73 -1.82
C PRO A 83 -1.28 -40.88 -1.76
N VAL A 84 -1.29 -39.89 -2.63
CA VAL A 84 -2.36 -38.97 -2.75
C VAL A 84 -3.29 -39.52 -3.77
N LYS A 85 -4.58 -39.39 -3.54
CA LYS A 85 -5.57 -39.96 -4.42
C LYS A 85 -5.57 -39.50 -5.84
N GLY A 86 -5.68 -40.46 -6.74
CA GLY A 86 -5.69 -40.21 -8.15
C GLY A 86 -4.81 -41.21 -8.88
N ASN A 88 -1.80 -42.63 -7.21
CA ASN A 88 -1.16 -43.91 -7.46
C ASN A 88 0.26 -43.72 -7.96
N ILE A 89 1.22 -44.05 -7.10
CA ILE A 89 2.63 -43.93 -7.40
C ILE A 89 3.40 -45.08 -6.78
N LYS A 90 4.60 -45.33 -7.27
CA LYS A 90 5.36 -46.48 -6.83
C LYS A 90 6.59 -46.17 -6.06
N HIS A 91 6.78 -46.92 -4.98
CA HIS A 91 7.89 -46.81 -4.07
C HIS A 91 8.75 -48.03 -4.13
N THR A 92 9.92 -47.91 -3.58
CA THR A 92 10.86 -49.03 -3.63
C THR A 92 10.32 -50.22 -2.83
N GLU A 93 10.40 -50.15 -1.50
CA GLU A 93 9.90 -51.19 -0.61
C GLU A 93 8.55 -50.77 -0.06
N ALA A 94 7.75 -51.75 0.41
CA ALA A 94 6.42 -51.31 0.81
C ALA A 94 6.39 -50.73 2.22
N GLU A 95 7.51 -50.78 2.94
CA GLU A 95 7.56 -50.18 4.27
C GLU A 95 7.51 -48.68 4.09
N ILE A 96 8.47 -48.18 3.31
CA ILE A 96 8.60 -46.77 2.97
C ILE A 96 7.28 -46.22 2.45
N ALA A 97 6.56 -47.02 1.66
CA ALA A 97 5.28 -46.55 1.13
C ALA A 97 4.22 -46.50 2.21
N ALA A 98 4.33 -47.39 3.21
CA ALA A 98 3.34 -47.36 4.28
C ALA A 98 3.56 -46.10 5.09
N ALA A 99 4.84 -45.80 5.38
CA ALA A 99 5.19 -44.60 6.15
C ALA A 99 4.75 -43.35 5.40
N CYS A 100 5.02 -43.26 4.09
CA CYS A 100 4.58 -42.06 3.37
C CYS A 100 3.06 -41.92 3.43
N GLU A 101 2.35 -43.04 3.58
CA GLU A 101 0.92 -43.05 3.81
C GLU A 101 0.62 -42.47 5.16
N THR A 102 1.37 -42.89 6.15
CA THR A 102 1.19 -42.44 7.53
C THR A 102 1.38 -40.93 7.59
N PHE A 103 2.44 -40.43 7.03
CA PHE A 103 2.66 -39.01 7.09
C PHE A 103 1.62 -38.28 6.33
N LEU A 104 1.03 -38.95 5.40
CA LEU A 104 0.02 -38.26 4.59
C LEU A 104 -1.22 -38.04 5.46
N LYS A 105 -1.55 -39.03 6.28
CA LYS A 105 -2.71 -38.86 7.15
C LYS A 105 -2.35 -37.93 8.30
N LEU A 106 -1.09 -37.95 8.73
CA LEU A 106 -0.66 -37.00 9.76
C LEU A 106 -0.81 -35.59 9.20
N ASN A 107 -0.42 -35.42 7.94
CA ASN A 107 -0.55 -34.12 7.30
C ASN A 107 -2.00 -33.65 7.31
N ASP A 108 -2.92 -34.51 6.85
CA ASP A 108 -4.33 -34.12 6.85
C ASP A 108 -4.81 -33.76 8.27
N TYR A 109 -4.45 -34.57 9.27
CA TYR A 109 -4.86 -34.31 10.64
C TYR A 109 -4.40 -32.93 11.10
N LEU A 110 -3.07 -32.71 11.12
CA LEU A 110 -2.54 -31.41 11.54
C LEU A 110 -3.16 -30.30 10.71
N GLN A 111 -3.46 -30.55 9.47
CA GLN A 111 -4.02 -29.52 8.67
C GLN A 111 -5.34 -29.13 9.28
N ILE A 112 -6.18 -30.09 9.63
CA ILE A 112 -7.46 -29.79 10.25
C ILE A 112 -7.25 -28.97 11.52
N GLU A 113 -6.31 -29.36 12.33
CA GLU A 113 -6.09 -28.65 13.55
C GLU A 113 -5.70 -27.23 13.23
N THR A 114 -4.98 -27.02 12.15
CA THR A 114 -4.52 -25.69 11.77
C THR A 114 -5.70 -24.84 11.37
N ILE A 115 -6.54 -25.34 10.46
CA ILE A 115 -7.70 -24.54 10.05
C ILE A 115 -8.51 -24.17 11.28
N GLN A 116 -8.67 -25.09 12.21
CA GLN A 116 -9.43 -24.74 13.40
C GLN A 116 -8.80 -23.70 14.25
N ALA A 117 -7.57 -23.92 14.65
CA ALA A 117 -6.82 -22.90 15.38
C ALA A 117 -6.78 -21.56 14.66
N LEU A 118 -6.88 -21.59 13.33
CA LEU A 118 -6.85 -20.36 12.56
C LEU A 118 -8.18 -19.65 12.69
N GLU A 119 -9.26 -20.43 12.87
CA GLU A 119 -10.55 -19.81 13.05
C GLU A 119 -10.60 -19.21 14.45
N GLU A 120 -10.06 -19.92 15.40
CA GLU A 120 -10.03 -19.46 16.75
C GLU A 120 -9.25 -18.21 16.81
N LEU A 121 -8.21 -18.13 16.00
CA LEU A 121 -7.43 -16.89 15.99
C LEU A 121 -8.14 -15.72 15.39
N ALA A 122 -8.74 -15.92 14.23
CA ALA A 122 -9.42 -14.78 13.62
C ALA A 122 -10.21 -13.95 14.64
N ALA A 123 -10.67 -14.57 15.73
CA ALA A 123 -11.41 -13.87 16.78
C ALA A 123 -10.43 -12.99 17.55
N LYS A 124 -10.18 -11.81 17.01
CA LYS A 124 -9.26 -10.85 17.62
C LYS A 124 -10.01 -9.63 18.14
N GLU A 154 -12.44 -15.75 4.76
CA GLU A 154 -12.39 -17.14 5.18
C GLU A 154 -11.77 -18.03 4.12
N VAL A 155 -11.86 -17.60 2.88
CA VAL A 155 -11.31 -18.35 1.78
C VAL A 155 -9.81 -18.46 1.84
N ASP A 156 -9.16 -17.41 2.31
CA ASP A 156 -7.72 -17.38 2.36
C ASP A 156 -7.18 -18.47 3.22
N ILE A 157 -7.79 -18.70 4.37
CA ILE A 157 -7.33 -19.69 5.31
C ILE A 157 -7.18 -21.03 4.70
N LYS A 158 -8.27 -21.56 4.22
CA LYS A 158 -8.13 -22.92 3.85
C LYS A 158 -6.87 -23.00 3.07
N SER A 159 -6.60 -22.00 2.25
CA SER A 159 -5.40 -21.98 1.43
C SER A 159 -4.14 -21.94 2.21
N ARG A 160 -4.15 -21.13 3.26
CA ARG A 160 -3.00 -20.97 4.09
C ARG A 160 -2.69 -22.11 4.99
N ALA A 161 -3.61 -23.04 5.11
CA ALA A 161 -3.38 -24.20 5.98
C ALA A 161 -3.31 -25.50 5.17
N ALA A 162 -3.31 -25.41 3.84
CA ALA A 162 -3.27 -26.56 2.95
C ALA A 162 -1.84 -27.04 2.72
N TYR A 163 -1.36 -27.84 3.64
CA TYR A 163 -0.04 -28.32 3.51
C TYR A 163 0.12 -29.15 2.31
N ASN A 164 1.22 -28.98 1.61
CA ASN A 164 1.52 -29.80 0.46
C ASN A 164 2.79 -30.61 0.64
N VAL A 165 3.57 -30.36 1.69
CA VAL A 165 4.81 -31.10 1.93
C VAL A 165 5.10 -31.13 3.43
N THR A 166 6.02 -32.00 3.80
CA THR A 166 6.51 -32.11 5.17
C THR A 166 7.97 -32.49 5.08
N LEU A 167 8.80 -31.77 5.83
CA LEU A 167 10.23 -32.04 5.86
C LEU A 167 10.46 -32.74 7.19
N LEU A 168 10.99 -33.95 7.15
CA LEU A 168 11.25 -34.71 8.36
C LEU A 168 12.69 -34.55 8.79
N ASN A 169 12.92 -34.48 10.09
CA ASN A 169 14.25 -34.31 10.66
C ASN A 169 14.48 -35.30 11.75
N PHE A 170 15.73 -35.59 11.99
CA PHE A 170 16.22 -36.50 13.02
C PHE A 170 17.65 -36.16 13.40
N MET A 171 17.96 -36.43 14.65
CA MET A 171 19.32 -36.21 15.07
C MET A 171 19.47 -37.04 16.33
N ASP A 172 20.72 -37.21 16.72
CA ASP A 172 21.08 -37.96 17.90
C ASP A 172 22.14 -37.09 18.57
N PRO A 173 21.80 -36.43 19.68
CA PRO A 173 22.68 -35.40 20.22
C PRO A 173 23.98 -35.98 20.74
N GLN A 174 24.01 -37.26 21.00
CA GLN A 174 25.21 -37.82 21.55
C GLN A 174 26.12 -38.33 20.46
N LYS A 175 25.88 -37.93 19.24
CA LYS A 175 26.71 -38.39 18.15
C LYS A 175 27.30 -37.19 17.45
N MET A 176 26.87 -36.01 17.80
CA MET A 176 27.44 -34.83 17.18
C MET A 176 28.57 -34.43 18.05
N PRO A 177 29.77 -34.41 17.50
CA PRO A 177 30.93 -34.09 18.34
C PRO A 177 30.85 -32.73 19.01
N TYR A 178 30.19 -31.79 18.32
CA TYR A 178 29.97 -30.45 18.81
C TYR A 178 28.79 -29.74 18.21
N LEU A 179 27.89 -29.22 19.03
CA LEU A 179 26.79 -28.42 18.53
C LEU A 179 27.07 -26.95 18.81
N LYS A 180 26.62 -26.07 17.95
CA LYS A 180 26.78 -24.66 18.19
C LYS A 180 26.03 -24.27 19.44
N GLU A 181 26.28 -23.11 19.96
CA GLU A 181 25.56 -22.65 21.12
C GLU A 181 24.78 -21.37 20.91
N GLU A 182 23.51 -21.38 21.25
CA GLU A 182 22.61 -20.25 21.03
C GLU A 182 23.35 -19.01 21.55
N PRO A 183 23.58 -17.99 20.70
CA PRO A 183 24.34 -16.81 21.10
C PRO A 183 23.60 -15.69 21.82
N TYR A 184 22.34 -15.80 22.24
CA TYR A 184 21.72 -14.64 22.86
C TYR A 184 21.12 -14.86 24.25
N PHE A 185 20.63 -16.07 24.58
CA PHE A 185 19.99 -16.24 25.88
C PHE A 185 20.53 -17.44 26.64
N GLY A 186 21.71 -17.93 26.29
CA GLY A 186 22.32 -19.06 26.96
C GLY A 186 21.39 -20.25 27.04
N MET A 187 20.77 -20.56 25.91
CA MET A 187 19.84 -21.68 25.80
C MET A 187 20.56 -22.98 25.47
N GLY A 188 21.90 -22.97 25.54
CA GLY A 188 22.71 -24.13 25.29
C GLY A 188 22.88 -24.46 23.82
N LYS A 189 23.15 -25.72 23.56
CA LYS A 189 23.37 -26.21 22.25
C LYS A 189 22.13 -26.17 21.41
N MET A 190 22.27 -26.10 20.11
CA MET A 190 21.13 -26.07 19.21
C MET A 190 21.42 -26.89 17.97
N ALA A 191 20.41 -27.64 17.53
CA ALA A 191 20.52 -28.52 16.36
C ALA A 191 20.21 -27.81 15.05
N VAL A 192 19.65 -26.61 15.12
CA VAL A 192 19.28 -25.81 13.95
C VAL A 192 19.28 -24.36 14.43
N SER A 193 20.23 -23.58 13.93
CA SER A 193 20.39 -22.22 14.32
C SER A 193 19.37 -21.23 13.80
N TRP A 194 19.22 -20.14 14.50
CA TRP A 194 18.19 -19.14 14.22
C TRP A 194 18.01 -18.97 12.72
N HIS A 195 16.79 -19.18 12.25
CA HIS A 195 16.51 -19.05 10.83
C HIS A 195 15.03 -18.81 10.63
N HIS A 196 14.64 -18.75 9.36
CA HIS A 196 13.26 -18.60 8.94
C HIS A 196 12.91 -19.77 8.03
N ASP A 197 11.65 -20.22 8.09
CA ASP A 197 11.24 -21.26 7.15
C ASP A 197 10.93 -20.52 5.87
N GLU A 198 11.59 -20.97 4.83
CA GLU A 198 11.61 -20.39 3.51
C GLU A 198 10.86 -21.05 2.43
N ASN A 199 10.59 -20.33 1.36
CA ASN A 199 9.86 -20.91 0.23
C ASN A 199 8.42 -21.27 0.63
N LEU A 200 7.77 -20.39 1.42
CA LEU A 200 6.39 -20.58 1.86
C LEU A 200 5.44 -19.52 1.31
N VAL A 201 4.18 -19.94 1.12
CA VAL A 201 3.14 -19.03 0.69
C VAL A 201 3.00 -17.99 1.79
N ASP A 202 2.78 -16.74 1.39
CA ASP A 202 2.62 -15.64 2.34
C ASP A 202 1.63 -15.95 3.46
N ARG A 203 2.07 -15.71 4.67
CA ARG A 203 1.27 -15.80 5.87
C ARG A 203 0.81 -17.17 6.21
N SER A 204 1.37 -18.15 5.54
CA SER A 204 1.07 -19.57 5.75
C SER A 204 1.57 -20.16 7.05
N ALA A 205 0.78 -21.02 7.68
CA ALA A 205 1.13 -21.65 8.93
C ALA A 205 2.03 -22.87 8.69
N VAL A 206 2.64 -23.35 9.76
CA VAL A 206 3.52 -24.51 9.76
C VAL A 206 3.21 -25.34 11.00
N ALA A 207 3.10 -26.66 10.84
CA ALA A 207 2.77 -27.54 11.95
C ALA A 207 3.94 -28.50 12.17
N VAL A 208 4.34 -28.71 13.42
CA VAL A 208 5.46 -29.58 13.72
C VAL A 208 5.09 -30.63 14.74
N TYR A 209 5.38 -31.89 14.43
CA TYR A 209 5.18 -33.03 15.33
C TYR A 209 6.55 -33.44 15.83
N SER A 210 6.76 -33.36 17.14
CA SER A 210 8.03 -33.70 17.78
C SER A 210 8.00 -35.10 18.35
N TYR A 211 9.04 -35.88 18.06
CA TYR A 211 9.17 -37.26 18.55
C TYR A 211 10.48 -37.48 19.30
N SER A 212 10.47 -37.19 20.60
CA SER A 212 11.64 -37.41 21.44
C SER A 212 11.51 -38.85 21.92
N CYS A 213 12.51 -39.64 21.52
CA CYS A 213 12.66 -41.05 21.82
C CYS A 213 12.75 -41.41 23.27
N GLU A 214 12.27 -42.62 23.59
CA GLU A 214 12.05 -43.07 24.95
C GLU A 214 13.09 -44.09 25.37
N ASP A 232 18.28 -31.59 29.43
CA ASP A 232 18.32 -32.94 28.87
C ASP A 232 17.08 -33.20 28.03
N ILE A 233 16.25 -32.18 27.90
CA ILE A 233 15.01 -32.25 27.14
C ILE A 233 15.10 -31.23 26.01
N TRP A 234 14.50 -31.59 24.88
CA TRP A 234 14.47 -30.76 23.70
C TRP A 234 13.48 -29.61 23.81
N HIS A 235 13.84 -28.48 23.19
CA HIS A 235 13.00 -27.30 23.21
C HIS A 235 13.07 -26.68 21.84
N VAL A 236 12.09 -25.83 21.52
CA VAL A 236 12.14 -25.07 20.29
C VAL A 236 12.22 -23.61 20.69
N GLY A 237 13.16 -22.88 20.11
CA GLY A 237 13.34 -21.48 20.44
C GLY A 237 12.64 -20.58 19.44
N PHE A 238 12.19 -19.44 19.97
CA PHE A 238 11.54 -18.43 19.18
C PHE A 238 12.01 -17.06 19.62
N LYS A 239 12.23 -16.16 18.68
CA LYS A 239 12.66 -14.81 18.99
C LYS A 239 12.25 -13.86 17.91
N ILE A 240 12.15 -12.60 18.26
CA ILE A 240 11.80 -11.58 17.30
C ILE A 240 12.96 -11.48 16.35
N SER A 241 12.72 -11.32 15.07
CA SER A 241 13.80 -11.39 14.13
C SER A 241 14.93 -10.44 14.28
N TRP A 242 14.71 -9.16 14.52
CA TRP A 242 15.84 -8.24 14.63
C TRP A 242 16.28 -7.78 16.00
N ASP A 243 15.47 -7.97 17.01
CA ASP A 243 15.88 -7.54 18.33
C ASP A 243 16.82 -8.56 18.90
N ILE A 244 17.75 -8.05 19.68
CA ILE A 244 18.74 -8.82 20.42
C ILE A 244 18.64 -8.62 21.94
N GLU A 245 17.82 -7.69 22.41
CA GLU A 245 17.69 -7.46 23.84
C GLU A 245 16.38 -7.97 24.41
N THR A 246 15.54 -8.62 23.61
CA THR A 246 14.30 -9.21 24.13
C THR A 246 14.47 -10.71 24.36
N PRO A 247 14.39 -11.17 25.61
CA PRO A 247 14.53 -12.60 25.90
C PRO A 247 13.70 -13.51 25.01
N GLY A 248 14.37 -14.50 24.41
CA GLY A 248 13.70 -15.44 23.54
C GLY A 248 12.94 -16.51 24.30
N LEU A 249 11.99 -17.15 23.61
CA LEU A 249 11.16 -18.19 24.19
C LEU A 249 11.68 -19.59 23.85
N ALA A 250 11.82 -20.43 24.87
CA ALA A 250 12.25 -21.82 24.69
C ALA A 250 11.08 -22.67 25.18
N ILE A 251 10.27 -23.25 24.30
CA ILE A 251 9.17 -24.01 24.83
C ILE A 251 9.38 -25.49 24.72
N PRO A 252 9.33 -26.17 25.84
CA PRO A 252 9.62 -27.60 25.98
C PRO A 252 8.82 -28.49 25.04
N LEU A 253 9.52 -29.47 24.47
CA LEU A 253 8.92 -30.44 23.54
C LEU A 253 9.14 -31.83 24.11
N HIS A 254 8.04 -32.48 24.50
CA HIS A 254 8.02 -33.82 25.08
C HIS A 254 7.49 -34.80 24.03
N GLN A 255 7.82 -36.08 24.20
CA GLN A 255 7.38 -37.12 23.27
C GLN A 255 5.89 -37.01 22.95
N GLY A 256 5.57 -36.60 21.73
CA GLY A 256 4.20 -36.49 21.30
C GLY A 256 3.65 -35.08 21.21
N ASP A 257 4.40 -34.08 21.66
CA ASP A 257 3.92 -32.72 21.59
C ASP A 257 4.01 -32.19 20.17
N CYS A 258 3.08 -31.30 19.83
CA CYS A 258 3.04 -30.69 18.52
C CYS A 258 2.93 -29.18 18.71
N TYR A 259 3.63 -28.40 17.90
CA TYR A 259 3.50 -26.96 18.01
C TYR A 259 3.27 -26.39 16.63
N PHE A 260 2.52 -25.30 16.58
CA PHE A 260 2.14 -24.64 15.34
C PHE A 260 2.57 -23.19 15.35
N MET A 261 2.98 -22.72 14.17
CA MET A 261 3.35 -21.34 13.92
C MET A 261 2.31 -20.84 12.93
N LEU A 262 1.57 -19.81 13.31
CA LEU A 262 0.47 -19.33 12.49
C LEU A 262 0.71 -17.91 11.98
N ASP A 263 0.12 -17.64 10.84
CA ASP A 263 0.18 -16.33 10.23
C ASP A 263 1.60 -15.93 10.00
N ASP A 264 1.85 -14.65 10.25
CA ASP A 264 3.13 -14.08 9.97
C ASP A 264 4.08 -14.15 11.12
N LEU A 265 3.97 -15.18 11.89
CA LEU A 265 4.96 -15.40 12.95
C LEU A 265 6.31 -15.79 12.36
N ASN A 266 6.33 -16.74 11.42
CA ASN A 266 7.59 -17.15 10.81
C ASN A 266 8.30 -15.99 10.12
N ALA A 267 7.57 -14.95 9.72
CA ALA A 267 8.17 -13.81 9.06
C ALA A 267 8.61 -12.73 10.05
N THR A 268 7.88 -12.57 11.15
CA THR A 268 8.23 -11.56 12.13
C THR A 268 9.27 -12.08 13.12
N HIS A 269 9.28 -13.39 13.36
CA HIS A 269 10.19 -14.03 14.29
C HIS A 269 11.07 -15.05 13.58
N LYS A 270 12.14 -15.38 14.27
CA LYS A 270 13.08 -16.38 13.89
C LYS A 270 13.00 -17.48 14.95
N HIS A 271 13.36 -18.69 14.60
CA HIS A 271 13.25 -19.81 15.52
C HIS A 271 14.43 -20.74 15.36
N CYS A 272 14.65 -21.55 16.40
CA CYS A 272 15.73 -22.53 16.41
C CYS A 272 15.20 -23.78 17.09
N VAL A 273 16.05 -24.80 17.22
CA VAL A 273 15.66 -26.04 17.87
C VAL A 273 16.75 -26.40 18.87
N LEU A 274 16.52 -26.10 20.14
CA LEU A 274 17.46 -26.43 21.19
C LEU A 274 17.47 -27.94 21.40
N ALA A 275 18.67 -28.50 21.51
CA ALA A 275 18.85 -29.93 21.66
C ALA A 275 18.68 -30.43 23.10
N GLY A 276 18.23 -31.66 23.21
CA GLY A 276 18.03 -32.38 24.45
C GLY A 276 19.15 -33.37 24.69
N SER A 277 18.84 -34.46 25.42
CA SER A 277 19.83 -35.48 25.72
C SER A 277 19.62 -36.77 24.94
N GLN A 278 18.39 -37.03 24.50
CA GLN A 278 18.01 -38.20 23.73
C GLN A 278 17.91 -37.80 22.26
N PRO A 279 17.73 -38.77 21.37
CA PRO A 279 17.61 -38.42 19.96
C PRO A 279 16.19 -37.97 19.69
N ARG A 280 15.97 -37.23 18.63
CA ARG A 280 14.66 -36.71 18.37
C ARG A 280 14.32 -36.57 16.91
N PHE A 281 13.12 -37.02 16.53
CA PHE A 281 12.54 -37.01 15.21
C PHE A 281 11.58 -35.83 15.19
N SER A 282 11.06 -35.53 14.01
CA SER A 282 10.10 -34.44 13.88
C SER A 282 9.64 -34.32 12.45
N SER A 283 8.39 -33.98 12.26
CA SER A 283 7.85 -33.80 10.91
C SER A 283 7.30 -32.38 10.86
N THR A 284 7.94 -31.55 10.06
CA THR A 284 7.54 -30.16 9.91
C THR A 284 6.71 -30.06 8.63
N HIS A 285 5.39 -30.03 8.81
CA HIS A 285 4.48 -29.92 7.69
C HIS A 285 4.37 -28.47 7.28
N ARG A 286 4.51 -28.21 6.01
CA ARG A 286 4.46 -26.89 5.45
C ARG A 286 3.67 -26.86 4.18
N VAL A 287 3.35 -25.67 3.73
CA VAL A 287 2.68 -25.45 2.47
C VAL A 287 3.69 -24.70 1.61
N ALA A 288 4.56 -25.45 0.97
CA ALA A 288 5.60 -24.85 0.15
C ALA A 288 5.00 -24.10 -1.01
N GLU A 289 5.48 -22.89 -1.24
CA GLU A 289 5.00 -22.11 -2.37
C GLU A 289 5.66 -22.78 -3.56
N CYS A 290 4.88 -23.50 -4.35
CA CYS A 290 5.48 -24.26 -5.44
C CYS A 290 5.10 -23.75 -6.81
N SER A 291 4.79 -22.45 -6.94
CA SER A 291 4.60 -21.96 -8.28
C SER A 291 6.00 -21.96 -8.86
N THR A 292 6.13 -22.13 -10.17
CA THR A 292 7.47 -22.20 -10.76
C THR A 292 8.34 -23.24 -10.06
N GLY A 293 7.72 -24.13 -9.28
CA GLY A 293 8.40 -25.15 -8.52
C GLY A 293 7.92 -26.58 -8.67
N THR A 294 7.06 -26.86 -9.66
CA THR A 294 6.57 -28.21 -9.86
C THR A 294 7.00 -28.74 -11.22
N LEU A 295 6.93 -30.06 -11.36
CA LEU A 295 7.28 -30.72 -12.62
C LEU A 295 6.40 -30.23 -13.77
N ASP A 296 5.12 -29.98 -13.49
CA ASP A 296 4.22 -29.50 -14.52
C ASP A 296 4.65 -28.14 -15.03
N TYR A 297 5.03 -27.25 -14.11
CA TYR A 297 5.49 -25.92 -14.47
C TYR A 297 6.71 -25.97 -15.37
N ILE A 298 7.73 -26.72 -14.96
CA ILE A 298 8.95 -26.75 -15.76
C ILE A 298 8.72 -27.44 -17.10
N LEU A 299 7.87 -28.46 -17.14
CA LEU A 299 7.57 -29.09 -18.42
C LEU A 299 6.91 -28.09 -19.36
N GLN A 300 5.83 -27.45 -18.89
CA GLN A 300 5.17 -26.44 -19.72
C GLN A 300 6.14 -25.37 -20.18
N ARG A 301 7.03 -24.93 -19.32
CA ARG A 301 7.89 -23.91 -19.83
C ARG A 301 8.65 -24.51 -20.95
N CYS A 302 9.21 -25.67 -20.71
CA CYS A 302 10.04 -26.23 -21.77
C CYS A 302 9.27 -26.19 -23.08
N GLN A 303 8.05 -26.65 -23.08
CA GLN A 303 7.34 -26.67 -24.33
C GLN A 303 7.19 -25.27 -24.86
N LEU A 304 7.17 -24.30 -23.96
CA LEU A 304 7.04 -22.90 -24.36
C LEU A 304 8.31 -22.42 -25.05
N ALA A 305 9.47 -22.81 -24.52
CA ALA A 305 10.70 -22.38 -25.17
C ALA A 305 10.86 -23.12 -26.49
N LEU A 306 10.56 -24.42 -26.49
CA LEU A 306 10.66 -25.21 -27.71
C LEU A 306 9.59 -24.87 -28.73
N GLN A 307 8.67 -23.95 -28.42
CA GLN A 307 7.71 -23.60 -29.47
C GLN A 307 8.34 -22.78 -30.58
N ASN A 308 9.55 -22.27 -30.37
CA ASN A 308 10.25 -21.45 -31.36
C ASN A 308 11.29 -22.31 -32.09
N VAL A 309 10.88 -23.43 -32.63
CA VAL A 309 11.83 -24.21 -33.35
C VAL A 309 10.92 -25.11 -34.08
N CYS A 310 11.16 -25.28 -35.35
CA CYS A 310 10.43 -26.25 -36.13
C CYS A 310 10.83 -27.69 -35.94
N VAL A 318 19.14 -27.72 -36.21
CA VAL A 318 18.12 -27.09 -35.37
C VAL A 318 17.87 -25.67 -35.86
N SER A 319 16.64 -25.38 -36.27
CA SER A 319 16.27 -24.05 -36.75
C SER A 319 15.12 -23.44 -35.95
N LEU A 320 15.29 -22.17 -35.60
CA LEU A 320 14.33 -21.40 -34.81
C LEU A 320 13.40 -20.62 -35.75
N LYS A 321 12.12 -20.55 -35.37
CA LYS A 321 11.14 -19.85 -36.17
C LYS A 321 11.33 -18.34 -36.18
N SER A 322 12.03 -17.79 -35.20
CA SER A 322 12.27 -16.35 -35.20
C SER A 322 13.38 -15.99 -34.22
N PHE A 323 13.97 -14.83 -34.44
CA PHE A 323 15.06 -14.31 -33.62
C PHE A 323 14.73 -12.97 -32.96
N GLU A 324 13.47 -12.76 -32.59
CA GLU A 324 13.12 -11.51 -31.92
C GLU A 324 13.79 -11.51 -30.55
N PRO A 325 14.75 -10.59 -30.29
CA PRO A 325 15.46 -10.54 -29.00
C PRO A 325 14.69 -10.87 -27.72
N ALA A 326 13.41 -10.54 -27.63
CA ALA A 326 12.66 -10.82 -26.41
C ALA A 326 12.38 -12.31 -26.26
N VAL A 327 11.91 -12.95 -27.34
CA VAL A 327 11.62 -14.38 -27.27
C VAL A 327 12.91 -15.16 -27.08
N LEU A 328 14.01 -14.70 -27.66
CA LEU A 328 15.27 -15.41 -27.46
C LEU A 328 15.73 -15.25 -26.01
N LYS A 329 15.52 -14.05 -25.44
CA LYS A 329 15.86 -13.85 -24.03
C LYS A 329 15.15 -14.91 -23.19
N GLN A 330 13.86 -14.98 -23.35
CA GLN A 330 13.13 -15.90 -22.55
C GLN A 330 13.67 -17.27 -22.81
N GLY A 331 13.91 -17.56 -24.03
CA GLY A 331 14.33 -18.92 -24.37
C GLY A 331 15.59 -19.33 -23.66
N GLU A 332 16.60 -18.46 -23.64
CA GLU A 332 17.84 -18.83 -22.97
C GLU A 332 17.67 -18.81 -21.46
N GLU A 333 16.79 -17.96 -20.94
CA GLU A 333 16.56 -17.96 -19.50
C GLU A 333 15.86 -19.25 -19.08
N ILE A 334 14.83 -19.67 -19.82
CA ILE A 334 14.17 -20.94 -19.48
C ILE A 334 15.19 -22.05 -19.59
N HIS A 335 16.14 -21.88 -20.48
CA HIS A 335 17.17 -22.86 -20.70
C HIS A 335 17.96 -22.97 -19.44
N ASN A 336 18.37 -21.84 -18.89
CA ASN A 336 19.12 -21.78 -17.64
C ASN A 336 18.30 -22.34 -16.48
N GLU A 337 17.02 -21.97 -16.40
CA GLU A 337 16.16 -22.43 -15.33
C GLU A 337 16.07 -23.95 -15.26
N VAL A 338 15.78 -24.59 -16.40
CA VAL A 338 15.69 -26.05 -16.34
C VAL A 338 17.07 -26.67 -16.11
N GLU A 339 18.12 -26.03 -16.59
CA GLU A 339 19.43 -26.60 -16.37
C GLU A 339 19.96 -26.57 -14.98
N PHE A 340 19.95 -25.40 -14.37
CA PHE A 340 20.50 -25.24 -13.02
C PHE A 340 19.49 -25.34 -11.89
N GLU A 341 18.22 -25.10 -12.16
CA GLU A 341 17.26 -25.16 -11.07
C GLU A 341 16.67 -26.55 -10.91
N TRP A 342 16.81 -27.42 -11.92
CA TRP A 342 16.26 -28.77 -11.86
C TRP A 342 17.25 -29.90 -12.13
N LEU A 343 17.88 -29.92 -13.32
CA LEU A 343 18.80 -31.00 -13.68
C LEU A 343 20.02 -31.07 -12.76
N ARG A 344 20.79 -30.02 -12.69
CA ARG A 344 21.94 -30.11 -11.84
C ARG A 344 21.51 -30.30 -10.42
N GLN A 345 20.48 -29.67 -9.95
CA GLN A 345 20.25 -29.99 -8.57
C GLN A 345 19.91 -31.41 -8.41
N PHE A 346 19.00 -31.89 -9.18
CA PHE A 346 18.65 -33.28 -8.93
C PHE A 346 19.89 -34.17 -8.94
N TRP A 347 20.71 -34.01 -9.94
CA TRP A 347 21.84 -34.87 -9.96
C TRP A 347 22.69 -34.62 -8.77
N PHE A 348 22.80 -33.37 -8.36
CA PHE A 348 23.65 -33.08 -7.23
C PHE A 348 23.20 -33.77 -5.98
N GLN A 349 21.93 -33.70 -5.60
CA GLN A 349 21.51 -34.35 -4.36
C GLN A 349 20.27 -35.24 -4.30
N GLY A 350 19.44 -35.16 -5.32
CA GLY A 350 18.22 -35.93 -5.40
C GLY A 350 18.33 -37.42 -5.52
N ASN A 351 19.39 -37.84 -6.17
CA ASN A 351 19.60 -39.24 -6.46
C ASN A 351 19.66 -40.17 -5.28
N ARG A 352 19.91 -39.63 -4.12
CA ARG A 352 19.92 -40.37 -2.89
C ARG A 352 18.51 -40.84 -2.62
N TYR A 353 17.53 -40.03 -2.95
CA TYR A 353 16.17 -40.41 -2.77
C TYR A 353 15.91 -41.64 -3.61
N ARG A 354 16.67 -41.86 -4.67
CA ARG A 354 16.44 -43.04 -5.52
C ARG A 354 16.36 -44.31 -4.70
N LYS A 355 16.92 -44.28 -3.49
CA LYS A 355 16.92 -45.43 -2.59
C LYS A 355 15.57 -45.65 -1.94
N CYS A 356 14.70 -44.67 -2.11
CA CYS A 356 13.35 -44.65 -1.57
C CYS A 356 12.21 -44.59 -2.58
N THR A 357 12.45 -44.08 -3.77
CA THR A 357 11.44 -43.92 -4.81
C THR A 357 12.13 -43.69 -6.16
N ASP A 358 11.42 -44.17 -7.17
CA ASP A 358 11.72 -44.14 -8.59
C ASP A 358 10.97 -43.08 -9.31
N TRP A 359 10.24 -42.24 -8.62
CA TRP A 359 9.42 -41.27 -9.29
C TRP A 359 10.14 -40.34 -10.15
N TRP A 360 11.30 -39.90 -9.75
CA TRP A 360 11.98 -38.90 -10.53
C TRP A 360 12.88 -39.35 -11.62
N CYS A 361 12.95 -40.63 -11.85
CA CYS A 361 13.89 -41.16 -12.83
C CYS A 361 13.54 -40.75 -14.27
N GLN A 362 12.30 -41.00 -14.72
CA GLN A 362 11.94 -40.69 -16.10
C GLN A 362 11.73 -39.19 -16.37
N PRO A 363 11.12 -38.42 -15.47
CA PRO A 363 10.95 -36.99 -15.76
C PRO A 363 12.26 -36.24 -15.82
N MET A 364 13.24 -36.64 -15.05
CA MET A 364 14.49 -35.95 -15.11
C MET A 364 15.13 -36.18 -16.47
N ALA A 365 14.98 -37.39 -16.97
CA ALA A 365 15.58 -37.78 -18.23
C ALA A 365 14.90 -37.05 -19.37
N GLN A 366 13.61 -36.83 -19.21
CA GLN A 366 12.91 -36.07 -20.20
C GLN A 366 13.43 -34.64 -20.17
N LEU A 367 13.56 -34.08 -18.97
CA LEU A 367 14.04 -32.72 -18.83
C LEU A 367 15.44 -32.60 -19.40
N GLU A 368 16.19 -33.71 -19.38
CA GLU A 368 17.54 -33.66 -19.94
C GLU A 368 17.47 -33.62 -21.46
N ALA A 369 16.59 -34.42 -22.05
CA ALA A 369 16.42 -34.39 -23.50
C ALA A 369 15.99 -32.99 -23.95
N LEU A 370 14.99 -32.43 -23.26
CA LEU A 370 14.49 -31.08 -23.54
C LEU A 370 15.64 -30.08 -23.47
N TRP A 371 16.45 -30.20 -22.42
CA TRP A 371 17.60 -29.32 -22.26
C TRP A 371 18.53 -29.45 -23.45
N LYS A 372 18.84 -30.68 -23.86
CA LYS A 372 19.71 -30.86 -25.02
C LYS A 372 19.17 -30.12 -26.24
N LYS A 373 17.84 -30.20 -26.46
CA LYS A 373 17.26 -29.47 -27.59
C LYS A 373 17.48 -27.97 -27.45
N MET A 374 17.38 -27.45 -26.25
CA MET A 374 17.65 -26.03 -26.16
C MET A 374 19.11 -25.81 -26.51
N GLU A 375 19.98 -26.68 -26.02
CA GLU A 375 21.38 -26.45 -26.34
C GLU A 375 21.51 -26.30 -27.85
N GLY A 376 20.73 -27.09 -28.59
CA GLY A 376 20.76 -26.98 -30.04
C GLY A 376 20.20 -25.66 -30.55
N VAL A 377 19.27 -25.06 -29.78
CA VAL A 377 18.76 -23.77 -30.25
C VAL A 377 19.78 -22.70 -29.91
N THR A 378 20.50 -22.89 -28.81
CA THR A 378 21.55 -21.94 -28.43
C THR A 378 22.59 -21.94 -29.53
N ASN A 379 23.05 -23.13 -29.92
CA ASN A 379 24.03 -23.22 -30.99
C ASN A 379 23.50 -22.55 -32.26
N ALA A 380 22.20 -22.73 -32.54
CA ALA A 380 21.61 -22.11 -33.72
C ALA A 380 21.72 -20.58 -33.67
N VAL A 381 21.19 -19.95 -32.61
CA VAL A 381 21.25 -18.49 -32.50
C VAL A 381 22.71 -18.03 -32.55
N LEU A 382 23.61 -18.81 -31.95
CA LEU A 382 25.03 -18.45 -31.97
C LEU A 382 25.55 -18.46 -33.40
N HIS A 383 25.00 -19.34 -34.23
CA HIS A 383 25.40 -19.40 -35.62
C HIS A 383 24.80 -18.22 -36.38
N GLU A 384 23.65 -17.73 -35.92
CA GLU A 384 23.00 -16.60 -36.57
C GLU A 384 23.72 -15.28 -36.28
N VAL A 385 24.30 -15.10 -35.13
CA VAL A 385 25.12 -13.90 -35.11
C VAL A 385 26.44 -14.15 -35.88
N LYS A 386 26.67 -15.39 -36.34
CA LYS A 386 27.85 -15.79 -37.05
C LYS A 386 29.07 -15.36 -36.30
N GLN A 394 25.09 -4.79 -37.37
CA GLN A 394 23.83 -4.12 -37.62
C GLN A 394 22.86 -4.24 -36.47
N ARG A 395 22.09 -5.31 -36.49
CA ARG A 395 21.13 -5.59 -35.47
C ARG A 395 21.74 -6.55 -34.51
N ASN A 396 22.20 -5.98 -33.43
CA ASN A 396 22.80 -6.72 -32.33
C ASN A 396 21.96 -6.56 -31.09
N GLU A 397 20.64 -6.46 -31.25
CA GLU A 397 19.74 -6.38 -30.10
C GLU A 397 19.58 -7.77 -29.54
N ILE A 398 19.97 -8.78 -30.30
CA ILE A 398 19.90 -10.15 -29.85
C ILE A 398 21.14 -10.41 -29.00
N LEU A 399 22.23 -9.72 -29.34
CA LEU A 399 23.49 -9.81 -28.62
C LEU A 399 23.35 -9.17 -27.25
N THR A 400 22.65 -8.04 -27.18
CA THR A 400 22.41 -7.33 -25.93
C THR A 400 21.11 -7.79 -25.28
N ALA A 401 20.72 -9.04 -25.57
CA ALA A 401 19.54 -9.68 -25.04
C ALA A 401 19.79 -11.10 -24.54
N ILE A 402 20.98 -11.67 -24.77
CA ILE A 402 21.26 -13.04 -24.33
C ILE A 402 22.63 -13.18 -23.67
N LEU A 403 23.47 -12.15 -23.72
CA LEU A 403 24.80 -12.27 -23.12
C LEU A 403 24.73 -12.45 -21.61
N ALA A 404 23.79 -11.78 -20.95
CA ALA A 404 23.64 -11.90 -19.50
C ALA A 404 23.23 -13.31 -19.11
N SER A 405 22.32 -13.92 -19.86
CA SER A 405 21.89 -15.27 -19.52
C SER A 405 22.99 -16.29 -19.78
N LEU A 406 23.88 -16.02 -20.76
CA LEU A 406 24.94 -16.98 -21.03
C LEU A 406 26.08 -16.85 -20.02
N THR A 407 26.40 -15.61 -19.60
CA THR A 407 27.46 -15.46 -18.62
C THR A 407 26.96 -15.99 -17.28
N ALA A 408 25.67 -15.81 -17.00
CA ALA A 408 25.10 -16.32 -15.77
C ALA A 408 25.16 -17.84 -15.81
N ARG A 409 24.82 -18.42 -16.97
CA ARG A 409 24.89 -19.88 -17.10
C ARG A 409 26.31 -20.37 -16.88
N GLN A 410 27.30 -19.55 -17.22
CA GLN A 410 28.70 -19.93 -17.04
C GLN A 410 29.06 -19.94 -15.56
N ASN A 411 28.76 -18.83 -14.88
CA ASN A 411 29.08 -18.75 -13.46
C ASN A 411 28.36 -19.86 -12.72
N LEU A 412 27.04 -19.97 -12.88
CA LEU A 412 26.31 -21.03 -12.21
C LEU A 412 26.92 -22.39 -12.53
N ARG A 413 27.54 -22.54 -13.72
CA ARG A 413 28.15 -23.83 -14.05
C ARG A 413 29.41 -24.04 -13.22
N ARG A 414 30.18 -23.00 -12.98
CA ARG A 414 31.33 -23.16 -12.12
C ARG A 414 30.92 -23.41 -10.69
N GLU A 415 29.91 -22.71 -10.23
CA GLU A 415 29.46 -22.87 -8.87
C GLU A 415 29.02 -24.26 -8.58
N TRP A 416 28.21 -24.82 -9.46
CA TRP A 416 27.79 -26.20 -9.25
C TRP A 416 28.94 -27.18 -9.41
N HIS A 417 29.81 -26.92 -10.36
CA HIS A 417 30.93 -27.80 -10.59
C HIS A 417 31.81 -27.85 -9.39
N ALA A 418 31.88 -26.74 -8.69
CA ALA A 418 32.66 -26.61 -7.47
C ALA A 418 31.98 -27.36 -6.32
N ARG A 419 30.73 -27.11 -6.14
CA ARG A 419 30.07 -27.68 -5.01
C ARG A 419 30.24 -29.17 -5.10
N CYS A 420 30.30 -29.68 -6.31
CA CYS A 420 30.32 -31.12 -6.54
C CYS A 420 31.65 -31.68 -6.06
N GLN A 421 32.76 -31.13 -6.55
CA GLN A 421 34.09 -31.57 -6.13
C GLN A 421 34.63 -30.70 -4.99
N SER A 422 33.88 -30.56 -3.90
CA SER A 422 34.30 -29.75 -2.77
C SER A 422 34.78 -30.65 -1.64
N ARG A 423 35.58 -30.08 -0.74
CA ARG A 423 36.14 -30.84 0.36
C ARG A 423 35.06 -31.56 1.17
N ILE A 424 34.04 -30.82 1.61
CA ILE A 424 32.98 -31.47 2.37
C ILE A 424 32.27 -32.49 1.50
N ALA A 425 32.12 -32.33 0.23
CA ALA A 425 31.29 -33.23 -0.48
C ALA A 425 31.78 -34.62 -0.59
N ARG A 426 33.00 -34.82 -0.16
CA ARG A 426 33.67 -36.10 -0.19
C ARG A 426 33.59 -36.76 1.11
N THR A 427 32.80 -36.26 2.02
CA THR A 427 32.78 -36.84 3.31
C THR A 427 31.61 -37.69 3.50
N LEU A 428 30.91 -38.03 2.44
CA LEU A 428 29.73 -38.80 2.65
C LEU A 428 29.70 -39.99 1.80
N PRO A 429 28.77 -40.88 2.06
CA PRO A 429 28.61 -42.15 1.46
C PRO A 429 28.52 -42.12 0.00
N ALA A 430 28.95 -43.21 -0.51
CA ALA A 430 29.13 -43.39 -1.92
C ALA A 430 27.95 -43.11 -2.75
N ASP A 431 26.81 -43.50 -2.22
CA ASP A 431 25.49 -43.37 -2.83
C ASP A 431 24.88 -42.02 -2.82
N GLN A 432 25.48 -41.17 -2.03
CA GLN A 432 25.04 -39.80 -1.79
C GLN A 432 25.92 -38.76 -2.46
N LYS A 433 27.19 -39.07 -2.74
CA LYS A 433 28.08 -38.08 -3.34
C LYS A 433 27.46 -37.47 -4.60
N PRO A 434 27.44 -36.15 -4.71
CA PRO A 434 26.86 -35.47 -5.88
C PRO A 434 27.54 -35.77 -7.22
N GLU A 435 26.72 -35.83 -8.26
CA GLU A 435 27.17 -36.07 -9.63
C GLU A 435 26.94 -34.74 -10.37
N CYS A 436 27.93 -34.33 -11.16
CA CYS A 436 27.80 -33.06 -11.89
C CYS A 436 27.20 -33.22 -13.28
N ARG A 437 26.13 -33.97 -13.39
CA ARG A 437 25.43 -34.11 -14.66
C ARG A 437 24.58 -32.89 -14.89
N PRO A 438 24.36 -32.41 -16.10
CA PRO A 438 25.03 -32.81 -17.35
C PRO A 438 26.46 -32.32 -17.45
N TYR A 439 27.38 -33.22 -17.75
CA TYR A 439 28.79 -32.88 -17.89
C TYR A 439 29.34 -33.52 -19.14
N TRP A 440 30.21 -32.81 -19.86
CA TRP A 440 30.79 -33.42 -21.04
C TRP A 440 32.08 -32.72 -21.45
N GLU A 441 33.05 -33.54 -21.84
CA GLU A 441 34.36 -33.13 -22.31
C GLU A 441 34.30 -32.64 -23.74
N LYS A 442 35.15 -31.67 -24.07
CA LYS A 442 35.21 -31.10 -25.41
C LYS A 442 35.19 -32.14 -26.52
N ASP A 443 35.60 -33.38 -26.26
CA ASP A 443 35.61 -34.37 -27.32
C ASP A 443 34.26 -35.02 -27.59
N ASP A 444 33.18 -34.60 -26.95
CA ASP A 444 31.89 -35.22 -27.24
C ASP A 444 31.32 -34.61 -28.52
N ALA A 445 30.90 -35.47 -29.46
CA ALA A 445 30.37 -34.96 -30.73
C ALA A 445 28.88 -34.66 -30.63
N SER A 446 28.16 -35.47 -29.85
CA SER A 446 26.72 -35.34 -29.66
C SER A 446 26.31 -34.00 -29.08
N MET A 447 27.23 -33.33 -28.40
CA MET A 447 26.86 -32.06 -27.82
C MET A 447 27.07 -30.87 -28.72
N PRO A 448 26.05 -30.07 -28.91
CA PRO A 448 26.26 -28.93 -29.83
C PRO A 448 27.34 -27.96 -29.40
N LEU A 449 27.36 -27.58 -28.12
CA LEU A 449 28.36 -26.63 -27.65
C LEU A 449 29.23 -27.27 -26.56
N PRO A 450 30.28 -26.61 -26.07
CA PRO A 450 31.07 -27.22 -25.01
C PRO A 450 30.67 -26.79 -23.62
N PHE A 451 31.17 -27.42 -22.56
CA PHE A 451 30.87 -26.95 -21.22
C PHE A 451 31.69 -25.72 -21.37
N ASP A 452 31.04 -24.61 -21.24
CA ASP A 452 31.63 -23.40 -21.79
C ASP A 452 32.97 -22.92 -21.45
N LEU A 453 33.21 -22.69 -20.20
CA LEU A 453 34.45 -22.18 -19.76
C LEU A 453 35.00 -20.91 -20.42
N THR A 454 34.17 -19.99 -20.92
CA THR A 454 34.40 -18.62 -21.49
C THR A 454 34.72 -18.20 -22.87
N ASP A 455 35.26 -19.03 -23.72
CA ASP A 455 35.72 -18.58 -25.02
C ASP A 455 34.63 -17.99 -25.85
N ILE A 456 33.46 -18.57 -25.72
CA ILE A 456 32.30 -18.07 -26.35
C ILE A 456 31.73 -16.74 -25.84
N VAL A 457 31.65 -16.51 -24.55
CA VAL A 457 31.15 -15.24 -24.08
C VAL A 457 32.07 -14.12 -24.37
N SER A 458 33.36 -14.34 -24.28
CA SER A 458 34.29 -13.28 -24.52
C SER A 458 34.17 -12.88 -25.93
N GLU A 459 33.78 -13.79 -26.79
CA GLU A 459 33.63 -13.47 -28.20
C GLU A 459 32.37 -12.65 -28.40
N LEU A 460 31.30 -13.03 -27.72
CA LEU A 460 30.04 -12.32 -27.74
C LEU A 460 30.21 -10.94 -27.14
N ARG A 461 31.03 -10.83 -26.11
CA ARG A 461 31.29 -9.55 -25.48
C ARG A 461 31.90 -8.55 -26.43
N GLY A 462 32.76 -8.97 -27.35
CA GLY A 462 33.32 -8.01 -28.26
C GLY A 462 32.14 -7.48 -29.04
N GLN A 463 31.98 -6.16 -28.93
CA GLN A 463 30.96 -5.35 -29.56
C GLN A 463 31.24 -3.93 -29.09
P 6MA B 4 19.58 -18.13 7.06
OP1 6MA B 4 18.60 -18.73 6.10
OP2 6MA B 4 19.13 -17.05 8.03
O5' 6MA B 4 20.25 -19.32 7.91
C5' 6MA B 4 20.75 -19.08 9.23
C4' 6MA B 4 21.04 -20.40 9.93
O4' 6MA B 4 19.89 -21.24 9.92
C3' 6MA B 4 22.17 -21.18 9.28
O3' 6MA B 4 22.93 -21.78 10.32
C2' 6MA B 4 21.46 -22.27 8.49
C1' 6MA B 4 20.13 -22.45 9.19
N9 6MA B 4 18.98 -22.64 8.28
C8 6MA B 4 18.47 -21.71 7.45
N7 6MA B 4 17.40 -22.19 6.76
C5 6MA B 4 17.21 -23.46 7.17
C6 6MA B 4 16.25 -24.54 6.85
N1 6MA B 4 16.39 -25.72 7.50
C2 6MA B 4 17.37 -25.91 8.41
N3 6MA B 4 18.27 -24.98 8.75
C4 6MA B 4 18.24 -23.75 8.17
N6 6MA B 4 15.27 -24.35 5.95
C1 6MA B 4 14.28 -25.40 5.72
N GLU C 1 38.10 -10.42 -14.38
CA GLU C 1 39.16 -9.75 -13.63
C GLU C 1 40.28 -9.25 -14.54
N PHE C 2 40.01 -9.17 -15.83
CA PHE C 2 40.96 -8.68 -16.84
C PHE C 2 40.35 -7.60 -17.72
N TYR C 3 41.13 -7.01 -18.62
CA TYR C 3 40.63 -5.91 -19.43
C TYR C 3 39.34 -6.25 -20.16
N GLN C 4 38.33 -5.47 -19.85
CA GLN C 4 36.97 -5.68 -20.28
C GLN C 4 36.18 -4.40 -20.52
N GLN C 5 34.90 -4.58 -20.84
CA GLN C 5 33.98 -3.49 -21.15
C GLN C 5 33.17 -3.05 -19.97
N TRP C 6 33.63 -3.39 -18.78
CA TRP C 6 32.94 -3.06 -17.54
C TRP C 6 32.78 -1.57 -17.27
N GLN C 7 33.64 -0.72 -17.81
CA GLN C 7 33.51 0.72 -17.62
C GLN C 7 32.20 1.32 -18.14
N LEU C 8 31.72 0.32 -19.20
CA LEU C 8 30.45 0.76 -19.72
C LEU C 8 29.40 0.27 -18.73
N LYS C 9 29.05 1.26 -17.92
CA LYS C 9 28.18 1.13 -16.82
C LYS C 9 27.29 2.27 -16.53
N TYR C 10 26.37 2.01 -15.62
CA TYR C 10 25.32 3.01 -15.22
C TYR C 10 25.18 4.14 -14.11
N PRO C 11 23.97 4.64 -14.10
CA PRO C 11 23.40 5.79 -13.42
C PRO C 11 23.32 6.14 -11.93
N LYS C 12 23.08 5.27 -10.96
CA LYS C 12 23.03 5.67 -9.62
C LYS C 12 24.33 5.31 -9.06
N LEU C 13 25.40 5.17 -9.83
CA LEU C 13 26.78 4.97 -9.31
C LEU C 13 27.81 5.61 -10.21
N ILE C 14 28.69 6.40 -9.63
CA ILE C 14 29.68 7.21 -10.30
C ILE C 14 31.12 7.07 -9.90
N LEU C 15 32.01 6.91 -10.86
CA LEU C 15 33.43 6.79 -10.67
C LEU C 15 34.05 8.02 -11.21
N ARG C 16 34.94 8.65 -10.46
CA ARG C 16 35.62 9.85 -10.82
C ARG C 16 37.06 9.56 -10.79
N GLU C 17 37.70 9.68 -11.88
CA GLU C 17 39.09 9.33 -12.08
C GLU C 17 40.03 10.27 -11.29
N ALA C 18 41.20 9.73 -10.93
CA ALA C 18 42.23 10.41 -10.17
C ALA C 18 42.42 11.84 -10.66
N SER C 19 42.32 12.01 -11.98
CA SER C 19 42.48 13.26 -12.70
C SER C 19 41.46 14.35 -12.37
N SER C 20 40.53 14.10 -11.43
CA SER C 20 39.56 15.14 -11.11
C SER C 20 39.80 15.83 -9.78
N VAL C 21 40.62 15.26 -8.91
CA VAL C 21 40.95 15.85 -7.61
C VAL C 21 42.36 16.43 -7.69
N SER C 22 42.61 17.50 -6.94
CA SER C 22 43.87 18.24 -6.92
C SER C 22 45.05 17.43 -6.50
N GLU C 23 46.18 17.62 -7.16
CA GLU C 23 47.37 16.84 -6.81
C GLU C 23 47.92 17.26 -5.45
N GLU C 24 47.54 18.44 -4.99
CA GLU C 24 47.95 18.93 -3.68
C GLU C 24 47.21 18.13 -2.63
N LEU C 25 45.97 17.77 -2.97
CA LEU C 25 45.12 16.97 -2.11
C LEU C 25 45.62 15.53 -2.17
N HIS C 26 45.95 15.02 -3.34
CA HIS C 26 46.38 13.65 -3.30
C HIS C 26 47.60 13.53 -2.48
N LYS C 27 48.62 14.31 -2.72
CA LYS C 27 49.79 14.20 -1.87
C LYS C 27 49.44 14.32 -0.38
N GLU C 28 48.59 15.29 -0.02
CA GLU C 28 48.23 15.45 1.39
C GLU C 28 47.57 14.20 1.98
N VAL C 29 46.55 13.67 1.30
CA VAL C 29 45.85 12.49 1.82
C VAL C 29 46.68 11.21 1.73
N GLN C 30 47.52 11.11 0.74
CA GLN C 30 48.38 9.97 0.62
C GLN C 30 49.41 9.98 1.73
N GLU C 31 49.90 11.14 2.13
CA GLU C 31 50.87 11.26 3.20
C GLU C 31 50.16 11.00 4.51
N ALA C 32 48.88 11.37 4.59
CA ALA C 32 48.10 11.13 5.80
C ALA C 32 47.93 9.63 6.01
N PHE C 33 47.60 8.89 4.95
CA PHE C 33 47.46 7.44 5.08
C PHE C 33 48.77 6.80 5.53
N LEU C 34 49.89 7.35 5.05
CA LEU C 34 51.18 6.78 5.41
C LEU C 34 51.55 7.09 6.86
N THR C 35 51.29 8.33 7.30
CA THR C 35 51.59 8.68 8.68
C THR C 35 50.72 7.88 9.64
N LEU C 36 49.41 7.82 9.37
CA LEU C 36 48.51 7.06 10.23
C LEU C 36 48.97 5.60 10.30
N HIS C 37 49.47 5.07 9.21
CA HIS C 37 49.95 3.70 9.24
C HIS C 37 51.16 3.56 10.09
N LYS C 38 52.13 4.44 9.88
CA LYS C 38 53.34 4.37 10.69
C LYS C 38 53.09 4.53 12.19
N HIS C 39 52.17 5.38 12.58
CA HIS C 39 51.93 5.55 14.00
C HIS C 39 51.18 4.41 14.64
N GLY C 40 50.66 3.53 13.83
CA GLY C 40 49.90 2.40 14.29
C GLY C 40 48.54 2.73 14.87
N CYS C 41 47.83 3.56 14.12
CA CYS C 41 46.49 3.97 14.45
C CYS C 41 45.41 3.16 13.74
N LEU C 42 45.78 2.26 12.85
CA LEU C 42 44.87 1.40 12.14
C LEU C 42 44.95 0.03 12.79
N PHE C 43 43.81 -0.46 13.26
CA PHE C 43 43.70 -1.75 13.91
C PHE C 43 42.55 -2.50 13.26
N ARG C 44 42.60 -3.82 13.33
CA ARG C 44 41.51 -4.61 12.81
C ARG C 44 40.47 -4.73 13.92
N ASP C 45 39.20 -4.81 13.54
CA ASP C 45 38.12 -4.88 14.52
C ASP C 45 37.70 -6.33 14.76
N LEU C 46 37.48 -6.66 16.04
CA LEU C 46 37.04 -7.99 16.44
C LEU C 46 35.51 -7.99 16.45
N VAL C 47 34.94 -8.00 15.25
CA VAL C 47 33.49 -7.96 15.14
C VAL C 47 32.86 -9.28 15.60
N ARG C 48 31.56 -9.21 15.83
CA ARG C 48 30.77 -10.36 16.18
C ARG C 48 29.48 -10.29 15.44
N ILE C 49 29.55 -10.72 14.23
CA ILE C 49 28.41 -10.72 13.41
C ILE C 49 27.56 -11.90 13.71
N LYS C 50 26.33 -11.69 14.14
CA LYS C 50 25.40 -12.78 14.35
C LYS C 50 25.89 -13.88 15.23
N GLY C 51 26.55 -13.53 16.30
CA GLY C 51 26.95 -14.53 17.25
C GLY C 51 28.33 -15.11 17.04
N LYS C 52 28.99 -14.84 15.91
CA LYS C 52 30.30 -15.41 15.69
C LYS C 52 31.36 -14.31 15.75
N ASP C 53 32.50 -14.64 16.29
CA ASP C 53 33.50 -13.65 16.43
C ASP C 53 34.45 -13.75 15.31
N LEU C 54 34.65 -12.64 14.63
CA LEU C 54 35.57 -12.60 13.53
C LEU C 54 36.38 -11.33 13.51
N LEU C 55 37.60 -11.42 13.01
CA LEU C 55 38.52 -10.30 12.84
C LEU C 55 38.31 -9.77 11.44
N THR C 56 38.47 -8.46 11.27
CA THR C 56 38.22 -8.00 9.91
C THR C 56 39.52 -7.96 9.12
N PRO C 57 39.52 -8.53 7.91
CA PRO C 57 40.75 -8.54 7.09
C PRO C 57 41.38 -7.17 6.92
N VAL C 58 40.57 -6.18 6.76
CA VAL C 58 41.00 -4.80 6.57
C VAL C 58 41.15 -4.15 7.93
N SER C 59 42.04 -3.18 8.00
CA SER C 59 42.34 -2.43 9.19
C SER C 59 41.70 -1.10 9.03
N ARG C 60 41.07 -0.58 10.05
CA ARG C 60 40.38 0.68 9.85
C ARG C 60 40.48 1.58 11.07
N ILE C 61 40.06 2.80 10.87
CA ILE C 61 39.95 3.77 11.91
C ILE C 61 38.80 4.70 11.57
N LEU C 62 37.96 5.04 12.51
CA LEU C 62 36.85 5.96 12.28
C LEU C 62 37.27 7.36 12.71
N ILE C 63 37.24 8.30 11.76
CA ILE C 63 37.58 9.69 11.98
C ILE C 63 36.38 10.54 11.59
N GLY C 64 36.07 11.58 12.36
CA GLY C 64 34.94 12.42 11.98
C GLY C 64 34.59 13.44 13.05
N ASN C 65 33.36 13.92 12.96
CA ASN C 65 32.84 14.91 13.89
C ASN C 65 33.05 14.43 15.33
N PRO C 66 33.40 15.33 16.25
CA PRO C 66 33.61 14.93 17.64
C PRO C 66 32.30 14.54 18.31
N GLY C 67 32.34 13.44 19.06
CA GLY C 67 31.16 12.96 19.75
C GLY C 67 30.31 11.99 18.95
N CYS C 68 30.69 11.66 17.72
CA CYS C 68 29.89 10.79 16.87
C CYS C 68 30.45 9.36 16.89
N THR C 69 29.56 8.39 16.68
CA THR C 69 29.92 6.98 16.68
C THR C 69 29.22 6.29 15.51
N TYR C 70 29.77 5.14 15.09
CA TYR C 70 29.19 4.40 13.97
C TYR C 70 29.10 2.93 14.32
N LYS C 71 27.88 2.41 14.40
CA LYS C 71 27.63 1.00 14.69
C LYS C 71 27.65 0.15 13.43
N TYR C 72 28.50 -0.87 13.40
CA TYR C 72 28.62 -1.73 12.22
C TYR C 72 28.83 -3.16 12.69
N LEU C 73 27.80 -3.98 12.56
CA LEU C 73 27.88 -5.39 12.95
C LEU C 73 28.07 -5.57 14.46
N ASN C 74 27.29 -4.85 15.23
CA ASN C 74 27.36 -5.06 16.64
C ASN C 74 28.61 -4.56 17.21
N THR C 75 29.37 -3.83 16.43
CA THR C 75 30.50 -3.16 17.06
C THR C 75 30.27 -1.67 16.88
N ARG C 76 30.52 -0.89 17.90
CA ARG C 76 30.31 0.53 17.76
C ARG C 76 31.65 1.16 17.76
N LEU C 77 32.01 1.83 16.67
CA LEU C 77 33.28 2.50 16.55
C LEU C 77 33.12 3.93 17.02
N PHE C 78 34.14 4.44 17.72
CA PHE C 78 34.08 5.80 18.24
C PHE C 78 35.01 6.67 17.40
N THR C 79 34.54 7.87 17.11
CA THR C 79 35.28 8.79 16.26
C THR C 79 36.45 9.43 16.99
N VAL C 80 37.61 9.42 16.36
CA VAL C 80 38.70 10.22 16.90
C VAL C 80 38.34 11.57 16.28
N PRO C 81 38.27 12.63 17.02
CA PRO C 81 37.83 13.85 16.37
C PRO C 81 38.74 14.47 15.37
N TRP C 82 38.15 15.08 14.35
CA TRP C 82 38.87 15.81 13.33
C TRP C 82 38.58 17.28 13.54
N PRO C 83 39.52 18.18 13.34
CA PRO C 83 39.28 19.58 13.66
C PRO C 83 38.10 20.30 13.07
N VAL C 84 37.18 20.67 13.94
CA VAL C 84 36.04 21.48 13.57
C VAL C 84 35.71 22.33 14.79
N LYS C 85 35.29 23.57 14.60
CA LYS C 85 35.03 24.43 15.75
C LYS C 85 33.58 24.44 16.19
N ASN C 88 38.09 22.54 19.38
CA ASN C 88 38.88 22.16 20.54
C ASN C 88 39.32 20.71 20.46
N ILE C 89 40.58 20.47 20.13
CA ILE C 89 41.03 19.08 19.99
C ILE C 89 42.28 18.64 20.75
N LYS C 90 42.16 17.52 21.45
CA LYS C 90 43.22 17.01 22.32
C LYS C 90 44.10 15.92 21.76
N HIS C 91 44.38 15.95 20.47
CA HIS C 91 45.17 14.88 19.89
C HIS C 91 46.51 14.65 20.50
N THR C 92 46.82 13.38 20.66
CA THR C 92 48.04 12.93 21.28
C THR C 92 49.29 13.31 20.54
N GLU C 93 49.28 13.19 19.23
CA GLU C 93 50.47 13.52 18.47
C GLU C 93 50.12 14.51 17.40
N ALA C 94 51.06 15.38 17.10
CA ALA C 94 50.82 16.42 16.14
C ALA C 94 50.52 15.86 14.81
N GLU C 95 51.24 14.82 14.47
CA GLU C 95 51.13 14.26 13.13
C GLU C 95 49.75 13.64 12.85
N ILE C 96 49.23 12.85 13.79
CA ILE C 96 47.89 12.28 13.76
C ILE C 96 46.85 13.39 13.63
N ALA C 97 47.07 14.52 14.31
CA ALA C 97 46.12 15.62 14.22
C ALA C 97 46.20 16.29 12.86
N ALA C 98 47.38 16.27 12.25
CA ALA C 98 47.49 16.87 10.93
C ALA C 98 46.73 16.00 9.94
N ALA C 99 46.88 14.67 10.06
CA ALA C 99 46.17 13.77 9.16
C ALA C 99 44.67 13.96 9.31
N CYS C 100 44.17 14.02 10.55
CA CYS C 100 42.73 14.23 10.72
C CYS C 100 42.28 15.55 10.11
N GLU C 101 43.21 16.49 9.93
CA GLU C 101 42.82 17.77 9.33
C GLU C 101 42.72 17.58 7.82
N THR C 102 43.64 16.84 7.26
CA THR C 102 43.55 16.59 5.86
C THR C 102 42.33 15.77 5.50
N PHE C 103 42.09 14.67 6.19
CA PHE C 103 40.86 13.93 5.88
C PHE C 103 39.61 14.76 6.17
N LEU C 104 39.76 15.88 6.87
CA LEU C 104 38.60 16.75 7.08
C LEU C 104 38.37 17.57 5.81
N LYS C 105 39.46 18.00 5.18
CA LYS C 105 39.31 18.77 3.96
C LYS C 105 38.92 17.83 2.82
N LEU C 106 39.40 16.58 2.87
CA LEU C 106 38.98 15.60 1.88
C LEU C 106 37.48 15.40 1.99
N ASN C 107 36.99 15.33 3.24
CA ASN C 107 35.55 15.17 3.44
C ASN C 107 34.79 16.31 2.79
N ASP C 108 35.24 17.53 2.99
CA ASP C 108 34.53 18.65 2.40
C ASP C 108 34.52 18.59 0.90
N TYR C 109 35.66 18.33 0.34
CA TYR C 109 35.78 18.25 -1.13
C TYR C 109 34.80 17.23 -1.70
N LEU C 110 34.98 15.97 -1.27
CA LEU C 110 34.11 14.89 -1.75
C LEU C 110 32.66 15.25 -1.53
N GLN C 111 32.35 15.94 -0.42
CA GLN C 111 30.98 16.35 -0.16
C GLN C 111 30.46 17.22 -1.29
N ILE C 112 31.26 18.18 -1.73
CA ILE C 112 30.87 19.06 -2.83
C ILE C 112 30.65 18.25 -4.10
N GLU C 113 31.56 17.40 -4.46
CA GLU C 113 31.35 16.66 -5.67
C GLU C 113 30.10 15.82 -5.54
N THR C 114 29.84 15.29 -4.37
CA THR C 114 28.67 14.43 -4.19
C THR C 114 27.38 15.20 -4.40
N ILE C 115 27.21 16.32 -3.71
CA ILE C 115 25.99 17.10 -3.88
C ILE C 115 25.82 17.46 -5.35
N GLN C 116 26.92 17.86 -6.01
CA GLN C 116 26.89 18.19 -7.43
C GLN C 116 26.30 17.02 -8.21
N ALA C 117 27.01 15.89 -8.20
CA ALA C 117 26.54 14.69 -8.92
C ALA C 117 25.10 14.32 -8.55
N LEU C 118 24.65 14.66 -7.34
CA LEU C 118 23.30 14.34 -6.91
C LEU C 118 22.30 15.25 -7.60
N GLU C 119 22.75 16.48 -7.83
CA GLU C 119 21.97 17.48 -8.56
C GLU C 119 21.84 17.15 -10.04
N GLU C 120 22.96 16.78 -10.61
CA GLU C 120 23.02 16.44 -12.01
C GLU C 120 22.18 15.23 -12.28
N LEU C 121 21.92 14.42 -11.27
CA LEU C 121 21.15 13.21 -11.49
C LEU C 121 19.66 13.46 -11.48
N ALA C 122 19.25 14.66 -11.14
CA ALA C 122 17.84 14.97 -11.07
C ALA C 122 17.22 14.83 -12.45
N ALA C 123 17.91 15.27 -13.49
CA ALA C 123 17.40 15.09 -14.82
C ALA C 123 17.72 13.66 -15.26
N ASP C 153 12.71 18.40 -1.72
CA ASP C 153 13.26 19.57 -2.37
C ASP C 153 14.75 19.40 -2.68
N GLU C 154 15.52 20.47 -2.49
CA GLU C 154 16.96 20.47 -2.71
C GLU C 154 17.75 20.53 -1.41
N VAL C 155 17.07 20.57 -0.27
CA VAL C 155 17.73 20.59 1.03
C VAL C 155 18.02 19.15 1.44
N ASP C 156 17.21 18.23 0.98
CA ASP C 156 17.48 16.87 1.35
C ASP C 156 18.82 16.52 0.77
N ILE C 157 19.01 16.83 -0.50
CA ILE C 157 20.28 16.46 -1.14
C ILE C 157 21.45 16.91 -0.27
N LYS C 158 21.38 18.13 0.20
CA LYS C 158 22.46 18.62 1.01
C LYS C 158 22.60 17.79 2.27
N SER C 159 21.50 17.45 2.92
CA SER C 159 21.57 16.64 4.13
C SER C 159 22.09 15.24 3.82
N ARG C 160 21.70 14.74 2.67
CA ARG C 160 22.07 13.42 2.22
C ARG C 160 23.50 13.30 1.82
N ALA C 161 24.20 14.42 1.73
CA ALA C 161 25.60 14.43 1.35
C ALA C 161 26.48 15.04 2.42
N ALA C 162 25.92 15.33 3.60
CA ALA C 162 26.64 15.93 4.73
C ALA C 162 27.35 14.83 5.53
N TYR C 163 28.49 14.39 4.99
CA TYR C 163 29.25 13.33 5.63
C TYR C 163 29.73 13.76 7.01
N ASN C 164 29.43 12.95 8.02
CA ASN C 164 29.84 13.25 9.38
C ASN C 164 30.95 12.35 9.90
N VAL C 165 31.31 11.29 9.17
CA VAL C 165 32.37 10.37 9.57
C VAL C 165 32.99 9.77 8.32
N THR C 166 34.16 9.16 8.50
CA THR C 166 34.87 8.45 7.46
C THR C 166 35.57 7.26 8.07
N LEU C 167 35.49 6.11 7.43
CA LEU C 167 36.11 4.91 7.96
C LEU C 167 37.26 4.68 7.06
N LEU C 168 38.46 4.68 7.60
CA LEU C 168 39.67 4.53 6.82
C LEU C 168 40.03 3.06 6.83
N ASN C 169 40.45 2.54 5.68
CA ASN C 169 40.79 1.13 5.48
C ASN C 169 42.15 0.93 4.87
N PHE C 170 42.85 -0.11 5.28
CA PHE C 170 44.15 -0.48 4.75
C PHE C 170 44.30 -1.98 4.79
N MET C 171 45.04 -2.50 3.82
CA MET C 171 45.33 -3.93 3.79
C MET C 171 46.52 -4.12 2.88
N ASP C 172 47.12 -5.30 2.98
CA ASP C 172 48.28 -5.70 2.20
C ASP C 172 47.95 -7.11 1.74
N PRO C 173 47.67 -7.31 0.45
CA PRO C 173 47.16 -8.62 0.01
C PRO C 173 48.19 -9.70 0.17
N GLN C 174 49.45 -9.29 0.14
CA GLN C 174 50.57 -10.20 0.31
C GLN C 174 50.66 -10.82 1.70
N LYS C 175 50.38 -9.98 2.67
CA LYS C 175 50.30 -10.33 4.05
C LYS C 175 49.16 -11.24 4.29
N MET C 176 48.06 -11.01 3.59
CA MET C 176 46.87 -11.83 3.74
C MET C 176 46.88 -12.86 2.66
N PRO C 177 47.28 -14.09 2.94
CA PRO C 177 47.34 -15.11 1.91
C PRO C 177 46.08 -15.71 1.32
N TYR C 178 45.14 -16.01 2.19
CA TYR C 178 43.92 -16.63 1.76
C TYR C 178 42.88 -15.75 2.14
N LEU C 179 42.21 -15.27 1.13
CA LEU C 179 41.15 -14.37 1.25
C LEU C 179 40.04 -15.01 0.47
N LYS C 180 38.88 -14.98 1.04
CA LYS C 180 37.76 -15.65 0.44
C LYS C 180 37.62 -15.30 -0.98
N GLU C 181 37.12 -16.24 -1.74
CA GLU C 181 36.96 -16.05 -3.14
C GLU C 181 35.53 -15.74 -3.45
N GLU C 182 35.34 -14.78 -4.32
CA GLU C 182 34.01 -14.35 -4.71
C GLU C 182 33.22 -15.57 -5.18
N PRO C 183 32.10 -15.89 -4.54
CA PRO C 183 31.32 -17.08 -4.90
C PRO C 183 30.30 -16.93 -6.03
N TYR C 184 30.22 -15.82 -6.75
CA TYR C 184 29.19 -15.78 -7.79
C TYR C 184 29.67 -15.43 -9.18
N PHE C 185 30.72 -14.62 -9.33
CA PHE C 185 31.14 -14.23 -10.67
C PHE C 185 32.63 -14.44 -10.92
N GLY C 186 33.29 -15.27 -10.10
CA GLY C 186 34.70 -15.55 -10.26
C GLY C 186 35.53 -14.29 -10.34
N MET C 187 35.26 -13.35 -9.43
CA MET C 187 35.97 -12.08 -9.36
C MET C 187 37.21 -12.19 -8.50
N GLY C 188 37.59 -13.40 -8.12
CA GLY C 188 38.76 -13.66 -7.32
C GLY C 188 38.58 -13.36 -5.84
N LYS C 189 39.71 -13.14 -5.20
CA LYS C 189 39.80 -12.85 -3.76
C LYS C 189 39.11 -11.53 -3.43
N MET C 190 38.62 -11.48 -2.18
CA MET C 190 37.91 -10.35 -1.59
C MET C 190 38.42 -9.87 -0.26
N ALA C 191 38.67 -8.58 -0.08
CA ALA C 191 39.09 -8.08 1.21
C ALA C 191 37.91 -7.73 2.11
N VAL C 192 36.72 -7.65 1.54
CA VAL C 192 35.47 -7.33 2.23
C VAL C 192 34.36 -7.95 1.39
N SER C 193 33.74 -9.00 1.92
CA SER C 193 32.68 -9.72 1.24
C SER C 193 31.45 -8.85 1.00
N TRP C 194 30.57 -9.38 0.14
CA TRP C 194 29.31 -8.74 -0.22
C TRP C 194 28.60 -8.26 1.02
N HIS C 195 28.29 -6.98 1.08
CA HIS C 195 27.61 -6.45 2.25
C HIS C 195 26.90 -5.15 1.87
N HIS C 196 26.31 -4.55 2.89
CA HIS C 196 25.62 -3.28 2.79
C HIS C 196 26.28 -2.34 3.79
N ASP C 197 26.32 -1.06 3.45
CA ASP C 197 26.84 -0.09 4.39
C ASP C 197 25.69 0.19 5.34
N GLU C 198 25.85 -0.14 6.61
CA GLU C 198 24.80 0.08 7.58
C GLU C 198 24.98 1.29 8.44
N ASN C 199 23.96 1.58 9.22
CA ASN C 199 23.95 2.73 10.11
C ASN C 199 24.05 4.03 9.32
N LEU C 200 23.34 4.12 8.22
CA LEU C 200 23.37 5.30 7.38
C LEU C 200 22.03 5.97 7.35
N VAL C 201 22.00 7.29 7.19
CA VAL C 201 20.75 8.00 7.04
C VAL C 201 20.06 7.51 5.76
N ASP C 202 18.77 7.47 5.78
CA ASP C 202 18.10 6.92 4.65
C ASP C 202 18.45 7.69 3.42
N ARG C 203 18.61 6.97 2.34
CA ARG C 203 18.86 7.57 1.06
C ARG C 203 20.16 8.31 0.97
N SER C 204 21.02 8.15 1.94
CA SER C 204 22.31 8.79 1.98
C SER C 204 23.33 8.31 0.95
N ALA C 205 24.15 9.20 0.41
CA ALA C 205 25.21 8.86 -0.51
C ALA C 205 26.48 8.53 0.30
N VAL C 206 27.45 7.90 -0.38
CA VAL C 206 28.72 7.53 0.22
C VAL C 206 29.82 7.83 -0.79
N ALA C 207 30.91 8.45 -0.35
CA ALA C 207 32.01 8.78 -1.26
C ALA C 207 33.25 8.04 -0.78
N VAL C 208 33.99 7.41 -1.69
CA VAL C 208 35.18 6.66 -1.31
C VAL C 208 36.38 7.08 -2.14
N TYR C 209 37.49 7.37 -1.45
CA TYR C 209 38.76 7.72 -2.09
C TYR C 209 39.67 6.50 -1.90
N SER C 210 40.10 5.91 -3.02
CA SER C 210 40.94 4.71 -3.07
C SER C 210 42.41 5.07 -3.27
N TYR C 211 43.28 4.44 -2.46
CA TYR C 211 44.73 4.67 -2.53
C TYR C 211 45.49 3.35 -2.73
N SER C 212 45.65 2.97 -3.99
CA SER C 212 46.38 1.77 -4.40
C SER C 212 47.85 2.12 -4.53
N CYS C 213 48.68 1.57 -3.64
CA CYS C 213 50.10 1.88 -3.71
C CYS C 213 50.83 0.86 -4.57
N ASP C 232 46.46 -7.27 -10.93
CA ASP C 232 46.97 -6.86 -9.65
C ASP C 232 46.22 -5.65 -9.23
N ILE C 233 45.06 -5.43 -9.81
CA ILE C 233 44.34 -4.19 -9.51
C ILE C 233 43.18 -4.49 -8.58
N TRP C 234 42.92 -3.55 -7.69
CA TRP C 234 41.81 -3.61 -6.75
C TRP C 234 40.53 -3.25 -7.48
N HIS C 235 39.42 -3.87 -7.12
CA HIS C 235 38.15 -3.58 -7.74
C HIS C 235 37.07 -3.51 -6.70
N VAL C 236 35.98 -2.88 -7.03
CA VAL C 236 34.83 -2.86 -6.14
C VAL C 236 33.73 -3.61 -6.84
N GLY C 237 33.10 -4.56 -6.15
CA GLY C 237 32.04 -5.32 -6.73
C GLY C 237 30.70 -4.73 -6.35
N PHE C 238 29.73 -4.91 -7.24
CA PHE C 238 28.37 -4.47 -7.06
C PHE C 238 27.43 -5.49 -7.66
N LYS C 239 26.30 -5.75 -7.03
CA LYS C 239 25.30 -6.64 -7.56
C LYS C 239 23.93 -6.38 -6.96
N ILE C 240 22.85 -6.79 -7.60
CA ILE C 240 21.54 -6.59 -7.01
C ILE C 240 21.51 -7.45 -5.80
N SER C 241 20.93 -6.98 -4.72
CA SER C 241 21.04 -7.68 -3.46
C SER C 241 20.56 -9.11 -3.30
N TRP C 242 19.39 -9.42 -3.78
CA TRP C 242 18.76 -10.71 -3.58
C TRP C 242 18.82 -11.58 -4.78
N ASP C 243 19.48 -11.05 -5.76
CA ASP C 243 19.62 -11.55 -7.11
C ASP C 243 20.96 -12.28 -7.25
N ILE C 244 20.85 -13.55 -7.58
CA ILE C 244 21.99 -14.41 -7.70
C ILE C 244 22.22 -14.96 -9.09
N GLU C 245 21.41 -14.59 -10.04
CA GLU C 245 21.59 -15.00 -11.43
C GLU C 245 21.97 -13.85 -12.36
N THR C 246 22.16 -12.63 -11.85
CA THR C 246 22.61 -11.51 -12.67
C THR C 246 24.10 -11.22 -12.48
N PRO C 247 24.92 -11.37 -13.52
CA PRO C 247 26.37 -11.08 -13.39
C PRO C 247 26.65 -9.73 -12.73
N GLY C 248 27.50 -9.75 -11.68
CA GLY C 248 27.85 -8.54 -10.96
C GLY C 248 28.89 -7.67 -11.66
N LEU C 249 28.95 -6.40 -11.26
CA LEU C 249 29.87 -5.42 -11.82
C LEU C 249 31.10 -5.25 -10.92
N ALA C 250 32.29 -5.32 -11.52
CA ALA C 250 33.59 -5.13 -10.85
C ALA C 250 34.27 -3.91 -11.46
N ILE C 251 34.27 -2.78 -10.77
CA ILE C 251 34.84 -1.55 -11.33
C ILE C 251 36.30 -1.41 -10.87
N PRO C 252 37.24 -1.30 -11.82
CA PRO C 252 38.67 -1.11 -11.53
C PRO C 252 38.96 0.14 -10.72
N LEU C 253 39.83 0.02 -9.73
CA LEU C 253 40.20 1.13 -8.86
C LEU C 253 41.71 1.37 -8.97
N HIS C 254 42.06 2.56 -9.47
CA HIS C 254 43.41 3.02 -9.72
C HIS C 254 43.87 4.10 -8.76
N GLN C 255 45.14 4.07 -8.37
CA GLN C 255 45.63 5.05 -7.39
C GLN C 255 45.05 6.44 -7.62
N GLY C 256 44.18 6.88 -6.72
CA GLY C 256 43.59 8.20 -6.80
C GLY C 256 42.15 8.22 -7.25
N ASP C 257 41.58 7.10 -7.69
CA ASP C 257 40.20 7.08 -8.12
C ASP C 257 39.26 7.13 -6.94
N CYS C 258 38.09 7.75 -7.17
CA CYS C 258 37.05 7.88 -6.16
C CYS C 258 35.74 7.41 -6.74
N TYR C 259 34.94 6.70 -5.96
CA TYR C 259 33.63 6.31 -6.48
C TYR C 259 32.57 6.65 -5.45
N PHE C 260 31.38 6.98 -5.96
CA PHE C 260 30.26 7.38 -5.13
C PHE C 260 29.06 6.48 -5.35
N MET C 261 28.30 6.28 -4.29
CA MET C 261 27.09 5.52 -4.31
C MET C 261 26.03 6.50 -3.91
N LEU C 262 25.00 6.64 -4.73
CA LEU C 262 23.96 7.62 -4.48
C LEU C 262 22.58 7.00 -4.33
N ASP C 263 21.74 7.71 -3.58
CA ASP C 263 20.32 7.38 -3.34
C ASP C 263 20.19 6.00 -2.72
N ASP C 264 19.36 5.14 -3.26
CA ASP C 264 19.15 3.83 -2.67
C ASP C 264 20.18 2.79 -3.03
N LEU C 265 21.00 3.14 -3.99
CA LEU C 265 21.90 2.14 -4.54
C LEU C 265 22.44 1.23 -3.45
N ASN C 266 22.93 1.83 -2.35
CA ASN C 266 23.46 1.05 -1.24
C ASN C 266 22.41 0.12 -0.65
N ALA C 267 21.13 0.43 -0.80
CA ALA C 267 20.08 -0.41 -0.24
C ALA C 267 19.61 -1.47 -1.22
N THR C 268 19.61 -1.17 -2.52
CA THR C 268 19.16 -2.13 -3.52
C THR C 268 20.27 -3.08 -3.96
N HIS C 269 21.51 -2.69 -3.76
CA HIS C 269 22.61 -3.54 -4.13
C HIS C 269 23.55 -3.78 -3.02
N LYS C 270 24.42 -4.75 -3.24
CA LYS C 270 25.44 -5.18 -2.31
C LYS C 270 26.76 -5.02 -2.97
N HIS C 271 27.75 -4.55 -2.25
CA HIS C 271 29.06 -4.30 -2.81
C HIS C 271 30.11 -5.09 -2.03
N CYS C 272 31.27 -5.27 -2.67
CA CYS C 272 32.39 -5.97 -2.07
C CYS C 272 33.66 -5.24 -2.51
N VAL C 273 34.81 -5.74 -2.07
CA VAL C 273 36.10 -5.15 -2.44
C VAL C 273 37.04 -6.25 -2.91
N LEU C 274 37.19 -6.41 -4.22
CA LEU C 274 38.13 -7.40 -4.72
C LEU C 274 39.53 -6.89 -4.45
N ALA C 275 40.39 -7.78 -3.97
CA ALA C 275 41.75 -7.40 -3.62
C ALA C 275 42.65 -7.38 -4.84
N GLY C 276 43.65 -6.53 -4.79
CA GLY C 276 44.65 -6.40 -5.84
C GLY C 276 45.93 -7.09 -5.45
N SER C 277 47.05 -6.60 -6.00
CA SER C 277 48.35 -7.19 -5.73
C SER C 277 49.20 -6.32 -4.82
N GLN C 278 48.95 -5.02 -4.79
CA GLN C 278 49.66 -4.06 -3.98
C GLN C 278 48.84 -3.75 -2.75
N PRO C 279 49.37 -3.01 -1.78
CA PRO C 279 48.58 -2.69 -0.60
C PRO C 279 47.68 -1.51 -0.92
N ARG C 280 46.65 -1.32 -0.14
CA ARG C 280 45.82 -0.19 -0.39
C ARG C 280 45.16 0.39 0.81
N PHE C 281 44.94 1.68 0.71
CA PHE C 281 44.33 2.53 1.69
C PHE C 281 43.00 2.97 1.11
N SER C 282 42.20 3.65 1.93
CA SER C 282 40.90 4.11 1.44
C SER C 282 40.16 4.89 2.49
N SER C 283 39.42 5.91 2.07
CA SER C 283 38.63 6.71 2.99
C SER C 283 37.19 6.65 2.52
N THR C 284 36.34 6.03 3.33
CA THR C 284 34.93 5.91 2.99
C THR C 284 34.21 6.98 3.79
N HIS C 285 33.93 8.11 3.14
CA HIS C 285 33.22 9.17 3.83
C HIS C 285 31.74 8.85 3.79
N ARG C 286 31.11 8.86 4.94
CA ARG C 286 29.70 8.57 5.04
C ARG C 286 29.03 9.41 6.11
N VAL C 287 27.70 9.43 6.10
CA VAL C 287 26.89 10.20 7.04
C VAL C 287 26.15 9.22 7.97
N ALA C 288 26.76 8.92 9.05
CA ALA C 288 26.15 8.01 9.92
C ALA C 288 24.90 8.55 10.46
N GLU C 289 23.92 7.73 10.67
CA GLU C 289 22.67 8.11 11.22
C GLU C 289 22.96 8.12 12.68
N CYS C 290 23.66 9.17 13.10
CA CYS C 290 24.12 9.38 14.46
C CYS C 290 23.16 9.62 15.57
N SER C 291 21.92 10.02 15.31
CA SER C 291 20.97 10.24 16.39
C SER C 291 20.88 8.95 17.05
N THR C 292 21.07 8.97 18.35
CA THR C 292 21.19 7.87 19.29
C THR C 292 22.57 7.34 19.35
N GLY C 293 23.50 7.89 18.61
CA GLY C 293 24.88 7.43 18.65
C GLY C 293 25.97 8.43 18.92
N THR C 294 25.62 9.58 19.46
CA THR C 294 26.50 10.69 19.85
C THR C 294 26.48 10.88 21.32
N LEU C 295 27.49 11.49 21.91
CA LEU C 295 27.52 11.67 23.36
C LEU C 295 26.44 12.49 23.95
N ASP C 296 26.13 13.55 23.32
CA ASP C 296 25.09 14.42 23.84
C ASP C 296 23.79 13.65 24.07
N TYR C 297 23.43 12.80 23.13
CA TYR C 297 22.21 12.00 23.25
C TYR C 297 22.28 11.08 24.47
N ILE C 298 23.38 10.34 24.61
CA ILE C 298 23.47 9.40 25.73
C ILE C 298 23.56 10.15 27.06
N LEU C 299 24.16 11.33 27.06
CA LEU C 299 24.22 12.10 28.30
C LEU C 299 22.84 12.55 28.70
N GLN C 300 22.09 13.12 27.78
CA GLN C 300 20.77 13.52 28.17
C GLN C 300 19.99 12.29 28.63
N ARG C 301 20.08 11.20 27.93
CA ARG C 301 19.27 10.13 28.40
C ARG C 301 19.67 9.86 29.82
N CYS C 302 20.94 9.82 30.13
CA CYS C 302 21.33 9.54 31.50
C CYS C 302 20.65 10.50 32.45
N GLN C 303 20.78 11.80 32.19
CA GLN C 303 20.12 12.80 33.04
C GLN C 303 18.63 12.52 33.15
N LEU C 304 18.03 12.26 32.00
CA LEU C 304 16.63 11.95 32.00
C LEU C 304 16.44 10.85 33.01
N ALA C 305 17.33 9.87 32.98
CA ALA C 305 17.29 8.73 33.84
C ALA C 305 17.45 9.11 35.26
N LEU C 306 18.31 10.06 35.52
CA LEU C 306 18.59 10.47 36.87
C LEU C 306 17.51 11.24 37.60
N GLN C 307 16.46 11.69 36.93
CA GLN C 307 15.42 12.46 37.62
C GLN C 307 14.41 11.60 38.38
N ASN C 308 14.88 10.95 39.43
CA ASN C 308 14.14 10.06 40.29
C ASN C 308 15.00 9.79 41.51
N SER C 319 16.46 6.54 46.84
CA SER C 319 15.88 7.85 47.05
C SER C 319 15.14 8.30 45.80
N LEU C 320 14.32 7.43 45.27
CA LEU C 320 13.61 7.74 44.06
C LEU C 320 12.52 8.74 44.26
N LYS C 321 12.19 9.41 43.17
CA LYS C 321 11.14 10.41 43.16
C LYS C 321 9.84 9.73 42.84
N SER C 322 9.89 8.54 42.29
CA SER C 322 8.65 7.82 42.01
C SER C 322 8.77 6.38 41.52
N PHE C 323 7.87 5.51 41.92
CA PHE C 323 7.87 4.13 41.44
C PHE C 323 6.73 3.86 40.47
N GLU C 324 6.36 4.85 39.66
CA GLU C 324 5.30 4.68 38.67
C GLU C 324 5.81 3.68 37.66
N PRO C 325 5.19 2.49 37.55
CA PRO C 325 5.66 1.46 36.59
C PRO C 325 6.22 1.91 35.25
N ALA C 326 5.70 2.98 34.65
CA ALA C 326 6.20 3.42 33.34
C ALA C 326 7.59 4.07 33.44
N VAL C 327 7.75 5.00 34.39
CA VAL C 327 9.04 5.68 34.54
C VAL C 327 10.13 4.74 34.99
N LEU C 328 9.82 3.73 35.80
CA LEU C 328 10.88 2.81 36.19
C LEU C 328 11.31 1.98 34.98
N LYS C 329 10.35 1.59 34.14
CA LYS C 329 10.68 0.87 32.92
C LYS C 329 11.69 1.66 32.09
N GLN C 330 11.29 2.85 31.65
CA GLN C 330 12.19 3.69 30.86
C GLN C 330 13.53 3.93 31.56
N GLY C 331 13.51 3.97 32.91
CA GLY C 331 14.74 4.19 33.66
C GLY C 331 15.69 3.03 33.53
N GLU C 332 15.16 1.80 33.64
CA GLU C 332 16.03 0.63 33.54
C GLU C 332 16.47 0.46 32.10
N GLU C 333 15.66 0.94 31.15
CA GLU C 333 16.05 0.89 29.76
C GLU C 333 17.26 1.78 29.54
N ILE C 334 17.22 3.00 30.10
CA ILE C 334 18.37 3.89 29.96
C ILE C 334 19.59 3.25 30.62
N HIS C 335 19.35 2.52 31.71
CA HIS C 335 20.46 1.83 32.39
C HIS C 335 21.12 0.82 31.45
N ASN C 336 20.30 0.00 30.78
CA ASN C 336 20.84 -0.98 29.83
C ASN C 336 21.55 -0.31 28.66
N GLU C 337 20.94 0.74 28.11
CA GLU C 337 21.54 1.43 26.97
C GLU C 337 22.92 1.97 27.31
N VAL C 338 23.04 2.68 28.44
CA VAL C 338 24.33 3.22 28.80
C VAL C 338 25.33 2.13 29.15
N GLU C 339 24.85 1.02 29.74
CA GLU C 339 25.77 -0.06 30.11
C GLU C 339 26.36 -0.77 28.91
N PHE C 340 25.51 -1.29 28.01
CA PHE C 340 26.00 -2.11 26.90
C PHE C 340 26.28 -1.36 25.60
N GLU C 341 25.68 -0.22 25.39
CA GLU C 341 25.94 0.47 24.16
C GLU C 341 27.01 1.51 24.18
N TRP C 342 27.55 1.85 25.33
CA TRP C 342 28.63 2.82 25.40
C TRP C 342 29.83 2.34 26.20
N LEU C 343 29.64 2.02 27.48
CA LEU C 343 30.75 1.57 28.32
C LEU C 343 31.37 0.27 27.81
N ARG C 344 30.60 -0.78 27.71
CA ARG C 344 31.21 -1.99 27.27
C ARG C 344 31.78 -1.84 25.88
N GLN C 345 31.12 -1.17 24.97
CA GLN C 345 31.73 -1.07 23.68
C GLN C 345 33.02 -0.32 23.74
N PHE C 346 33.07 0.80 24.43
CA PHE C 346 34.33 1.54 24.46
C PHE C 346 35.44 0.75 25.09
N TRP C 347 35.20 0.11 26.24
CA TRP C 347 36.34 -0.59 26.77
C TRP C 347 36.60 -1.88 26.02
N PHE C 348 35.56 -2.43 25.36
CA PHE C 348 35.77 -3.64 24.58
C PHE C 348 36.63 -3.36 23.35
N GLN C 349 36.22 -2.35 22.63
CA GLN C 349 36.88 -2.00 21.39
C GLN C 349 37.34 -0.57 21.31
N GLY C 350 36.88 0.27 22.23
CA GLY C 350 37.23 1.67 22.33
C GLY C 350 38.63 2.07 22.75
N ASN C 351 39.20 1.30 23.67
CA ASN C 351 40.49 1.61 24.29
C ASN C 351 41.68 1.74 23.36
N ARG C 352 41.67 1.08 22.23
CA ARG C 352 42.78 1.16 21.31
C ARG C 352 43.00 2.54 20.80
N TYR C 353 41.97 3.32 20.57
CA TYR C 353 42.17 4.68 20.06
C TYR C 353 42.92 5.68 20.93
N ARG C 354 43.06 5.42 22.22
CA ARG C 354 43.77 6.31 23.10
C ARG C 354 45.16 6.40 22.56
N LYS C 355 45.59 5.45 21.77
CA LYS C 355 46.92 5.64 21.23
C LYS C 355 47.01 6.88 20.36
N CYS C 356 45.86 7.25 19.84
CA CYS C 356 45.75 8.37 18.97
C CYS C 356 45.15 9.60 19.60
N THR C 357 44.16 9.42 20.44
CA THR C 357 43.38 10.53 20.99
C THR C 357 42.90 10.15 22.39
N ASP C 358 42.71 11.19 23.18
CA ASP C 358 42.24 11.06 24.52
C ASP C 358 40.93 11.68 24.79
N TRP C 359 40.21 11.99 23.75
CA TRP C 359 38.97 12.63 23.89
C TRP C 359 37.98 11.89 24.61
N TRP C 360 37.90 10.59 24.43
CA TRP C 360 36.84 9.85 25.05
C TRP C 360 37.12 9.44 26.42
N CYS C 361 38.32 9.66 26.92
CA CYS C 361 38.64 9.29 28.28
C CYS C 361 37.75 10.06 29.22
N GLN C 362 37.63 11.33 29.00
CA GLN C 362 36.90 12.23 29.88
C GLN C 362 35.39 11.94 30.07
N PRO C 363 34.67 11.61 29.03
CA PRO C 363 33.22 11.37 28.96
C PRO C 363 32.85 9.95 29.32
N MET C 364 33.70 9.01 29.01
CA MET C 364 33.37 7.69 29.37
C MET C 364 33.37 7.56 30.87
N ALA C 365 34.34 8.17 31.51
CA ALA C 365 34.51 8.03 32.95
C ALA C 365 33.30 8.65 33.65
N GLN C 366 32.76 9.71 33.03
CA GLN C 366 31.58 10.33 33.60
C GLN C 366 30.38 9.41 33.37
N LEU C 367 30.38 8.73 32.23
CA LEU C 367 29.31 7.81 31.95
C LEU C 367 29.39 6.62 32.90
N GLU C 368 30.60 6.31 33.35
CA GLU C 368 30.73 5.19 34.26
C GLU C 368 30.26 5.58 35.65
N ALA C 369 30.66 6.75 36.11
CA ALA C 369 30.29 7.16 37.42
C ALA C 369 28.81 7.26 37.48
N LEU C 370 28.23 7.88 36.47
CA LEU C 370 26.81 8.06 36.49
C LEU C 370 26.05 6.77 36.48
N TRP C 371 26.52 5.82 35.70
CA TRP C 371 25.87 4.56 35.61
C TRP C 371 25.94 3.96 36.99
N LYS C 372 27.10 4.00 37.59
CA LYS C 372 27.17 3.47 38.94
C LYS C 372 25.95 3.96 39.74
N LYS C 373 25.60 5.24 39.55
CA LYS C 373 24.43 5.79 40.23
C LYS C 373 23.17 5.04 39.78
N MET C 374 23.11 4.66 38.49
CA MET C 374 21.94 3.92 38.03
C MET C 374 21.91 2.56 38.70
N GLU C 375 23.09 2.01 39.02
CA GLU C 375 23.14 0.76 39.77
C GLU C 375 22.50 1.01 41.13
N GLY C 376 22.73 2.22 41.67
CA GLY C 376 22.14 2.58 42.95
C GLY C 376 20.63 2.69 42.84
N VAL C 377 20.13 2.99 41.65
CA VAL C 377 18.68 3.08 41.49
C VAL C 377 18.13 1.67 41.40
N THR C 378 18.90 0.79 40.84
CA THR C 378 18.44 -0.56 40.78
C THR C 378 18.34 -1.09 42.21
N ASN C 379 19.39 -0.92 42.98
CA ASN C 379 19.39 -1.37 44.37
C ASN C 379 18.16 -0.84 45.10
N ALA C 380 17.79 0.40 44.82
CA ALA C 380 16.59 0.95 45.45
C ALA C 380 15.37 0.11 45.08
N VAL C 381 15.11 -0.04 43.77
CA VAL C 381 13.95 -0.81 43.33
C VAL C 381 13.95 -2.25 43.85
N LEU C 382 15.10 -2.93 43.89
CA LEU C 382 15.06 -4.31 44.40
C LEU C 382 14.71 -4.34 45.87
N HIS C 383 15.19 -3.39 46.65
CA HIS C 383 14.80 -3.39 48.03
C HIS C 383 13.30 -3.12 48.16
N GLU C 384 12.72 -2.23 47.35
CA GLU C 384 11.31 -1.94 47.54
C GLU C 384 10.44 -3.17 47.26
N VAL C 385 10.49 -3.69 46.04
CA VAL C 385 9.58 -4.78 45.64
C VAL C 385 9.69 -6.00 46.53
N ARG C 395 -0.34 -5.04 42.99
CA ARG C 395 0.66 -4.18 43.62
C ARG C 395 1.98 -4.33 42.92
N ASN C 396 2.36 -5.57 42.73
CA ASN C 396 3.63 -5.91 42.10
C ASN C 396 3.62 -5.72 40.60
N GLU C 397 2.93 -4.68 40.12
CA GLU C 397 2.97 -4.41 38.69
C GLU C 397 4.30 -3.77 38.30
N ILE C 398 5.08 -3.35 39.30
CA ILE C 398 6.40 -2.74 39.14
C ILE C 398 7.38 -3.90 39.01
N LEU C 399 6.84 -5.09 38.77
CA LEU C 399 7.54 -6.35 38.59
C LEU C 399 7.34 -6.88 37.19
N THR C 400 6.12 -6.79 36.66
CA THR C 400 5.80 -7.21 35.30
C THR C 400 5.96 -6.03 34.36
N ALA C 401 6.82 -5.09 34.76
CA ALA C 401 7.19 -3.86 34.08
C ALA C 401 8.68 -3.62 34.01
N ILE C 402 9.50 -4.45 34.65
CA ILE C 402 10.95 -4.29 34.69
C ILE C 402 11.70 -5.59 34.39
N LEU C 403 10.96 -6.70 34.29
CA LEU C 403 11.60 -7.99 34.05
C LEU C 403 12.33 -8.06 32.70
N ALA C 404 11.76 -7.45 31.65
CA ALA C 404 12.43 -7.53 30.35
C ALA C 404 13.78 -6.81 30.35
N SER C 405 13.86 -5.62 30.94
CA SER C 405 15.14 -4.92 30.92
C SER C 405 16.18 -5.58 31.82
N LEU C 406 15.76 -6.24 32.91
CA LEU C 406 16.73 -6.88 33.77
C LEU C 406 17.20 -8.21 33.19
N THR C 407 16.29 -8.97 32.58
CA THR C 407 16.69 -10.23 31.99
C THR C 407 17.57 -9.94 30.79
N ALA C 408 17.26 -8.83 30.10
CA ALA C 408 18.06 -8.41 28.98
C ALA C 408 19.44 -8.05 29.47
N ARG C 409 19.51 -7.47 30.64
CA ARG C 409 20.76 -7.09 31.21
C ARG C 409 21.57 -8.30 31.44
N GLN C 410 20.91 -9.35 31.83
CA GLN C 410 21.58 -10.60 32.15
C GLN C 410 22.17 -11.22 30.90
N ASN C 411 21.36 -11.33 29.86
CA ASN C 411 21.90 -11.93 28.69
C ASN C 411 22.99 -11.07 28.07
N LEU C 412 22.70 -9.81 27.82
CA LEU C 412 23.75 -8.95 27.28
C LEU C 412 25.03 -9.01 28.13
N ARG C 413 24.88 -9.23 29.41
CA ARG C 413 26.05 -9.35 30.24
C ARG C 413 26.82 -10.60 29.88
N ARG C 414 26.13 -11.72 29.65
CA ARG C 414 26.86 -12.92 29.26
C ARG C 414 27.50 -12.74 27.91
N GLU C 415 26.71 -12.25 26.97
CA GLU C 415 27.22 -11.98 25.63
C GLU C 415 28.54 -11.23 25.67
N TRP C 416 28.59 -10.10 26.37
CA TRP C 416 29.85 -9.35 26.41
C TRP C 416 30.94 -10.12 27.14
N HIS C 417 30.61 -10.77 28.26
CA HIS C 417 31.64 -11.52 28.99
C HIS C 417 32.22 -12.58 28.08
N ALA C 418 31.40 -13.12 27.18
CA ALA C 418 31.81 -14.13 26.22
C ALA C 418 32.74 -13.52 25.17
N ARG C 419 32.36 -12.43 24.58
CA ARG C 419 33.18 -11.93 23.54
C ARG C 419 34.54 -11.70 24.11
N CYS C 420 34.58 -11.39 25.37
CA CYS C 420 35.81 -11.04 26.05
C CYS C 420 36.76 -12.24 26.12
N GLN C 421 36.24 -13.36 26.65
CA GLN C 421 37.02 -14.58 26.70
C GLN C 421 36.79 -15.45 25.48
N SER C 422 37.13 -14.97 24.32
CA SER C 422 37.05 -15.78 23.12
C SER C 422 38.47 -16.00 22.62
N ARG C 423 38.68 -16.98 21.77
CA ARG C 423 40.04 -17.20 21.37
C ARG C 423 40.57 -16.02 20.64
N ILE C 424 39.85 -15.56 19.66
CA ILE C 424 40.36 -14.41 18.94
C ILE C 424 40.51 -13.21 19.87
N ALA C 425 39.58 -13.03 20.83
CA ALA C 425 39.80 -11.86 21.67
C ALA C 425 40.97 -12.04 22.61
N ARG C 426 41.50 -13.25 22.69
CA ARG C 426 42.61 -13.47 23.58
C ARG C 426 43.95 -13.38 22.91
N THR C 427 43.96 -13.37 21.60
CA THR C 427 45.20 -13.40 20.87
C THR C 427 45.77 -12.08 20.48
N LEU C 428 45.05 -11.04 20.78
CA LEU C 428 45.48 -9.73 20.43
C LEU C 428 46.61 -9.26 21.28
N PRO C 429 47.32 -8.27 20.78
CA PRO C 429 48.42 -7.65 21.51
C PRO C 429 47.86 -6.85 22.68
N ALA C 430 48.68 -6.51 23.66
CA ALA C 430 48.20 -5.86 24.87
C ALA C 430 47.40 -4.61 24.70
N ASP C 431 47.77 -3.80 23.73
CA ASP C 431 47.08 -2.58 23.46
C ASP C 431 45.63 -2.76 23.05
N GLN C 432 45.32 -3.80 22.27
CA GLN C 432 43.97 -4.04 21.78
C GLN C 432 43.10 -5.00 22.50
N LYS C 433 43.60 -5.64 23.54
CA LYS C 433 42.80 -6.62 24.24
C LYS C 433 41.58 -6.01 24.83
N PRO C 434 40.46 -6.66 24.64
CA PRO C 434 39.18 -6.18 25.19
C PRO C 434 39.14 -6.22 26.71
N GLU C 435 38.47 -5.23 27.31
CA GLU C 435 38.33 -5.16 28.75
C GLU C 435 36.86 -5.40 29.05
N CYS C 436 36.56 -6.25 30.04
CA CYS C 436 35.16 -6.54 30.37
C CYS C 436 34.62 -5.61 31.45
N ARG C 437 34.88 -4.32 31.32
CA ARG C 437 34.38 -3.35 32.27
C ARG C 437 32.97 -2.88 31.90
N PRO C 438 32.12 -2.61 32.90
CA PRO C 438 32.32 -2.72 34.35
C PRO C 438 32.22 -4.17 34.88
N TYR C 439 33.22 -4.65 35.62
CA TYR C 439 33.17 -5.99 36.18
C TYR C 439 33.60 -5.95 37.63
N TRP C 440 32.94 -6.76 38.47
CA TRP C 440 33.33 -6.82 39.87
C TRP C 440 32.84 -8.11 40.50
N GLU C 441 33.71 -8.71 41.29
CA GLU C 441 33.41 -9.94 42.00
C GLU C 441 32.47 -9.62 43.16
N LYS C 442 31.81 -10.64 43.68
CA LYS C 442 30.81 -10.41 44.66
C LYS C 442 31.47 -9.64 45.78
N ASP C 443 32.73 -9.95 46.04
CA ASP C 443 33.41 -9.38 47.18
C ASP C 443 33.47 -7.87 47.22
N ASP C 444 33.49 -7.20 46.07
CA ASP C 444 33.58 -5.75 46.09
C ASP C 444 32.41 -5.17 46.84
N ALA C 445 32.75 -4.33 47.80
CA ALA C 445 31.81 -3.60 48.64
C ALA C 445 31.07 -2.47 47.98
N SER C 446 31.77 -1.71 47.16
CA SER C 446 31.18 -0.52 46.61
C SER C 446 29.95 -0.72 45.79
N MET C 447 29.94 -1.69 44.91
CA MET C 447 28.79 -1.87 44.07
C MET C 447 27.66 -2.36 44.93
N PRO C 448 26.52 -1.71 44.80
CA PRO C 448 25.36 -2.07 45.58
C PRO C 448 24.91 -3.46 45.27
N LEU C 449 24.88 -3.74 43.98
CA LEU C 449 24.43 -5.00 43.46
C LEU C 449 25.55 -5.68 42.74
N PRO C 450 25.36 -6.94 42.51
CA PRO C 450 26.35 -7.73 41.83
C PRO C 450 26.26 -7.64 40.32
N PHE C 451 26.97 -8.59 39.73
CA PHE C 451 27.13 -8.79 38.29
C PHE C 451 26.16 -9.82 37.76
N ASP C 452 25.03 -9.95 38.44
CA ASP C 452 23.99 -10.86 38.15
C ASP C 452 24.39 -12.28 38.29
N LEU C 453 24.50 -12.99 37.18
CA LEU C 453 24.74 -14.44 37.15
C LEU C 453 23.57 -15.08 37.89
N THR C 454 22.38 -14.67 37.45
CA THR C 454 21.03 -15.00 37.93
C THR C 454 20.64 -14.57 39.34
N ASP C 455 19.94 -15.45 40.05
CA ASP C 455 19.42 -15.27 41.40
C ASP C 455 18.32 -14.23 41.49
N ILE C 456 18.65 -12.96 41.27
CA ILE C 456 17.68 -11.91 41.37
C ILE C 456 16.60 -12.12 40.36
N VAL C 457 16.97 -12.49 39.17
CA VAL C 457 15.90 -12.66 38.20
C VAL C 457 15.07 -13.87 38.54
N SER C 458 15.73 -14.92 38.99
CA SER C 458 15.04 -16.14 39.32
C SER C 458 14.05 -15.86 40.41
N GLU C 459 14.48 -15.15 41.45
CA GLU C 459 13.60 -14.81 42.56
C GLU C 459 12.48 -13.94 42.05
N LEU C 460 12.83 -12.99 41.20
CA LEU C 460 11.93 -12.07 40.56
C LEU C 460 10.93 -12.79 39.67
N ARG C 461 11.39 -13.85 39.03
CA ARG C 461 10.55 -14.55 38.09
C ARG C 461 9.27 -15.07 38.67
N GLY C 462 9.28 -15.56 39.91
CA GLY C 462 8.09 -16.19 40.46
C GLY C 462 6.87 -15.32 40.38
N GLN C 463 5.87 -15.90 39.71
CA GLN C 463 4.61 -15.27 39.43
C GLN C 463 4.82 -13.86 38.91
P 6MA D 4 26.22 -8.64 6.30
OP1 6MA D 4 26.13 -7.23 6.85
OP2 6MA D 4 25.49 -9.01 5.03
O5' 6MA D 4 27.77 -9.00 6.14
C5' 6MA D 4 28.20 -9.91 5.13
C4' 6MA D 4 29.71 -9.79 4.97
O4' 6MA D 4 30.06 -8.40 4.85
C3' 6MA D 4 30.45 -10.34 6.17
O3' 6MA D 4 31.53 -11.13 5.68
C2' 6MA D 4 31.03 -9.13 6.88
C1' 6MA D 4 31.02 -8.02 5.83
N9 6MA D 4 30.63 -6.70 6.40
C8 6MA D 4 29.43 -6.37 6.91
N7 6MA D 4 29.41 -5.10 7.34
C5 6MA D 4 30.62 -4.57 7.10
C6 6MA D 4 31.28 -3.25 7.30
N1 6MA D 4 32.56 -3.12 6.90
C2 6MA D 4 33.24 -4.14 6.34
N3 6MA D 4 32.70 -5.35 6.13
C4 6MA D 4 31.42 -5.63 6.47
N6 6MA D 4 30.62 -2.22 7.86
C1 6MA D 4 31.22 -0.90 7.90
N GLU E 1 -31.74 23.56 16.84
CA GLU E 1 -30.79 23.30 17.90
C GLU E 1 -31.00 24.26 19.03
N PHE E 2 -31.30 23.74 20.23
CA PHE E 2 -31.56 24.62 21.35
C PHE E 2 -30.59 24.56 22.50
N TYR E 3 -30.46 23.37 23.08
CA TYR E 3 -29.55 23.14 24.18
C TYR E 3 -28.75 21.95 23.77
N GLN E 4 -27.79 22.22 22.90
CA GLN E 4 -26.93 21.24 22.30
C GLN E 4 -25.69 20.88 23.12
N GLN E 5 -25.71 19.78 23.82
CA GLN E 5 -24.43 19.52 24.34
C GLN E 5 -23.65 18.77 23.34
N TRP E 6 -23.55 19.47 22.23
CA TRP E 6 -22.73 19.09 21.10
C TRP E 6 -21.31 19.59 21.30
N GLN E 7 -21.20 20.45 22.29
CA GLN E 7 -19.96 21.03 22.66
C GLN E 7 -19.06 19.88 23.00
N LEU E 8 -19.63 18.78 23.42
CA LEU E 8 -18.77 17.66 23.71
C LEU E 8 -18.55 16.93 22.40
N LYS E 9 -17.41 17.26 21.82
CA LYS E 9 -17.04 16.79 20.53
C LYS E 9 -15.59 16.46 20.53
N TYR E 10 -15.12 16.09 19.32
CA TYR E 10 -13.71 15.70 18.98
C TYR E 10 -12.44 16.39 18.31
N PRO E 11 -11.47 15.53 18.16
CA PRO E 11 -10.08 15.68 17.78
C PRO E 11 -9.47 16.28 16.50
N LYS E 12 -9.95 16.09 15.29
CA LYS E 12 -9.33 16.68 14.16
C LYS E 12 -10.14 17.85 13.86
N LEU E 13 -11.05 18.20 14.72
CA LEU E 13 -11.86 19.37 14.54
C LEU E 13 -11.68 20.10 15.80
N ILE E 14 -11.23 21.34 15.73
CA ILE E 14 -10.92 22.15 16.88
C ILE E 14 -11.63 23.46 16.81
N LEU E 15 -12.12 23.92 17.92
CA LEU E 15 -12.89 25.15 18.00
C LEU E 15 -12.20 26.08 18.98
N ARG E 16 -12.01 27.31 18.55
CA ARG E 16 -11.41 28.31 19.39
C ARG E 16 -12.34 29.52 19.41
N GLU E 17 -12.82 29.83 20.60
CA GLU E 17 -13.76 30.90 20.75
C GLU E 17 -13.13 32.24 20.47
N ALA E 18 -13.98 33.22 20.30
CA ALA E 18 -13.60 34.61 20.05
C ALA E 18 -12.60 35.11 21.07
N SER E 19 -12.70 34.63 22.27
CA SER E 19 -11.89 35.12 23.36
C SER E 19 -10.43 34.87 23.19
N SER E 20 -10.06 34.03 22.24
CA SER E 20 -8.65 33.66 22.12
C SER E 20 -7.88 34.55 21.16
N VAL E 21 -8.56 35.29 20.29
CA VAL E 21 -7.93 36.20 19.34
C VAL E 21 -8.13 37.63 19.84
N SER E 22 -7.09 38.46 19.69
CA SER E 22 -7.12 39.87 20.10
C SER E 22 -8.32 40.62 19.54
N GLU E 23 -8.84 41.58 20.31
CA GLU E 23 -9.97 42.40 19.89
C GLU E 23 -9.55 43.45 18.86
N GLU E 24 -8.25 43.74 18.78
CA GLU E 24 -7.76 44.71 17.81
C GLU E 24 -7.85 44.07 16.43
N LEU E 25 -7.64 42.75 16.41
CA LEU E 25 -7.73 41.99 15.18
C LEU E 25 -9.19 41.82 14.84
N HIS E 26 -9.99 41.51 15.83
CA HIS E 26 -11.31 41.37 15.50
C HIS E 26 -11.76 42.59 14.79
N LYS E 27 -11.73 43.72 15.44
CA LYS E 27 -12.29 44.94 14.86
C LYS E 27 -11.67 45.16 13.49
N GLU E 28 -10.40 44.87 13.35
CA GLU E 28 -9.70 45.09 12.10
C GLU E 28 -10.22 44.23 10.95
N VAL E 29 -10.47 42.96 11.19
CA VAL E 29 -11.02 42.07 10.17
C VAL E 29 -12.52 42.29 9.95
N GLN E 30 -13.25 42.73 10.98
CA GLN E 30 -14.67 42.98 10.77
C GLN E 30 -14.85 44.24 9.94
N GLU E 31 -13.91 45.18 10.10
CA GLU E 31 -13.96 46.39 9.30
C GLU E 31 -13.60 46.02 7.88
N ALA E 32 -12.71 45.02 7.73
CA ALA E 32 -12.33 44.59 6.40
C ALA E 32 -13.53 43.96 5.70
N PHE E 33 -14.31 43.18 6.42
CA PHE E 33 -15.43 42.59 5.78
C PHE E 33 -16.37 43.65 5.36
N LEU E 34 -16.64 44.58 6.24
CA LEU E 34 -17.64 45.60 5.96
C LEU E 34 -17.23 46.51 4.81
N THR E 35 -15.97 46.95 4.79
CA THR E 35 -15.51 47.80 3.70
C THR E 35 -15.53 47.02 2.40
N LEU E 36 -14.98 45.80 2.42
CA LEU E 36 -14.96 44.95 1.25
C LEU E 36 -16.38 44.75 0.72
N HIS E 37 -17.33 44.56 1.60
CA HIS E 37 -18.72 44.39 1.16
C HIS E 37 -19.35 45.64 0.59
N LYS E 38 -19.20 46.77 1.28
CA LYS E 38 -19.79 48.01 0.77
C LYS E 38 -19.25 48.37 -0.61
N HIS E 39 -18.01 48.05 -0.88
CA HIS E 39 -17.43 48.39 -2.16
C HIS E 39 -17.87 47.45 -3.25
N GLY E 40 -18.66 46.49 -2.86
CA GLY E 40 -19.23 45.51 -3.75
C GLY E 40 -18.24 44.61 -4.44
N CYS E 41 -17.34 44.07 -3.65
CA CYS E 41 -16.38 43.17 -4.19
C CYS E 41 -16.74 41.72 -4.00
N LEU E 42 -17.77 41.42 -3.24
CA LEU E 42 -18.24 40.07 -3.00
C LEU E 42 -19.38 39.81 -3.98
N PHE E 43 -19.23 38.77 -4.79
CA PHE E 43 -20.20 38.36 -5.80
C PHE E 43 -20.48 36.87 -5.65
N ARG E 44 -21.61 36.47 -6.17
CA ARG E 44 -21.98 35.09 -6.23
C ARG E 44 -21.23 34.45 -7.38
N ASP E 45 -20.98 33.16 -7.30
CA ASP E 45 -20.34 32.47 -8.42
C ASP E 45 -21.35 31.67 -9.25
N LEU E 46 -21.18 31.76 -10.56
CA LEU E 46 -22.02 31.04 -11.52
C LEU E 46 -21.35 29.69 -11.80
N VAL E 47 -21.45 28.81 -10.80
CA VAL E 47 -20.84 27.49 -10.91
C VAL E 47 -21.62 26.62 -11.91
N ARG E 48 -20.95 25.56 -12.32
CA ARG E 48 -21.52 24.56 -13.17
C ARG E 48 -21.15 23.20 -12.65
N ILE E 49 -21.72 22.83 -11.53
CA ILE E 49 -21.48 21.51 -10.97
C ILE E 49 -22.15 20.43 -11.80
N LYS E 50 -21.38 19.50 -12.29
CA LYS E 50 -21.90 18.33 -13.02
C LYS E 50 -22.84 18.60 -14.14
N GLY E 51 -22.49 19.52 -14.99
CA GLY E 51 -23.33 19.78 -16.14
C GLY E 51 -24.46 20.74 -15.92
N LYS E 52 -24.71 21.17 -14.71
CA LYS E 52 -25.80 22.10 -14.45
C LYS E 52 -25.30 23.43 -14.04
N ASP E 53 -25.94 24.46 -14.53
CA ASP E 53 -25.59 25.84 -14.20
C ASP E 53 -26.24 26.25 -12.88
N LEU E 54 -25.43 26.65 -11.90
CA LEU E 54 -25.99 27.03 -10.62
C LEU E 54 -25.24 28.21 -10.03
N LEU E 55 -26.01 29.12 -9.43
CA LEU E 55 -25.48 30.29 -8.76
C LEU E 55 -25.25 29.93 -7.30
N THR E 56 -24.24 30.51 -6.70
CA THR E 56 -24.08 30.07 -5.34
C THR E 56 -24.82 31.00 -4.39
N PRO E 57 -25.61 30.44 -3.47
CA PRO E 57 -26.37 31.28 -2.52
C PRO E 57 -25.48 32.27 -1.80
N VAL E 58 -24.31 31.85 -1.45
CA VAL E 58 -23.35 32.66 -0.72
C VAL E 58 -22.52 33.45 -1.73
N SER E 59 -22.11 34.66 -1.33
CA SER E 59 -21.29 35.51 -2.17
C SER E 59 -19.88 35.40 -1.61
N ARG E 60 -18.88 35.39 -2.49
CA ARG E 60 -17.52 35.20 -2.01
C ARG E 60 -16.51 36.02 -2.80
N ILE E 61 -15.28 36.01 -2.29
CA ILE E 61 -14.14 36.72 -2.87
C ILE E 61 -12.88 35.97 -2.47
N LEU E 62 -12.02 35.71 -3.43
CA LEU E 62 -10.84 34.98 -3.12
C LEU E 62 -9.69 35.92 -2.99
N ILE E 63 -9.05 35.90 -1.83
CA ILE E 63 -7.93 36.77 -1.50
C ILE E 63 -6.74 35.89 -1.14
N GLY E 64 -5.55 36.25 -1.60
CA GLY E 64 -4.40 35.44 -1.25
C GLY E 64 -3.15 35.85 -2.02
N ASN E 65 -2.21 34.91 -2.08
CA ASN E 65 -0.95 35.10 -2.77
C ASN E 65 -1.17 35.56 -4.21
N PRO E 66 -0.36 36.49 -4.72
CA PRO E 66 -0.52 36.94 -6.11
C PRO E 66 -0.14 35.84 -7.09
N GLY E 67 -0.96 35.68 -8.13
CA GLY E 67 -0.67 34.66 -9.11
C GLY E 67 -1.25 33.31 -8.82
N CYS E 68 -1.97 33.15 -7.71
CA CYS E 68 -2.54 31.89 -7.31
C CYS E 68 -4.01 31.81 -7.73
N THR E 69 -4.47 30.59 -7.96
CA THR E 69 -5.84 30.32 -8.37
C THR E 69 -6.37 29.12 -7.60
N TYR E 70 -7.70 29.02 -7.54
CA TYR E 70 -8.34 27.95 -6.80
C TYR E 70 -9.43 27.36 -7.68
N LYS E 71 -9.35 26.09 -8.03
CA LYS E 71 -10.39 25.55 -8.84
C LYS E 71 -11.42 25.03 -7.92
N TYR E 72 -12.64 25.45 -8.13
CA TYR E 72 -13.70 24.77 -7.46
C TYR E 72 -14.90 24.74 -8.27
N LEU E 73 -15.43 23.56 -8.29
CA LEU E 73 -16.66 23.16 -8.97
C LEU E 73 -16.63 23.59 -10.44
N ASN E 74 -15.58 23.31 -11.14
CA ASN E 74 -15.64 23.65 -12.55
C ASN E 74 -15.57 25.10 -12.79
N THR E 75 -15.33 25.87 -11.76
CA THR E 75 -15.08 27.29 -12.02
C THR E 75 -13.76 27.58 -11.31
N ARG E 76 -12.88 28.33 -11.95
CA ARG E 76 -11.58 28.64 -11.36
C ARG E 76 -11.57 30.08 -10.89
N LEU E 77 -11.45 30.27 -9.59
CA LEU E 77 -11.42 31.62 -9.03
C LEU E 77 -9.99 32.10 -9.02
N PHE E 78 -9.83 33.40 -9.31
CA PHE E 78 -8.52 34.02 -9.39
C PHE E 78 -8.30 34.88 -8.15
N THR E 79 -7.09 34.82 -7.63
CA THR E 79 -6.73 35.52 -6.42
C THR E 79 -6.54 37.02 -6.58
N VAL E 80 -7.13 37.77 -5.68
CA VAL E 80 -6.88 39.17 -5.62
C VAL E 80 -5.71 39.14 -4.68
N PRO E 81 -4.61 39.61 -5.18
CA PRO E 81 -3.35 39.59 -4.49
C PRO E 81 -3.35 40.41 -3.25
N TRP E 82 -2.69 39.93 -2.20
CA TRP E 82 -2.63 40.66 -0.96
C TRP E 82 -1.21 41.06 -0.69
N PRO E 83 -0.99 42.14 0.06
CA PRO E 83 0.37 42.60 0.24
C PRO E 83 1.26 41.65 0.91
N VAL E 84 2.23 41.31 0.11
CA VAL E 84 3.32 40.46 0.47
C VAL E 84 4.34 40.58 -0.65
N LYS E 85 5.60 40.44 -0.30
CA LYS E 85 6.67 40.50 -1.26
C LYS E 85 7.90 39.83 -0.66
N LYS E 90 -0.43 46.24 -6.48
CA LYS E 90 -1.39 46.93 -5.64
C LYS E 90 -2.76 47.04 -6.32
N HIS E 91 -3.74 47.55 -5.59
CA HIS E 91 -5.14 47.57 -6.02
C HIS E 91 -5.56 49.00 -6.34
N THR E 92 -6.84 49.13 -6.72
CA THR E 92 -7.41 50.44 -7.08
C THR E 92 -7.88 51.61 -6.23
N GLU E 93 -8.92 51.39 -5.41
CA GLU E 93 -9.25 52.13 -4.20
C GLU E 93 -8.49 51.55 -3.01
N ALA E 94 -7.82 52.41 -2.24
CA ALA E 94 -6.87 51.88 -1.26
C ALA E 94 -7.55 51.19 -0.08
N GLU E 95 -8.89 51.23 -0.02
CA GLU E 95 -9.60 50.54 1.05
C GLU E 95 -9.45 49.05 0.86
N ILE E 96 -9.84 48.56 -0.32
CA ILE E 96 -9.75 47.15 -0.68
C ILE E 96 -8.34 46.63 -0.40
N ALA E 97 -7.32 47.45 -0.68
CA ALA E 97 -5.95 47.00 -0.44
C ALA E 97 -5.67 46.94 1.06
N ALA E 98 -6.35 47.79 1.82
CA ALA E 98 -6.14 47.74 3.27
C ALA E 98 -6.75 46.45 3.79
N ALA E 99 -7.94 46.11 3.29
CA ALA E 99 -8.60 44.87 3.70
C ALA E 99 -7.72 43.67 3.36
N CYS E 100 -7.16 43.63 2.13
CA CYS E 100 -6.30 42.50 1.79
C CYS E 100 -5.09 42.41 2.72
N GLU E 101 -4.73 43.54 3.35
CA GLU E 101 -3.60 43.54 4.26
C GLU E 101 -4.06 42.93 5.58
N THR E 102 -5.29 43.30 5.97
CA THR E 102 -5.88 42.78 7.20
C THR E 102 -6.02 41.27 7.10
N PHE E 103 -6.67 40.78 6.04
CA PHE E 103 -6.85 39.33 5.89
C PHE E 103 -5.51 38.65 5.71
N LEU E 104 -4.44 39.41 5.45
CA LEU E 104 -3.12 38.80 5.36
C LEU E 104 -2.62 38.54 6.77
N LYS E 105 -2.91 39.47 7.70
CA LYS E 105 -2.46 39.25 9.06
C LYS E 105 -3.34 38.21 9.74
N LEU E 106 -4.63 38.16 9.38
CA LEU E 106 -5.49 37.12 9.93
C LEU E 106 -4.98 35.77 9.49
N ASN E 107 -4.58 35.67 8.21
CA ASN E 107 -4.05 34.41 7.71
C ASN E 107 -2.82 33.98 8.50
N ASP E 108 -1.85 34.88 8.67
CA ASP E 108 -0.66 34.51 9.44
C ASP E 108 -1.00 34.07 10.87
N TYR E 109 -1.90 34.80 11.55
CA TYR E 109 -2.26 34.44 12.91
C TYR E 109 -2.82 33.02 12.97
N LEU E 110 -3.94 32.80 12.27
CA LEU E 110 -4.55 31.47 12.25
C LEU E 110 -3.54 30.41 11.84
N GLN E 111 -2.63 30.75 10.93
CA GLN E 111 -1.61 29.79 10.50
C GLN E 111 -0.80 29.34 11.71
N ILE E 112 -0.38 30.29 12.54
CA ILE E 112 0.39 29.96 13.74
C ILE E 112 -0.45 29.10 14.67
N GLU E 113 -1.68 29.52 14.96
CA GLU E 113 -2.57 28.74 15.80
C GLU E 113 -2.73 27.32 15.26
N THR E 114 -2.68 27.18 13.93
CA THR E 114 -2.87 25.89 13.30
C THR E 114 -1.65 25.00 13.50
N ILE E 115 -0.45 25.48 13.16
CA ILE E 115 0.71 24.61 13.38
C ILE E 115 0.73 24.18 14.84
N GLN E 116 0.46 25.12 15.76
CA GLN E 116 0.40 24.79 17.18
C GLN E 116 -0.56 23.62 17.40
N ALA E 117 -1.86 23.84 17.12
CA ALA E 117 -2.87 22.79 17.31
C ALA E 117 -2.49 21.46 16.65
N LEU E 118 -1.70 21.48 15.57
CA LEU E 118 -1.32 20.22 14.93
C LEU E 118 -0.25 19.54 15.75
N GLU E 119 0.56 20.33 16.46
CA GLU E 119 1.56 19.73 17.33
C GLU E 119 0.84 19.14 18.53
N GLU E 120 -0.09 19.91 19.11
CA GLU E 120 -0.89 19.42 20.22
C GLU E 120 -1.65 18.16 19.81
N LEU E 121 -1.87 18.00 18.49
CA LEU E 121 -2.58 16.86 17.92
C LEU E 121 -1.71 15.61 17.88
N ALA E 122 -0.45 15.76 17.44
CA ALA E 122 0.46 14.62 17.34
C ALA E 122 0.48 13.76 18.60
N ALA E 123 0.18 14.33 19.77
CA ALA E 123 0.16 13.55 21.00
C ALA E 123 -1.04 12.62 21.03
N VAL E 155 8.45 18.56 9.72
CA VAL E 155 8.37 19.41 8.54
C VAL E 155 7.00 19.31 7.88
N ASP E 156 6.37 18.14 7.96
CA ASP E 156 5.05 17.90 7.38
C ASP E 156 3.98 18.83 7.95
N ILE E 157 4.01 19.06 9.26
CA ILE E 157 3.02 19.94 9.89
C ILE E 157 3.12 21.37 9.32
N LYS E 158 4.33 21.90 9.24
CA LYS E 158 4.52 23.24 8.71
C LYS E 158 3.94 23.37 7.31
N SER E 159 4.24 22.41 6.44
CA SER E 159 3.75 22.49 5.06
C SER E 159 2.23 22.33 5.01
N ARG E 160 1.67 21.42 5.80
CA ARG E 160 0.23 21.20 5.81
C ARG E 160 -0.55 22.35 6.44
N ALA E 161 0.12 23.33 7.04
CA ALA E 161 -0.59 24.47 7.63
C ALA E 161 -0.23 25.81 6.97
N ALA E 162 0.51 25.79 5.87
CA ALA E 162 0.96 27.00 5.16
C ALA E 162 -0.13 27.48 4.20
N TYR E 163 -1.14 28.16 4.76
CA TYR E 163 -2.26 28.65 3.97
C TYR E 163 -1.81 29.66 2.93
N ASN E 164 -2.19 29.42 1.66
CA ASN E 164 -1.83 30.31 0.58
C ASN E 164 -3.00 31.12 0.04
N VAL E 165 -4.24 30.84 0.44
CA VAL E 165 -5.39 31.59 -0.03
C VAL E 165 -6.48 31.57 1.03
N THR E 166 -7.46 32.44 0.87
CA THR E 166 -8.63 32.48 1.75
C THR E 166 -9.83 32.87 0.90
N LEU E 167 -10.91 32.12 1.06
CA LEU E 167 -12.14 32.37 0.34
C LEU E 167 -13.08 33.01 1.34
N LEU E 168 -13.52 34.22 1.05
CA LEU E 168 -14.42 34.93 1.95
C LEU E 168 -15.84 34.71 1.49
N ASN E 169 -16.75 34.57 2.44
CA ASN E 169 -18.14 34.33 2.14
C ASN E 169 -18.99 35.32 2.93
N PHE E 170 -20.20 35.52 2.42
CA PHE E 170 -21.19 36.40 3.00
C PHE E 170 -22.58 35.99 2.56
N MET E 171 -23.54 36.22 3.45
CA MET E 171 -24.93 35.94 3.14
C MET E 171 -25.78 36.72 4.13
N ASP E 172 -27.05 36.84 3.78
CA ASP E 172 -28.04 37.54 4.59
C ASP E 172 -29.24 36.61 4.64
N PRO E 173 -29.51 35.97 5.77
CA PRO E 173 -30.54 34.92 5.80
C PRO E 173 -31.92 35.47 5.57
N GLN E 174 -32.14 36.74 5.87
CA GLN E 174 -33.46 37.32 5.60
C GLN E 174 -33.69 37.32 4.09
N LYS E 175 -32.82 38.03 3.36
CA LYS E 175 -32.89 38.10 1.90
C LYS E 175 -32.98 36.74 1.21
N MET E 176 -32.72 35.65 1.93
CA MET E 176 -32.79 34.27 1.43
C MET E 176 -34.05 33.58 1.94
N PRO E 177 -35.23 33.92 1.42
CA PRO E 177 -36.47 33.27 1.91
C PRO E 177 -36.54 31.76 1.72
N TYR E 178 -35.92 31.18 0.68
CA TYR E 178 -36.00 29.73 0.47
C TYR E 178 -34.65 29.01 0.41
N LEU E 179 -34.14 28.61 1.55
CA LEU E 179 -32.89 27.87 1.63
C LEU E 179 -33.19 26.39 1.76
N LYS E 180 -32.28 25.56 1.27
CA LYS E 180 -32.50 24.13 1.36
C LYS E 180 -32.33 23.70 2.82
N GLU E 181 -33.14 22.76 3.25
CA GLU E 181 -33.07 22.28 4.61
C GLU E 181 -32.17 21.05 4.61
N GLU E 182 -31.35 20.94 5.65
CA GLU E 182 -30.45 19.81 5.79
C GLU E 182 -31.31 18.55 5.72
N PRO E 183 -31.05 17.65 4.77
CA PRO E 183 -31.88 16.46 4.58
C PRO E 183 -31.56 15.24 5.44
N TYR E 184 -30.69 15.31 6.44
CA TYR E 184 -30.41 14.09 7.19
C TYR E 184 -30.62 14.21 8.70
N PHE E 185 -30.42 15.38 9.31
CA PHE E 185 -30.56 15.46 10.75
C PHE E 185 -31.46 16.62 11.19
N GLY E 186 -32.30 17.13 10.28
CA GLY E 186 -33.22 18.21 10.62
C GLY E 186 -32.53 19.39 11.26
N MET E 187 -31.40 19.80 10.69
CA MET E 187 -30.61 20.91 11.18
C MET E 187 -31.09 22.23 10.61
N GLY E 188 -32.25 22.23 9.95
CA GLY E 188 -32.83 23.42 9.38
C GLY E 188 -32.18 23.86 8.09
N LYS E 189 -32.36 25.14 7.81
CA LYS E 189 -31.82 25.76 6.60
C LYS E 189 -30.30 25.76 6.62
N MET E 190 -29.71 25.74 5.44
CA MET E 190 -28.25 25.74 5.28
C MET E 190 -27.87 26.63 4.11
N ALA E 191 -26.80 27.40 4.30
CA ALA E 191 -26.30 28.32 3.27
C ALA E 191 -25.33 27.65 2.31
N VAL E 192 -24.85 26.46 2.62
CA VAL E 192 -23.91 25.70 1.81
C VAL E 192 -24.13 24.25 2.19
N SER E 193 -24.71 23.48 1.27
CA SER E 193 -25.03 22.09 1.47
C SER E 193 -23.77 21.24 1.69
N TRP E 194 -24.02 20.01 2.13
CA TRP E 194 -22.98 19.02 2.41
C TRP E 194 -22.01 18.94 1.25
N HIS E 195 -20.73 19.15 1.55
CA HIS E 195 -19.71 19.09 0.52
C HIS E 195 -18.36 18.83 1.14
N HIS E 196 -17.36 18.83 0.28
CA HIS E 196 -15.97 18.67 0.63
C HIS E 196 -15.22 19.90 0.11
N ASP E 197 -14.17 20.30 0.82
CA ASP E 197 -13.35 21.41 0.33
C ASP E 197 -12.42 20.77 -0.69
N GLU E 198 -12.48 21.32 -1.88
CA GLU E 198 -11.79 20.82 -3.04
C GLU E 198 -10.55 21.55 -3.47
N ASN E 199 -9.65 20.89 -4.18
CA ASN E 199 -8.44 21.55 -4.66
C ASN E 199 -7.49 21.87 -3.50
N LEU E 200 -7.36 20.97 -2.52
CA LEU E 200 -6.46 21.15 -1.39
C LEU E 200 -5.34 20.13 -1.39
N VAL E 201 -4.19 20.58 -0.86
CA VAL E 201 -3.06 19.70 -0.71
C VAL E 201 -3.47 18.59 0.26
N ASP E 202 -3.02 17.37 -0.02
CA ASP E 202 -3.35 16.22 0.81
C ASP E 202 -3.11 16.47 2.30
N ARG E 203 -4.09 16.04 3.12
CA ARG E 203 -4.07 16.11 4.60
C ARG E 203 -3.90 17.53 5.14
N SER E 204 -4.13 18.54 4.32
CA SER E 204 -3.98 19.91 4.77
C SER E 204 -5.12 20.38 5.66
N ALA E 205 -4.79 21.26 6.59
CA ALA E 205 -5.78 21.82 7.50
C ALA E 205 -6.41 23.06 6.86
N VAL E 206 -7.53 23.49 7.44
CA VAL E 206 -8.26 24.67 7.00
C VAL E 206 -8.71 25.43 8.23
N ALA E 207 -8.54 26.75 8.24
CA ALA E 207 -8.92 27.56 9.38
C ALA E 207 -9.99 28.54 8.90
N VAL E 208 -11.07 28.70 9.66
CA VAL E 208 -12.15 29.58 9.26
C VAL E 208 -12.52 30.55 10.38
N TYR E 209 -12.60 31.84 10.04
CA TYR E 209 -13.01 32.89 10.96
C TYR E 209 -14.42 33.31 10.56
N SER E 210 -15.37 33.15 11.49
CA SER E 210 -16.78 33.44 11.30
C SER E 210 -17.15 34.81 11.84
N TYR E 211 -17.91 35.58 11.06
CA TYR E 211 -18.33 36.92 11.44
C TYR E 211 -19.85 37.09 11.40
N SER E 212 -20.48 36.75 12.52
CA SER E 212 -21.91 36.85 12.74
C SER E 212 -22.15 38.26 13.26
N CYS E 213 -22.83 39.10 12.47
CA CYS E 213 -23.08 40.48 12.87
C CYS E 213 -24.42 40.56 13.59
N GLU E 214 -24.34 40.82 14.89
CA GLU E 214 -25.45 40.75 15.82
C GLU E 214 -25.61 42.06 16.58
N ASP E 232 -31.69 30.65 15.45
CA ASP E 232 -31.39 32.04 15.10
C ASP E 232 -29.89 32.28 15.07
N ILE E 233 -29.13 31.22 15.31
CA ILE E 233 -27.68 31.26 15.34
C ILE E 233 -27.13 30.33 14.26
N TRP E 234 -26.01 30.73 13.67
CA TRP E 234 -25.33 29.96 12.64
C TRP E 234 -24.57 28.80 13.23
N HIS E 235 -24.50 27.71 12.47
CA HIS E 235 -23.81 26.52 12.94
C HIS E 235 -23.07 25.91 11.76
N VAL E 236 -22.08 25.08 12.03
CA VAL E 236 -21.42 24.34 10.96
C VAL E 236 -21.68 22.87 11.21
N GLY E 237 -22.13 22.16 10.18
CA GLY E 237 -22.43 20.75 10.29
C GLY E 237 -21.25 19.91 9.84
N PHE E 238 -21.19 18.70 10.37
CA PHE E 238 -20.15 17.73 10.06
C PHE E 238 -20.84 16.38 10.04
N LYS E 239 -20.34 15.49 9.19
CA LYS E 239 -20.90 14.15 9.06
C LYS E 239 -19.90 13.27 8.36
N ILE E 240 -20.09 11.97 8.50
CA ILE E 240 -19.19 11.08 7.79
C ILE E 240 -19.79 11.05 6.40
N SER E 241 -18.92 11.15 5.40
CA SER E 241 -19.32 11.19 3.99
C SER E 241 -20.20 10.05 3.47
N TRP E 242 -19.67 8.83 3.40
CA TRP E 242 -20.45 7.70 2.90
C TRP E 242 -21.57 7.27 3.84
N ASP E 243 -21.47 7.57 5.12
CA ASP E 243 -22.45 7.11 6.12
C ASP E 243 -23.61 8.09 6.29
N ILE E 244 -24.82 7.62 5.98
CA ILE E 244 -26.02 8.42 6.06
C ILE E 244 -26.89 7.86 7.18
N GLU E 245 -26.26 7.49 8.30
CA GLU E 245 -27.04 6.94 9.42
C GLU E 245 -26.45 7.26 10.79
N THR E 246 -25.35 8.01 10.87
CA THR E 246 -24.77 8.47 12.12
C THR E 246 -25.13 9.92 12.35
N PRO E 247 -25.88 10.25 13.41
CA PRO E 247 -26.26 11.65 13.64
C PRO E 247 -25.06 12.59 13.50
N GLY E 248 -25.25 13.63 12.68
CA GLY E 248 -24.20 14.60 12.41
C GLY E 248 -24.03 15.63 13.52
N LEU E 249 -22.87 16.26 13.51
CA LEU E 249 -22.52 17.26 14.52
C LEU E 249 -22.77 18.67 14.01
N ALA E 250 -23.46 19.47 14.80
CA ALA E 250 -23.78 20.88 14.51
C ALA E 250 -23.10 21.72 15.58
N ILE E 251 -21.98 22.36 15.28
CA ILE E 251 -21.28 23.16 16.30
C ILE E 251 -21.68 24.63 16.17
N PRO E 252 -22.21 25.23 17.24
CA PRO E 252 -22.61 26.64 17.24
C PRO E 252 -21.47 27.59 16.91
N LEU E 253 -21.78 28.59 16.09
CA LEU E 253 -20.80 29.59 15.66
C LEU E 253 -21.30 30.97 16.09
N HIS E 254 -20.57 31.59 17.04
CA HIS E 254 -20.84 32.90 17.61
C HIS E 254 -19.88 33.96 17.09
N GLN E 255 -20.30 35.23 17.19
CA GLN E 255 -19.51 36.37 16.76
C GLN E 255 -18.06 36.31 17.24
N GLY E 256 -17.13 36.05 16.33
CA GLY E 256 -15.71 36.02 16.66
C GLY E 256 -15.10 34.65 16.77
N ASP E 257 -15.89 33.59 16.73
CA ASP E 257 -15.37 32.23 16.83
C ASP E 257 -14.68 31.78 15.55
N CYS E 258 -13.67 30.92 15.73
CA CYS E 258 -12.91 30.35 14.64
C CYS E 258 -12.86 28.85 14.82
N TYR E 259 -12.97 28.10 13.73
CA TYR E 259 -12.89 26.65 13.84
C TYR E 259 -11.90 26.14 12.82
N PHE E 260 -11.25 25.04 13.17
CA PHE E 260 -10.21 24.43 12.37
C PHE E 260 -10.58 22.99 12.02
N MET E 261 -10.21 22.60 10.81
CA MET E 261 -10.37 21.25 10.27
C MET E 261 -8.95 20.74 10.04
N LEU E 262 -8.57 19.67 10.72
CA LEU E 262 -7.21 19.19 10.63
C LEU E 262 -7.09 17.81 10.01
N ASP E 263 -5.94 17.57 9.38
CA ASP E 263 -5.56 16.28 8.80
C ASP E 263 -6.57 15.85 7.74
N ASP E 264 -7.03 14.60 7.76
CA ASP E 264 -7.95 14.02 6.81
C ASP E 264 -9.42 14.25 7.13
N LEU E 265 -9.73 15.16 8.06
CA LEU E 265 -11.14 15.42 8.38
C LEU E 265 -11.92 15.80 7.14
N ASN E 266 -11.40 16.75 6.34
CA ASN E 266 -12.09 17.17 5.12
C ASN E 266 -12.32 16.01 4.17
N ALA E 267 -11.49 14.97 4.23
CA ALA E 267 -11.66 13.84 3.32
C ALA E 267 -12.57 12.76 3.88
N THR E 268 -12.55 12.55 5.19
CA THR E 268 -13.39 11.51 5.79
C THR E 268 -14.79 12.03 6.10
N HIS E 269 -14.92 13.32 6.36
CA HIS E 269 -16.19 13.95 6.68
C HIS E 269 -16.56 15.01 5.67
N LYS E 270 -17.87 15.17 5.48
CA LYS E 270 -18.48 16.28 4.76
C LYS E 270 -18.96 17.31 5.78
N HIS E 271 -19.01 18.57 5.34
CA HIS E 271 -19.49 19.62 6.23
C HIS E 271 -20.42 20.55 5.46
N CYS E 272 -21.22 21.28 6.24
CA CYS E 272 -22.14 22.26 5.69
C CYS E 272 -22.15 23.44 6.66
N VAL E 273 -22.94 24.46 6.36
CA VAL E 273 -23.06 25.62 7.23
C VAL E 273 -24.54 25.93 7.41
N LEU E 274 -25.11 25.51 8.54
CA LEU E 274 -26.51 25.82 8.78
C LEU E 274 -26.61 27.31 9.03
N ALA E 275 -27.62 27.92 8.41
CA ALA E 275 -27.81 29.36 8.50
C ALA E 275 -28.51 29.77 9.78
N GLY E 276 -28.21 30.98 10.23
CA GLY E 276 -28.79 31.58 11.40
C GLY E 276 -29.85 32.59 11.03
N SER E 277 -30.04 33.58 11.90
CA SER E 277 -31.06 34.61 11.67
C SER E 277 -30.47 35.96 11.28
N GLN E 278 -29.23 36.22 11.64
CA GLN E 278 -28.57 37.47 11.31
C GLN E 278 -27.68 37.26 10.11
N PRO E 279 -27.10 38.31 9.54
CA PRO E 279 -26.23 38.10 8.38
C PRO E 279 -24.86 37.65 8.84
N ARG E 280 -24.08 37.05 7.97
CA ARG E 280 -22.80 36.54 8.35
C ARG E 280 -21.77 36.52 7.26
N PHE E 281 -20.56 36.87 7.63
CA PHE E 281 -19.34 36.95 6.87
C PHE E 281 -18.49 35.77 7.29
N SER E 282 -17.38 35.57 6.59
CA SER E 282 -16.48 34.47 6.94
C SER E 282 -15.27 34.46 6.05
N SER E 283 -14.12 34.10 6.61
CA SER E 283 -12.89 33.99 5.84
C SER E 283 -12.38 32.58 6.04
N THR E 284 -12.38 31.80 4.97
CA THR E 284 -11.94 30.41 5.02
C THR E 284 -10.50 30.40 4.52
N HIS E 285 -9.56 30.37 5.45
CA HIS E 285 -8.16 30.34 5.07
C HIS E 285 -7.82 28.88 4.75
N ARG E 286 -7.25 28.66 3.59
CA ARG E 286 -6.90 27.32 3.19
C ARG E 286 -5.56 27.35 2.47
N VAL E 287 -5.02 26.16 2.26
CA VAL E 287 -3.77 26.01 1.54
C VAL E 287 -4.14 25.28 0.26
N ALA E 288 -4.56 26.05 -0.73
CA ALA E 288 -4.98 25.48 -1.99
C ALA E 288 -3.80 24.80 -2.65
N GLU E 289 -4.04 23.60 -3.16
CA GLU E 289 -3.00 22.88 -3.86
C GLU E 289 -2.92 23.61 -5.17
N CYS E 290 -1.83 24.37 -5.37
CA CYS E 290 -1.74 25.20 -6.55
C CYS E 290 -0.66 24.74 -7.51
N SER E 291 -0.37 23.45 -7.51
CA SER E 291 0.53 22.96 -8.52
C SER E 291 -0.30 23.02 -9.78
N THR E 292 0.34 23.21 -10.94
CA THR E 292 -0.37 23.33 -12.22
C THR E 292 -1.49 24.39 -12.12
N GLY E 293 -1.43 25.25 -11.10
CA GLY E 293 -2.43 26.26 -10.87
C GLY E 293 -1.99 27.70 -10.68
N THR E 294 -0.74 28.04 -10.97
CA THR E 294 -0.29 29.41 -10.82
C THR E 294 0.12 30.00 -12.17
N LEU E 295 0.17 31.33 -12.22
CA LEU E 295 0.58 32.04 -13.43
C LEU E 295 1.97 31.65 -13.89
N ASP E 296 2.90 31.45 -12.94
CA ASP E 296 4.26 31.08 -13.29
C ASP E 296 4.26 29.72 -13.98
N TYR E 297 3.48 28.78 -13.44
CA TYR E 297 3.39 27.45 -14.01
C TYR E 297 2.86 27.49 -15.44
N ILE E 298 1.76 28.20 -15.67
CA ILE E 298 1.19 28.22 -17.01
C ILE E 298 2.09 28.97 -17.99
N LEU E 299 2.76 30.03 -17.55
CA LEU E 299 3.68 30.71 -18.46
C LEU E 299 4.81 29.76 -18.88
N GLN E 300 5.47 29.16 -17.89
CA GLN E 300 6.54 28.22 -18.19
C GLN E 300 6.02 27.11 -19.10
N ARG E 301 4.83 26.59 -18.79
CA ARG E 301 4.21 25.55 -19.61
C ARG E 301 4.07 26.01 -21.06
N CYS E 302 3.71 27.28 -21.25
CA CYS E 302 3.55 27.81 -22.59
C CYS E 302 4.90 27.86 -23.30
N GLN E 303 5.89 28.51 -22.68
CA GLN E 303 7.20 28.58 -23.31
C GLN E 303 7.69 27.18 -23.65
N LEU E 304 7.24 26.19 -22.87
CA LEU E 304 7.66 24.82 -23.10
C LEU E 304 7.01 24.29 -24.37
N ALA E 305 5.72 24.57 -24.57
CA ALA E 305 5.12 24.06 -25.81
C ALA E 305 5.61 24.84 -27.03
N LEU E 306 5.64 26.18 -26.93
CA LEU E 306 6.11 26.98 -28.06
C LEU E 306 7.62 26.91 -28.29
N GLN E 307 8.37 26.19 -27.46
CA GLN E 307 9.80 26.08 -27.71
C GLN E 307 10.08 25.20 -28.92
N ASN E 308 9.07 24.53 -29.45
CA ASN E 308 9.17 23.64 -30.61
C ASN E 308 8.71 24.35 -31.88
N VAL E 309 8.51 25.67 -31.81
CA VAL E 309 8.17 26.48 -32.97
C VAL E 309 9.05 27.73 -33.01
N ASP E 317 2.28 33.81 -39.92
CA ASP E 317 3.45 33.09 -40.39
C ASP E 317 4.06 32.28 -39.25
N VAL E 318 3.79 30.96 -39.23
CA VAL E 318 4.17 30.10 -38.12
C VAL E 318 4.72 28.79 -38.66
N SER E 319 5.97 28.48 -38.31
CA SER E 319 6.60 27.24 -38.75
C SER E 319 7.06 26.45 -37.53
N LEU E 320 6.79 25.14 -37.52
CA LEU E 320 7.14 24.28 -36.40
C LEU E 320 8.49 23.59 -36.61
N LYS E 321 9.27 23.52 -35.54
CA LYS E 321 10.59 22.90 -35.59
C LYS E 321 10.55 21.39 -35.76
N SER E 322 9.44 20.71 -35.42
CA SER E 322 9.38 19.27 -35.62
C SER E 322 7.96 18.75 -35.51
N PHE E 323 7.75 17.57 -36.12
CA PHE E 323 6.48 16.86 -36.15
C PHE E 323 6.55 15.47 -35.53
N GLU E 324 7.38 15.29 -34.51
CA GLU E 324 7.48 13.99 -33.86
C GLU E 324 6.16 13.70 -33.15
N PRO E 325 5.40 12.68 -33.57
CA PRO E 325 4.10 12.37 -32.95
C PRO E 325 3.95 12.55 -31.43
N ALA E 326 5.01 12.32 -30.65
CA ALA E 326 4.92 12.46 -29.19
C ALA E 326 4.84 13.91 -28.75
N VAL E 327 5.72 14.78 -29.26
CA VAL E 327 5.77 16.19 -28.88
C VAL E 327 4.53 16.98 -29.31
N LEU E 328 3.89 16.62 -30.42
CA LEU E 328 2.71 17.36 -30.85
C LEU E 328 1.57 17.15 -29.88
N LYS E 329 1.45 15.94 -29.33
CA LYS E 329 0.42 15.66 -28.34
C LYS E 329 0.53 16.68 -27.21
N GLN E 330 1.68 16.68 -26.52
CA GLN E 330 1.93 17.62 -25.42
C GLN E 330 1.70 19.07 -25.85
N GLY E 331 1.97 19.39 -27.11
CA GLY E 331 1.77 20.76 -27.57
C GLY E 331 0.30 21.12 -27.58
N GLU E 332 -0.53 20.22 -28.08
CA GLU E 332 -1.96 20.51 -28.14
C GLU E 332 -2.55 20.45 -26.74
N GLU E 333 -1.95 19.66 -25.85
CA GLU E 333 -2.45 19.62 -24.48
C GLU E 333 -2.22 20.96 -23.80
N ILE E 334 -1.01 21.52 -23.93
CA ILE E 334 -0.79 22.84 -23.32
C ILE E 334 -1.73 23.84 -23.96
N HIS E 335 -2.01 23.69 -25.26
CA HIS E 335 -2.94 24.59 -25.93
C HIS E 335 -4.31 24.54 -25.27
N ASN E 336 -4.82 23.33 -25.04
CA ASN E 336 -6.12 23.16 -24.38
C ASN E 336 -6.10 23.71 -22.96
N GLU E 337 -5.05 23.41 -22.21
CA GLU E 337 -4.95 23.88 -20.83
C GLU E 337 -5.03 25.39 -20.75
N VAL E 338 -4.23 26.08 -21.56
CA VAL E 338 -4.25 27.53 -21.52
C VAL E 338 -5.58 28.09 -22.02
N GLU E 339 -6.19 27.45 -23.01
CA GLU E 339 -7.45 27.96 -23.53
C GLU E 339 -8.61 27.83 -22.53
N PHE E 340 -8.89 26.61 -22.05
CA PHE E 340 -10.07 26.39 -21.20
C PHE E 340 -9.84 26.44 -19.70
N GLU E 341 -8.62 26.26 -19.21
CA GLU E 341 -8.47 26.28 -17.77
C GLU E 341 -8.16 27.68 -17.23
N TRP E 342 -7.73 28.59 -18.11
CA TRP E 342 -7.38 29.94 -17.72
C TRP E 342 -8.10 31.05 -18.50
N LEU E 343 -7.93 31.09 -19.83
CA LEU E 343 -8.54 32.14 -20.63
C LEU E 343 -10.06 32.13 -20.59
N ARG E 344 -10.70 31.05 -21.03
CA ARG E 344 -12.17 31.03 -21.03
C ARG E 344 -12.70 31.11 -19.61
N GLN E 345 -11.92 30.61 -18.66
CA GLN E 345 -12.34 30.63 -17.26
C GLN E 345 -12.29 32.05 -16.73
N PHE E 346 -11.23 32.79 -17.09
CA PHE E 346 -11.08 34.16 -16.62
C PHE E 346 -12.13 35.06 -17.24
N TRP E 347 -12.35 34.95 -18.55
CA TRP E 347 -13.33 35.86 -19.11
C TRP E 347 -14.75 35.45 -18.76
N PHE E 348 -15.01 34.19 -18.56
CA PHE E 348 -16.37 33.88 -18.25
C PHE E 348 -16.71 34.56 -16.99
N GLN E 349 -15.83 34.50 -16.02
CA GLN E 349 -16.12 35.04 -14.74
C GLN E 349 -15.05 35.81 -13.96
N GLY E 350 -14.02 36.37 -14.58
CA GLY E 350 -12.99 37.06 -13.82
C GLY E 350 -13.01 38.56 -13.65
N ASN E 351 -13.56 39.24 -14.61
CA ASN E 351 -13.55 40.70 -14.60
C ASN E 351 -14.51 41.29 -13.58
N ARG E 352 -15.11 40.40 -12.78
CA ARG E 352 -15.86 40.85 -11.65
C ARG E 352 -14.85 41.37 -10.65
N TYR E 353 -13.82 40.58 -10.33
CA TYR E 353 -12.73 41.08 -9.49
C TYR E 353 -11.99 42.27 -10.09
N ARG E 354 -12.16 42.53 -11.40
CA ARG E 354 -11.51 43.67 -12.04
C ARG E 354 -12.03 44.99 -11.50
N LYS E 355 -13.21 44.99 -10.89
CA LYS E 355 -13.82 46.18 -10.31
C LYS E 355 -13.15 46.51 -8.96
N CYS E 356 -12.26 45.64 -8.49
CA CYS E 356 -11.52 45.81 -7.23
C CYS E 356 -10.01 45.64 -7.40
N THR E 357 -9.53 45.09 -8.52
CA THR E 357 -8.09 44.97 -8.77
C THR E 357 -7.85 44.75 -10.26
N ASP E 358 -6.67 45.21 -10.72
CA ASP E 358 -6.25 45.10 -12.12
C ASP E 358 -5.11 44.12 -12.37
N TRP E 359 -4.53 43.56 -11.31
CA TRP E 359 -3.40 42.64 -11.34
C TRP E 359 -3.35 41.62 -12.48
N TRP E 360 -4.49 41.00 -12.80
CA TRP E 360 -4.54 39.94 -13.80
C TRP E 360 -4.75 40.41 -15.25
N CYS E 361 -5.02 41.71 -15.48
CA CYS E 361 -5.29 42.21 -16.84
C CYS E 361 -4.17 41.93 -17.84
N GLN E 362 -2.94 42.33 -17.50
CA GLN E 362 -1.83 42.17 -18.44
C GLN E 362 -1.36 40.72 -18.57
N PRO E 363 -1.30 39.92 -17.50
CA PRO E 363 -0.88 38.53 -17.71
C PRO E 363 -1.89 37.78 -18.54
N MET E 364 -3.19 38.10 -18.41
CA MET E 364 -4.19 37.42 -19.21
C MET E 364 -4.10 37.88 -20.66
N ALA E 365 -3.55 39.08 -20.89
CA ALA E 365 -3.39 39.53 -22.27
C ALA E 365 -2.19 38.82 -22.89
N GLN E 366 -1.19 38.51 -22.07
CA GLN E 366 -0.04 37.79 -22.60
C GLN E 366 -0.39 36.33 -22.84
N LEU E 367 -1.22 35.74 -21.97
CA LEU E 367 -1.59 34.35 -22.18
C LEU E 367 -2.49 34.23 -23.40
N GLU E 368 -3.26 35.29 -23.70
CA GLU E 368 -4.10 35.20 -24.89
C GLU E 368 -3.24 35.34 -26.15
N ALA E 369 -2.25 36.24 -26.16
CA ALA E 369 -1.40 36.35 -27.34
C ALA E 369 -0.70 35.01 -27.62
N LEU E 370 -0.08 34.42 -26.58
CA LEU E 370 0.57 33.12 -26.75
C LEU E 370 -0.43 32.10 -27.27
N TRP E 371 -1.64 32.08 -26.70
CA TRP E 371 -2.65 31.13 -27.16
C TRP E 371 -2.97 31.34 -28.64
N LYS E 372 -3.16 32.59 -29.08
CA LYS E 372 -3.45 32.84 -30.49
C LYS E 372 -2.34 32.24 -31.35
N LYS E 373 -1.09 32.42 -30.93
CA LYS E 373 0.03 31.84 -31.67
C LYS E 373 -0.07 30.32 -31.69
N MET E 374 -0.53 29.72 -30.59
CA MET E 374 -0.68 28.27 -30.56
C MET E 374 -1.77 27.86 -31.55
N GLU E 375 -2.79 28.71 -31.73
CA GLU E 375 -3.79 28.39 -32.74
C GLU E 375 -3.12 28.36 -34.10
N GLY E 376 -2.16 29.27 -34.30
CA GLY E 376 -1.43 29.29 -35.56
C GLY E 376 -0.57 28.05 -35.74
N VAL E 377 -0.14 27.42 -34.64
CA VAL E 377 0.66 26.23 -34.83
C VAL E 377 -0.29 25.10 -35.15
N THR E 378 -1.51 25.15 -34.60
CA THR E 378 -2.49 24.12 -34.93
C THR E 378 -2.77 24.15 -36.43
N ASN E 379 -3.07 25.35 -36.95
CA ASN E 379 -3.31 25.48 -38.39
C ASN E 379 -2.13 24.96 -39.19
N ALA E 380 -0.92 25.23 -38.70
CA ALA E 380 0.29 24.73 -39.37
C ALA E 380 0.28 23.21 -39.45
N VAL E 381 0.14 22.54 -38.29
CA VAL E 381 0.11 21.09 -38.26
C VAL E 381 -0.97 20.55 -39.17
N LEU E 382 -2.12 21.25 -39.23
CA LEU E 382 -3.21 20.82 -40.10
C LEU E 382 -2.76 20.90 -41.55
N HIS E 383 -1.90 21.87 -41.87
CA HIS E 383 -1.39 22.02 -43.22
C HIS E 383 -0.37 20.93 -43.53
N GLU E 384 0.31 20.41 -42.50
CA GLU E 384 1.31 19.37 -42.70
C GLU E 384 0.67 18.02 -43.02
N VAL E 385 -0.41 17.66 -42.32
CA VAL E 385 -1.05 16.36 -42.53
C VAL E 385 -1.50 16.17 -43.98
N GLN E 394 2.55 7.21 -44.85
CA GLN E 394 1.48 6.65 -44.04
C GLN E 394 1.73 6.89 -42.54
N ARG E 395 2.93 7.37 -42.22
CA ARG E 395 3.27 7.67 -40.83
C ARG E 395 2.40 8.81 -40.33
N ASN E 396 1.14 8.49 -40.11
CA ASN E 396 0.09 9.38 -39.61
C ASN E 396 -0.21 9.17 -38.14
N GLU E 397 0.82 8.90 -37.34
CA GLU E 397 0.58 8.77 -35.90
C GLU E 397 0.38 10.13 -35.27
N ILE E 398 0.60 11.21 -36.04
CA ILE E 398 0.42 12.58 -35.58
C ILE E 398 -1.06 12.87 -35.72
N LEU E 399 -1.82 11.80 -35.90
CA LEU E 399 -3.28 11.75 -36.04
C LEU E 399 -3.89 10.95 -34.90
N THR E 400 -3.26 9.82 -34.53
CA THR E 400 -3.74 9.02 -33.41
C THR E 400 -3.02 9.43 -32.13
N ALA E 401 -2.56 10.68 -32.09
CA ALA E 401 -1.86 11.31 -30.98
C ALA E 401 -2.39 12.70 -30.65
N ILE E 402 -3.28 13.25 -31.47
CA ILE E 402 -3.82 14.60 -31.28
C ILE E 402 -5.33 14.59 -31.46
N LEU E 403 -5.91 13.48 -31.90
CA LEU E 403 -7.35 13.46 -32.11
C LEU E 403 -8.08 13.70 -30.80
N ALA E 404 -7.55 13.17 -29.70
CA ALA E 404 -8.19 13.39 -28.42
C ALA E 404 -8.12 14.87 -28.01
N SER E 405 -6.97 15.53 -28.23
CA SER E 405 -6.90 16.93 -27.82
C SER E 405 -7.74 17.86 -28.71
N LEU E 406 -7.91 17.55 -30.00
CA LEU E 406 -8.74 18.44 -30.81
C LEU E 406 -10.22 18.16 -30.58
N THR E 407 -10.60 16.89 -30.38
CA THR E 407 -12.00 16.63 -30.13
C THR E 407 -12.36 17.19 -28.77
N ALA E 408 -11.41 17.11 -27.83
CA ALA E 408 -11.65 17.67 -26.51
C ALA E 408 -11.80 19.17 -26.64
N ARG E 409 -10.93 19.79 -27.44
CA ARG E 409 -11.05 21.22 -27.61
C ARG E 409 -12.38 21.57 -28.25
N GLN E 410 -12.92 20.70 -29.09
CA GLN E 410 -14.19 20.98 -29.77
C GLN E 410 -15.34 20.94 -28.77
N ASN E 411 -15.41 19.86 -28.02
CA ASN E 411 -16.46 19.73 -27.02
C ASN E 411 -16.35 20.85 -26.00
N LEU E 412 -15.18 21.03 -25.38
CA LEU E 412 -15.04 22.10 -24.39
C LEU E 412 -15.44 23.47 -24.95
N ARG E 413 -15.27 23.71 -26.26
CA ARG E 413 -15.70 25.00 -26.81
C ARG E 413 -17.22 25.04 -26.83
N ARG E 414 -17.83 23.88 -27.07
CA ARG E 414 -19.29 23.82 -27.05
C ARG E 414 -19.76 24.06 -25.61
N GLU E 415 -19.18 23.32 -24.66
CA GLU E 415 -19.49 23.46 -23.24
C GLU E 415 -19.48 24.93 -22.82
N TRP E 416 -18.37 25.63 -23.08
CA TRP E 416 -18.28 27.03 -22.67
C TRP E 416 -19.25 27.91 -23.44
N HIS E 417 -19.40 27.69 -24.75
CA HIS E 417 -20.32 28.51 -25.53
C HIS E 417 -21.74 28.37 -24.97
N ALA E 418 -22.08 27.19 -24.47
CA ALA E 418 -23.39 26.94 -23.87
C ALA E 418 -23.49 27.67 -22.54
N ARG E 419 -22.48 27.46 -21.74
CA ARG E 419 -22.53 27.97 -20.42
C ARG E 419 -22.72 29.44 -20.45
N CYS E 420 -22.11 30.14 -21.38
CA CYS E 420 -22.29 31.57 -21.44
C CYS E 420 -23.71 31.99 -21.71
N GLN E 421 -24.41 31.30 -22.59
CA GLN E 421 -25.80 31.64 -22.85
C GLN E 421 -26.69 30.85 -21.91
N SER E 422 -26.69 31.22 -20.65
CA SER E 422 -27.46 30.54 -19.65
C SER E 422 -28.49 31.46 -19.09
N ARG E 423 -29.60 30.91 -18.66
CA ARG E 423 -30.64 31.78 -18.16
C ARG E 423 -30.10 32.52 -17.00
N ILE E 424 -29.51 31.79 -16.10
CA ILE E 424 -28.92 32.35 -14.88
C ILE E 424 -27.78 33.26 -15.15
N ALA E 425 -27.20 33.13 -16.30
CA ALA E 425 -26.09 33.90 -16.71
C ALA E 425 -26.43 35.02 -17.62
N ARG E 426 -27.69 35.35 -17.71
CA ARG E 426 -28.18 36.44 -18.50
C ARG E 426 -29.01 37.40 -17.70
N THR E 427 -29.10 37.20 -16.39
CA THR E 427 -29.88 38.06 -15.57
C THR E 427 -28.95 38.77 -14.63
N LEU E 428 -27.69 38.54 -14.84
CA LEU E 428 -26.66 39.16 -14.03
C LEU E 428 -26.38 40.57 -14.46
N PRO E 429 -25.94 41.42 -13.53
CA PRO E 429 -25.63 42.80 -13.84
C PRO E 429 -24.50 42.87 -14.84
N ALA E 430 -24.57 43.83 -15.73
CA ALA E 430 -23.58 43.94 -16.79
C ALA E 430 -22.16 43.73 -16.35
N ASP E 431 -21.83 44.20 -15.17
CA ASP E 431 -20.52 44.06 -14.63
C ASP E 431 -20.15 42.61 -14.38
N GLN E 432 -21.13 41.71 -14.26
CA GLN E 432 -20.93 40.31 -13.96
C GLN E 432 -21.10 39.39 -15.16
N LYS E 433 -21.84 39.81 -16.20
CA LYS E 433 -22.10 38.95 -17.36
C LYS E 433 -20.85 38.30 -17.95
N PRO E 434 -20.87 36.98 -18.13
CA PRO E 434 -19.75 36.25 -18.73
C PRO E 434 -19.49 36.61 -20.19
N GLU E 435 -18.22 36.65 -20.58
CA GLU E 435 -17.87 36.92 -21.97
C GLU E 435 -17.29 35.63 -22.52
N CYS E 436 -17.70 35.22 -23.72
CA CYS E 436 -17.14 33.97 -24.26
C CYS E 436 -15.92 34.26 -25.13
N ARG E 437 -15.05 35.11 -24.63
CA ARG E 437 -13.83 35.46 -25.35
C ARG E 437 -12.72 34.45 -24.99
N PRO E 438 -11.84 34.11 -25.95
CA PRO E 438 -11.80 34.56 -27.35
C PRO E 438 -12.84 33.91 -28.26
N TYR E 439 -13.59 34.73 -28.99
CA TYR E 439 -14.60 34.27 -29.93
C TYR E 439 -14.52 35.01 -31.25
N TRP E 440 -14.77 34.30 -32.35
CA TRP E 440 -14.76 34.97 -33.64
C TRP E 440 -15.53 34.14 -34.67
N GLU E 441 -16.31 34.81 -35.51
CA GLU E 441 -17.07 34.16 -36.56
C GLU E 441 -16.16 33.82 -37.72
N LYS E 442 -16.46 32.69 -38.38
CA LYS E 442 -15.64 32.24 -39.52
C LYS E 442 -15.31 33.34 -40.53
N ASP E 443 -16.14 34.39 -40.65
CA ASP E 443 -15.74 35.36 -41.65
C ASP E 443 -14.71 36.37 -41.13
N ASP E 444 -14.26 36.23 -39.90
CA ASP E 444 -13.25 37.11 -39.35
C ASP E 444 -11.88 36.65 -39.82
N ALA E 445 -11.05 37.56 -40.32
CA ALA E 445 -9.75 37.10 -40.79
C ALA E 445 -8.79 37.07 -39.60
N SER E 446 -7.41 37.21 -39.96
CA SER E 446 -6.38 37.19 -38.92
C SER E 446 -6.63 36.15 -37.83
N MET E 447 -7.16 35.03 -38.09
CA MET E 447 -7.44 34.00 -37.09
C MET E 447 -7.05 32.85 -38.01
N PRO E 448 -6.12 31.98 -37.62
CA PRO E 448 -5.74 30.88 -38.52
C PRO E 448 -6.88 29.91 -38.82
N LEU E 449 -7.62 29.46 -37.80
CA LEU E 449 -8.72 28.55 -38.07
C LEU E 449 -10.00 29.23 -37.59
N PRO E 450 -11.13 28.61 -37.86
CA PRO E 450 -12.50 28.94 -37.56
C PRO E 450 -12.87 28.56 -36.12
N PHE E 451 -13.91 29.14 -35.58
CA PHE E 451 -14.28 28.74 -34.26
C PHE E 451 -14.83 27.34 -34.12
N ASP E 452 -15.62 26.86 -35.04
CA ASP E 452 -16.22 25.54 -34.92
C ASP E 452 -15.31 24.54 -35.56
N LEU E 453 -15.00 23.47 -34.86
CA LEU E 453 -14.12 22.49 -35.42
C LEU E 453 -14.81 21.32 -36.04
N THR E 454 -16.11 21.36 -36.22
CA THR E 454 -16.77 20.20 -36.74
C THR E 454 -16.35 19.80 -38.11
N ASP E 455 -16.24 20.75 -39.00
CA ASP E 455 -15.79 20.28 -40.29
C ASP E 455 -14.41 19.66 -40.15
N ILE E 456 -13.50 20.25 -39.38
CA ILE E 456 -12.18 19.64 -39.25
C ILE E 456 -12.12 18.30 -38.60
N VAL E 457 -12.80 18.14 -37.48
CA VAL E 457 -12.80 16.86 -36.78
C VAL E 457 -13.57 15.79 -37.49
N SER E 458 -14.66 16.14 -38.15
CA SER E 458 -15.42 15.16 -38.94
C SER E 458 -14.53 14.65 -40.03
N GLU E 459 -13.73 15.51 -40.64
CA GLU E 459 -12.77 15.19 -41.66
C GLU E 459 -11.80 14.14 -41.21
N LEU E 460 -11.39 14.03 -39.95
CA LEU E 460 -10.47 12.96 -39.60
C LEU E 460 -11.17 11.64 -39.45
N ARG E 461 -11.40 11.03 -40.60
CA ARG E 461 -11.94 9.73 -40.71
C ARG E 461 -10.88 8.78 -40.23
N GLY E 462 -9.61 9.06 -40.42
CA GLY E 462 -8.74 8.07 -39.79
C GLY E 462 -8.76 6.73 -40.47
P 6MA F 4 -19.85 18.09 -4.16
OP1 6MA F 4 -18.68 19.04 -4.13
OP2 6MA F 4 -19.72 16.73 -3.53
O5' 6MA F 4 -21.11 18.82 -3.49
C5' 6MA F 4 -21.98 19.63 -4.29
C4' 6MA F 4 -22.88 20.42 -3.36
O4' 6MA F 4 -22.06 21.03 -2.37
C3' 6MA F 4 -23.62 21.52 -4.08
O3' 6MA F 4 -24.82 21.80 -3.37
C2' 6MA F 4 -22.67 22.71 -3.95
C1' 6MA F 4 -21.92 22.42 -2.65
N9 6MA F 4 -20.45 22.68 -2.73
C8 6MA F 4 -19.54 21.80 -3.18
N7 6MA F 4 -18.28 22.30 -3.09
C5 6MA F 4 -18.39 23.54 -2.56
C6 6MA F 4 -17.44 24.62 -2.21
N1 6MA F 4 -17.97 25.75 -1.68
C2 6MA F 4 -19.29 25.91 -1.48
N3 6MA F 4 -20.19 24.96 -1.79
C4 6MA F 4 -19.82 23.78 -2.32
N6 6MA F 4 -16.12 24.49 -2.40
C1 6MA F 4 -15.22 25.60 -2.09
N GLU G 1 -24.28 11.18 -32.49
CA GLU G 1 -25.62 10.94 -33.04
C GLU G 1 -25.57 10.83 -34.56
N PHE G 2 -24.79 11.68 -35.22
CA PHE G 2 -24.64 11.64 -36.69
C PHE G 2 -24.00 10.31 -37.04
N TYR G 3 -24.28 9.76 -38.23
CA TYR G 3 -23.71 8.46 -38.55
C TYR G 3 -22.20 8.51 -38.53
N GLN G 4 -21.69 7.55 -37.79
CA GLN G 4 -20.34 7.55 -37.36
C GLN G 4 -19.51 6.33 -37.49
N GLN G 5 -18.22 6.53 -37.28
CA GLN G 5 -17.18 5.53 -37.31
C GLN G 5 -16.80 5.23 -35.87
N TRP G 6 -17.80 5.36 -35.03
CA TRP G 6 -17.72 5.10 -33.60
C TRP G 6 -17.73 3.65 -33.28
N GLN G 7 -17.85 2.83 -34.31
CA GLN G 7 -17.81 1.42 -34.26
C GLN G 7 -16.47 0.92 -33.85
N LEU G 8 -15.42 1.60 -34.26
CA LEU G 8 -14.09 1.18 -33.93
C LEU G 8 -13.81 1.74 -32.56
N LYS G 9 -14.04 0.86 -31.63
CA LYS G 9 -13.87 1.04 -30.23
C LYS G 9 -13.11 -0.14 -29.73
N TYR G 10 -12.89 -0.11 -28.39
CA TYR G 10 -12.19 -1.18 -27.60
C TYR G 10 -12.64 -2.31 -26.59
N PRO G 11 -11.63 -2.83 -25.95
CA PRO G 11 -11.49 -4.00 -25.11
C PRO G 11 -12.22 -4.44 -23.82
N LYS G 12 -12.77 -3.62 -22.94
CA LYS G 12 -13.50 -4.21 -21.80
C LYS G 12 -14.99 -4.20 -21.95
N LEU G 13 -15.50 -3.65 -23.01
CA LEU G 13 -16.90 -3.57 -23.24
C LEU G 13 -17.18 -4.11 -24.59
N ILE G 14 -18.05 -5.10 -24.71
CA ILE G 14 -18.35 -5.71 -25.97
C ILE G 14 -19.73 -5.58 -26.42
N LEU G 15 -19.94 -5.37 -27.70
CA LEU G 15 -21.23 -5.24 -28.33
C LEU G 15 -21.42 -6.38 -29.24
N ARG G 16 -22.49 -7.09 -29.06
CA ARG G 16 -22.97 -8.28 -29.75
C ARG G 16 -24.23 -7.96 -30.54
N GLU G 17 -24.09 -7.90 -31.86
CA GLU G 17 -25.20 -7.56 -32.74
C GLU G 17 -26.31 -8.60 -32.64
N ALA G 18 -27.54 -8.17 -32.94
CA ALA G 18 -28.76 -8.96 -32.89
C ALA G 18 -28.56 -10.36 -33.45
N SER G 19 -27.73 -10.46 -34.49
CA SER G 19 -27.38 -11.68 -35.21
C SER G 19 -26.67 -12.72 -34.34
N SER G 20 -26.55 -12.35 -33.09
CA SER G 20 -25.90 -13.10 -32.07
C SER G 20 -26.81 -13.96 -31.22
N VAL G 21 -28.08 -13.76 -31.36
CA VAL G 21 -29.04 -14.45 -30.54
C VAL G 21 -30.07 -15.16 -31.38
N SER G 22 -30.59 -16.25 -30.87
CA SER G 22 -31.53 -17.07 -31.57
C SER G 22 -32.74 -16.27 -31.83
N GLU G 23 -33.27 -16.33 -33.00
CA GLU G 23 -34.47 -15.58 -33.25
C GLU G 23 -35.62 -15.97 -32.37
N GLU G 24 -35.79 -17.21 -32.02
CA GLU G 24 -36.84 -17.61 -31.14
C GLU G 24 -36.77 -16.88 -29.81
N LEU G 25 -35.58 -16.64 -29.27
CA LEU G 25 -35.50 -15.88 -28.03
C LEU G 25 -35.92 -14.44 -28.26
N HIS G 26 -35.41 -13.87 -29.29
CA HIS G 26 -35.73 -12.50 -29.64
C HIS G 26 -37.25 -12.29 -29.56
N LYS G 27 -38.00 -13.05 -30.37
CA LYS G 27 -39.46 -12.91 -30.36
C LYS G 27 -40.04 -13.14 -28.97
N GLU G 28 -39.56 -14.18 -28.27
CA GLU G 28 -40.07 -14.49 -26.94
C GLU G 28 -39.88 -13.34 -25.95
N VAL G 29 -38.66 -12.79 -25.86
CA VAL G 29 -38.37 -11.70 -24.94
C VAL G 29 -39.03 -10.40 -25.38
N GLN G 30 -39.22 -10.19 -26.68
CA GLN G 30 -39.87 -8.96 -27.11
C GLN G 30 -41.35 -9.05 -26.75
N GLU G 31 -41.89 -10.26 -26.78
CA GLU G 31 -43.28 -10.45 -26.40
C GLU G 31 -43.37 -10.27 -24.90
N ALA G 32 -42.32 -10.65 -24.18
CA ALA G 32 -42.32 -10.48 -22.73
C ALA G 32 -42.36 -8.99 -22.40
N PHE G 33 -41.53 -8.19 -23.09
CA PHE G 33 -41.55 -6.75 -22.85
C PHE G 33 -42.91 -6.16 -23.17
N LEU G 34 -43.58 -6.71 -24.19
CA LEU G 34 -44.89 -6.19 -24.58
C LEU G 34 -45.97 -6.56 -23.57
N THR G 35 -45.98 -7.81 -23.10
CA THR G 35 -46.97 -8.21 -22.12
C THR G 35 -46.76 -7.44 -20.82
N LEU G 36 -45.52 -7.39 -20.32
CA LEU G 36 -45.27 -6.64 -19.09
C LEU G 36 -45.71 -5.20 -19.23
N HIS G 37 -45.47 -4.59 -20.40
CA HIS G 37 -45.88 -3.20 -20.57
C HIS G 37 -47.40 -3.06 -20.58
N LYS G 38 -48.11 -3.89 -21.36
CA LYS G 38 -49.57 -3.76 -21.38
C LYS G 38 -50.18 -4.07 -20.01
N HIS G 39 -49.66 -5.07 -19.31
CA HIS G 39 -50.16 -5.44 -17.98
C HIS G 39 -49.83 -4.40 -16.91
N GLY G 40 -49.04 -3.40 -17.25
CA GLY G 40 -48.63 -2.35 -16.35
C GLY G 40 -47.80 -2.80 -15.16
N CYS G 41 -46.81 -3.60 -15.47
CA CYS G 41 -45.93 -4.12 -14.49
C CYS G 41 -44.58 -3.41 -14.43
N LEU G 42 -44.36 -2.40 -15.24
CA LEU G 42 -43.16 -1.58 -15.21
C LEU G 42 -43.60 -0.23 -14.66
N PHE G 43 -42.98 0.20 -13.57
CA PHE G 43 -43.32 1.49 -13.00
C PHE G 43 -42.02 2.24 -12.83
N ARG G 44 -42.11 3.55 -12.74
CA ARG G 44 -40.93 4.32 -12.53
C ARG G 44 -40.83 4.66 -11.09
N ASP G 45 -39.63 4.67 -10.58
CA ASP G 45 -39.42 4.78 -9.14
C ASP G 45 -39.30 6.21 -8.65
N LEU G 46 -39.94 6.47 -7.51
CA LEU G 46 -39.88 7.79 -6.87
C LEU G 46 -38.68 7.71 -5.92
N VAL G 47 -37.51 7.71 -6.57
CA VAL G 47 -36.25 7.63 -5.86
C VAL G 47 -35.95 8.93 -5.12
N ARG G 48 -35.02 8.84 -4.17
CA ARG G 48 -34.52 9.97 -3.38
C ARG G 48 -33.00 9.86 -3.42
N ILE G 49 -32.41 10.82 -4.09
CA ILE G 49 -31.00 10.90 -4.27
C ILE G 49 -30.37 12.07 -3.58
N LYS G 50 -29.58 11.79 -2.58
CA LYS G 50 -28.91 12.86 -1.89
C LYS G 50 -29.89 13.90 -1.50
N GLY G 51 -30.91 13.48 -0.80
CA GLY G 51 -31.85 14.42 -0.26
C GLY G 51 -32.92 14.92 -1.21
N LYS G 52 -32.82 14.62 -2.51
CA LYS G 52 -33.84 15.14 -3.42
C LYS G 52 -34.74 14.03 -3.95
N ASP G 53 -36.03 14.38 -4.02
CA ASP G 53 -37.10 13.53 -4.53
C ASP G 53 -37.19 13.57 -6.05
N LEU G 54 -37.08 12.42 -6.69
CA LEU G 54 -37.08 12.30 -8.12
C LEU G 54 -37.87 11.19 -8.67
N LEU G 55 -38.59 11.39 -9.75
CA LEU G 55 -39.26 10.31 -10.45
C LEU G 55 -38.29 9.90 -11.55
N THR G 56 -38.28 8.63 -11.89
CA THR G 56 -37.27 8.34 -12.90
C THR G 56 -37.89 8.41 -14.29
N PRO G 57 -37.23 9.11 -15.23
CA PRO G 57 -37.78 9.22 -16.60
C PRO G 57 -38.10 7.86 -17.18
N VAL G 58 -37.29 6.89 -16.91
CA VAL G 58 -37.45 5.53 -17.40
C VAL G 58 -38.32 4.76 -16.42
N SER G 59 -39.12 3.83 -16.94
CA SER G 59 -39.98 3.01 -16.12
C SER G 59 -39.29 1.64 -16.04
N ARG G 60 -39.37 1.00 -14.88
CA ARG G 60 -38.65 -0.25 -14.72
C ARG G 60 -39.40 -1.27 -13.87
N ILE G 61 -38.84 -2.48 -13.86
CA ILE G 61 -39.36 -3.63 -13.11
C ILE G 61 -38.18 -4.54 -12.80
N LEU G 62 -37.99 -4.85 -11.53
CA LEU G 62 -36.91 -5.74 -11.10
C LEU G 62 -37.43 -7.18 -11.08
N ILE G 63 -36.79 -8.06 -11.86
CA ILE G 63 -37.15 -9.47 -11.92
C ILE G 63 -35.90 -10.28 -11.56
N GLY G 64 -36.08 -11.35 -10.78
CA GLY G 64 -34.92 -12.16 -10.45
C GLY G 64 -35.21 -13.22 -9.40
N ASN G 65 -34.12 -13.68 -8.79
CA ASN G 65 -34.17 -14.70 -7.75
C ASN G 65 -35.14 -14.32 -6.64
N PRO G 66 -35.90 -15.28 -6.10
CA PRO G 66 -36.83 -14.98 -5.01
C PRO G 66 -36.08 -14.63 -3.74
N GLY G 67 -36.53 -13.58 -3.07
CA GLY G 67 -35.89 -13.17 -1.84
C GLY G 67 -34.75 -12.18 -2.03
N CYS G 68 -34.43 -11.82 -3.27
CA CYS G 68 -33.32 -10.92 -3.53
C CYS G 68 -33.83 -9.50 -3.75
N THR G 69 -32.97 -8.53 -3.41
CA THR G 69 -33.28 -7.11 -3.54
C THR G 69 -32.08 -6.38 -4.11
N TYR G 70 -32.32 -5.21 -4.69
CA TYR G 70 -31.24 -4.41 -5.25
C TYR G 70 -31.45 -2.98 -4.78
N LYS G 71 -30.51 -2.47 -3.96
CA LYS G 71 -30.58 -1.10 -3.47
C LYS G 71 -29.91 -0.15 -4.45
N TYR G 72 -30.62 0.87 -4.90
CA TYR G 72 -30.09 1.82 -5.87
C TYR G 72 -30.60 3.23 -5.57
N LEU G 73 -29.73 4.07 -5.02
CA LEU G 73 -30.11 5.45 -4.70
C LEU G 73 -31.14 5.49 -3.58
N ASN G 74 -30.81 4.84 -2.47
CA ASN G 74 -31.63 4.75 -1.27
C ASN G 74 -32.93 4.00 -1.51
N THR G 75 -33.26 3.55 -2.72
CA THR G 75 -34.49 2.77 -2.80
C THR G 75 -34.08 1.33 -2.98
N ARG G 76 -34.74 0.43 -2.27
CA ARG G 76 -34.42 -1.00 -2.35
C ARG G 76 -35.52 -1.62 -3.18
N LEU G 77 -35.17 -2.12 -4.34
CA LEU G 77 -36.17 -2.74 -5.19
C LEU G 77 -36.23 -4.21 -4.83
N PHE G 78 -37.44 -4.77 -4.84
CA PHE G 78 -37.63 -6.15 -4.47
C PHE G 78 -37.88 -6.96 -5.73
N THR G 79 -37.27 -8.13 -5.78
CA THR G 79 -37.39 -8.99 -6.95
C THR G 79 -38.74 -9.68 -7.02
N VAL G 80 -39.36 -9.62 -8.20
CA VAL G 80 -40.55 -10.42 -8.41
C VAL G 80 -39.88 -11.74 -8.76
N PRO G 81 -40.17 -12.82 -8.05
CA PRO G 81 -39.49 -14.09 -8.31
C PRO G 81 -39.70 -14.63 -9.72
N TRP G 82 -38.63 -15.26 -10.22
CA TRP G 82 -38.59 -15.95 -11.48
C TRP G 82 -38.36 -17.42 -11.19
N PRO G 83 -38.70 -18.29 -12.11
CA PRO G 83 -38.71 -19.70 -11.78
C PRO G 83 -37.40 -20.38 -11.59
N VAL G 84 -36.87 -20.19 -10.40
CA VAL G 84 -35.64 -20.80 -9.95
C VAL G 84 -35.89 -22.27 -9.60
N LYS G 85 -34.84 -23.06 -9.43
CA LYS G 85 -35.04 -24.48 -9.17
C LYS G 85 -35.83 -24.95 -8.01
N GLY G 86 -35.77 -24.32 -6.84
CA GLY G 86 -36.70 -24.70 -5.79
C GLY G 86 -37.87 -24.00 -6.48
N SER G 87 -38.84 -24.76 -6.94
CA SER G 87 -39.86 -24.17 -7.80
C SER G 87 -41.03 -23.58 -7.07
N ASN G 88 -42.12 -23.47 -7.81
CA ASN G 88 -43.45 -23.03 -7.38
C ASN G 88 -43.74 -21.69 -6.73
N ILE G 89 -43.11 -20.64 -7.22
CA ILE G 89 -43.52 -19.32 -6.81
C ILE G 89 -44.74 -18.95 -7.69
N LYS G 90 -45.55 -18.00 -7.25
CA LYS G 90 -46.73 -17.67 -8.05
C LYS G 90 -46.96 -16.21 -8.33
N HIS G 91 -47.63 -15.96 -9.44
CA HIS G 91 -47.93 -14.65 -9.89
C HIS G 91 -49.40 -14.49 -10.11
N THR G 92 -49.87 -13.26 -10.15
CA THR G 92 -51.30 -13.03 -10.32
C THR G 92 -51.82 -13.61 -11.63
N GLU G 93 -51.53 -12.95 -12.75
CA GLU G 93 -51.83 -13.50 -14.06
C GLU G 93 -50.73 -14.46 -14.48
N ALA G 94 -51.02 -15.36 -15.43
CA ALA G 94 -49.96 -16.27 -15.82
C ALA G 94 -49.12 -15.72 -16.97
N GLU G 95 -49.47 -14.61 -17.57
CA GLU G 95 -48.53 -14.15 -18.56
C GLU G 95 -47.31 -13.63 -17.86
N ILE G 96 -47.48 -12.63 -17.02
CA ILE G 96 -46.32 -12.08 -16.32
C ILE G 96 -45.42 -13.21 -15.82
N ALA G 97 -46.01 -14.33 -15.36
CA ALA G 97 -45.17 -15.42 -14.88
C ALA G 97 -44.45 -16.10 -16.04
N ALA G 98 -45.08 -16.10 -17.21
CA ALA G 98 -44.43 -16.70 -18.35
C ALA G 98 -43.25 -15.82 -18.74
N ALA G 99 -43.49 -14.51 -18.71
CA ALA G 99 -42.45 -13.55 -19.03
C ALA G 99 -41.28 -13.68 -18.06
N CYS G 100 -41.56 -13.78 -16.75
CA CYS G 100 -40.45 -13.92 -15.80
C CYS G 100 -39.67 -15.19 -16.10
N GLU G 101 -40.31 -16.14 -16.79
CA GLU G 101 -39.62 -17.37 -17.14
C GLU G 101 -38.74 -17.07 -18.35
N THR G 102 -39.27 -16.24 -19.25
CA THR G 102 -38.54 -15.85 -20.43
C THR G 102 -37.28 -15.10 -20.02
N PHE G 103 -37.43 -14.05 -19.20
CA PHE G 103 -36.24 -13.33 -18.76
C PHE G 103 -35.33 -14.20 -17.91
N LEU G 104 -35.81 -15.37 -17.46
CA LEU G 104 -34.92 -16.25 -16.70
C LEU G 104 -34.03 -17.02 -17.67
N LYS G 105 -34.65 -17.37 -18.78
CA LYS G 105 -34.07 -18.07 -19.88
C LYS G 105 -33.06 -17.19 -20.51
N LEU G 106 -33.41 -15.96 -20.68
CA LEU G 106 -32.59 -14.91 -21.28
C LEU G 106 -31.39 -14.67 -20.39
N ASN G 107 -31.64 -14.67 -19.07
CA ASN G 107 -30.55 -14.48 -18.11
C ASN G 107 -29.51 -15.57 -18.26
N ASP G 108 -29.95 -16.84 -18.29
CA ASP G 108 -28.98 -17.93 -18.47
C ASP G 108 -28.17 -17.76 -19.75
N TYR G 109 -28.85 -17.38 -20.85
CA TYR G 109 -28.15 -17.18 -22.12
C TYR G 109 -27.04 -16.14 -21.96
N LEU G 110 -27.42 -14.91 -21.60
CA LEU G 110 -26.42 -13.85 -21.41
C LEU G 110 -25.34 -14.31 -20.45
N GLN G 111 -25.72 -15.07 -19.42
CA GLN G 111 -24.74 -15.58 -18.47
C GLN G 111 -23.67 -16.38 -19.19
N ILE G 112 -24.10 -17.27 -20.09
CA ILE G 112 -23.16 -18.08 -20.86
C ILE G 112 -22.27 -17.18 -21.72
N GLU G 113 -22.87 -16.25 -22.41
CA GLU G 113 -22.12 -15.39 -23.25
C GLU G 113 -21.14 -14.62 -22.44
N THR G 114 -21.47 -14.27 -21.21
CA THR G 114 -20.61 -13.49 -20.33
C THR G 114 -19.43 -14.33 -19.87
N ILE G 115 -19.69 -15.52 -19.32
CA ILE G 115 -18.55 -16.34 -18.88
C ILE G 115 -17.60 -16.58 -20.05
N GLN G 116 -18.16 -16.92 -21.23
CA GLN G 116 -17.38 -17.14 -22.44
C GLN G 116 -16.52 -15.92 -22.74
N ALA G 117 -17.16 -14.79 -23.07
CA ALA G 117 -16.47 -13.54 -23.37
C ALA G 117 -15.49 -13.14 -22.27
N LEU G 118 -15.81 -13.43 -21.05
CA LEU G 118 -14.95 -13.07 -19.96
C LEU G 118 -13.70 -13.87 -20.03
N GLU G 119 -13.81 -15.15 -20.37
CA GLU G 119 -12.65 -16.02 -20.48
C GLU G 119 -11.74 -15.54 -21.56
N GLU G 120 -12.34 -15.15 -22.67
CA GLU G 120 -11.66 -14.62 -23.83
C GLU G 120 -10.97 -13.31 -23.56
N LEU G 121 -11.50 -12.53 -22.63
CA LEU G 121 -10.94 -11.27 -22.19
C LEU G 121 -9.61 -11.46 -21.56
N ALA G 122 -9.40 -12.56 -20.84
CA ALA G 122 -8.15 -12.76 -20.16
C ALA G 122 -7.07 -13.15 -21.12
N ALA G 123 -6.47 -12.13 -21.73
CA ALA G 123 -5.40 -12.29 -22.66
C ALA G 123 -4.27 -11.65 -21.89
N LYS G 124 -3.26 -12.45 -21.61
CA LYS G 124 -2.11 -11.99 -20.86
C LYS G 124 -0.96 -12.90 -21.17
N ASP G 153 -8.00 -17.97 -10.18
CA ASP G 153 -8.35 -19.13 -10.98
C ASP G 153 -9.40 -18.69 -11.97
N GLU G 154 -10.22 -19.65 -12.31
CA GLU G 154 -11.29 -19.48 -13.20
C GLU G 154 -12.35 -19.80 -12.23
N VAL G 155 -12.11 -19.34 -11.00
CA VAL G 155 -13.14 -19.51 -9.97
C VAL G 155 -13.93 -18.21 -9.82
N ASP G 156 -13.19 -17.11 -9.98
CA ASP G 156 -13.71 -15.75 -9.94
C ASP G 156 -14.73 -15.48 -11.03
N ILE G 157 -14.48 -16.00 -12.24
CA ILE G 157 -15.38 -15.80 -13.37
C ILE G 157 -16.76 -16.38 -13.06
N LYS G 158 -16.80 -17.59 -12.51
CA LYS G 158 -18.08 -18.20 -12.20
C LYS G 158 -18.90 -17.30 -11.28
N SER G 159 -18.29 -16.80 -10.20
CA SER G 159 -19.02 -15.94 -9.27
C SER G 159 -19.39 -14.58 -9.87
N ARG G 160 -18.49 -14.00 -10.64
CA ARG G 160 -18.67 -12.69 -11.26
C ARG G 160 -19.62 -12.63 -12.43
N ALA G 161 -20.07 -13.76 -12.89
CA ALA G 161 -21.01 -13.77 -14.01
C ALA G 161 -22.32 -14.44 -13.64
N ALA G 162 -22.52 -14.76 -12.36
CA ALA G 162 -23.73 -15.42 -11.88
C ALA G 162 -24.81 -14.38 -11.63
N TYR G 163 -25.44 -13.92 -12.71
CA TYR G 163 -26.48 -12.90 -12.58
C TYR G 163 -27.65 -13.45 -11.76
N ASN G 164 -28.01 -12.71 -10.72
CA ASN G 164 -29.11 -13.08 -9.85
C ASN G 164 -30.34 -12.20 -10.05
N VAL G 165 -30.24 -11.12 -10.82
CA VAL G 165 -31.38 -10.24 -11.06
C VAL G 165 -31.21 -9.57 -12.40
N THR G 166 -32.28 -8.97 -12.89
CA THR G 166 -32.28 -8.19 -14.10
C THR G 166 -33.28 -7.07 -13.88
N LEU G 167 -32.87 -5.86 -14.20
CA LEU G 167 -33.71 -4.69 -14.05
C LEU G 167 -34.15 -4.34 -15.45
N LEU G 168 -35.45 -4.34 -15.69
CA LEU G 168 -35.98 -4.03 -17.00
C LEU G 168 -36.36 -2.56 -17.05
N ASN G 169 -36.10 -1.94 -18.20
CA ASN G 169 -36.40 -0.54 -18.39
C ASN G 169 -37.18 -0.39 -19.68
N PHE G 170 -37.90 0.71 -19.74
CA PHE G 170 -38.72 1.10 -20.88
C PHE G 170 -38.93 2.60 -20.88
N MET G 171 -39.06 3.15 -22.08
CA MET G 171 -39.34 4.57 -22.18
C MET G 171 -39.87 4.80 -23.59
N ASP G 172 -40.50 5.97 -23.76
CA ASP G 172 -41.07 6.37 -25.04
C ASP G 172 -40.69 7.82 -25.22
N PRO G 173 -39.70 8.10 -26.07
CA PRO G 173 -39.19 9.47 -26.16
C PRO G 173 -40.20 10.43 -26.76
N GLN G 174 -41.42 9.98 -26.94
CA GLN G 174 -42.37 10.88 -27.51
C GLN G 174 -43.38 11.30 -26.51
N LYS G 175 -43.14 11.00 -25.26
CA LYS G 175 -44.06 11.32 -24.19
C LYS G 175 -43.33 12.11 -23.13
N MET G 176 -42.00 12.16 -23.17
CA MET G 176 -41.29 12.97 -22.20
C MET G 176 -41.31 14.41 -22.69
N PRO G 177 -41.87 15.34 -21.92
CA PRO G 177 -41.88 16.74 -22.35
C PRO G 177 -40.48 17.32 -22.49
N TYR G 178 -39.53 16.81 -21.70
CA TYR G 178 -38.14 17.28 -21.68
C TYR G 178 -37.15 16.34 -21.01
N LEU G 179 -36.18 15.89 -21.78
CA LEU G 179 -35.09 15.04 -21.31
C LEU G 179 -33.87 15.93 -21.09
N LYS G 180 -33.02 15.63 -20.13
CA LYS G 180 -31.87 16.47 -19.98
C LYS G 180 -30.93 16.24 -21.11
N GLU G 181 -30.09 17.19 -21.38
CA GLU G 181 -29.12 17.09 -22.46
C GLU G 181 -27.74 16.76 -21.91
N GLU G 182 -27.05 15.86 -22.62
CA GLU G 182 -25.70 15.41 -22.26
C GLU G 182 -24.79 16.64 -22.15
N PRO G 183 -24.18 16.88 -20.99
CA PRO G 183 -23.34 18.06 -20.79
C PRO G 183 -21.88 17.98 -21.24
N TYR G 184 -21.39 16.94 -21.90
CA TYR G 184 -19.96 16.99 -22.23
C TYR G 184 -19.57 16.80 -23.69
N PHE G 185 -20.33 16.05 -24.48
CA PHE G 185 -19.91 15.82 -25.86
C PHE G 185 -21.02 16.11 -26.87
N GLY G 186 -22.04 16.85 -26.47
CA GLY G 186 -23.15 17.20 -27.35
C GLY G 186 -23.76 15.97 -28.00
N MET G 187 -23.98 14.95 -27.18
CA MET G 187 -24.57 13.69 -27.62
C MET G 187 -26.09 13.72 -27.58
N GLY G 188 -26.67 14.90 -27.36
CA GLY G 188 -28.11 15.07 -27.31
C GLY G 188 -28.77 14.63 -26.00
N LYS G 189 -30.04 14.27 -26.12
CA LYS G 189 -30.87 13.87 -25.00
C LYS G 189 -30.51 12.57 -24.40
N MET G 190 -30.83 12.49 -23.12
CA MET G 190 -30.57 11.40 -22.23
C MET G 190 -31.76 10.79 -21.52
N ALA G 191 -31.88 9.48 -21.49
CA ALA G 191 -32.94 8.91 -20.67
C ALA G 191 -32.46 8.54 -19.28
N VAL G 192 -31.15 8.52 -19.07
CA VAL G 192 -30.48 8.18 -17.82
C VAL G 192 -29.13 8.86 -17.86
N SER G 193 -28.95 9.89 -17.03
CA SER G 193 -27.71 10.65 -17.00
C SER G 193 -26.52 9.79 -16.55
N TRP G 194 -25.33 10.34 -16.76
CA TRP G 194 -24.06 9.72 -16.39
C TRP G 194 -24.14 9.18 -14.97
N HIS G 195 -23.88 7.88 -14.81
CA HIS G 195 -23.93 7.29 -13.48
C HIS G 195 -23.12 6.00 -13.44
N HIS G 196 -23.17 5.37 -12.27
CA HIS G 196 -22.54 4.10 -12.00
C HIS G 196 -23.61 3.12 -11.53
N ASP G 197 -23.44 1.85 -11.85
CA ASP G 197 -24.35 0.82 -11.34
C ASP G 197 -23.88 0.46 -9.95
N GLU G 198 -24.72 0.66 -8.94
CA GLU G 198 -24.29 0.40 -7.59
C GLU G 198 -24.86 -0.91 -7.08
N ASN G 199 -24.44 -1.28 -5.88
CA ASN G 199 -24.88 -2.52 -5.22
C ASN G 199 -24.53 -3.77 -6.03
N LEU G 200 -23.33 -3.81 -6.61
CA LEU G 200 -22.86 -4.95 -7.37
C LEU G 200 -21.67 -5.62 -6.69
N VAL G 201 -21.58 -6.94 -6.89
CA VAL G 201 -20.44 -7.67 -6.36
C VAL G 201 -19.21 -7.09 -7.02
N ASP G 202 -18.10 -7.13 -6.33
CA ASP G 202 -16.94 -6.50 -6.85
C ASP G 202 -16.56 -7.05 -8.18
N ARG G 203 -16.02 -6.18 -8.99
CA ARG G 203 -15.51 -6.52 -10.32
C ARG G 203 -16.48 -7.32 -11.19
N SER G 204 -17.76 -7.31 -10.84
CA SER G 204 -18.76 -8.06 -11.59
C SER G 204 -19.14 -7.40 -12.91
N ALA G 205 -19.49 -8.23 -13.89
CA ALA G 205 -19.91 -7.80 -15.21
C ALA G 205 -21.43 -7.56 -15.22
N VAL G 206 -21.89 -6.89 -16.27
CA VAL G 206 -23.32 -6.60 -16.46
C VAL G 206 -23.66 -6.82 -17.92
N ALA G 207 -24.76 -7.51 -18.20
CA ALA G 207 -25.15 -7.77 -19.59
C ALA G 207 -26.51 -7.12 -19.82
N VAL G 208 -26.66 -6.43 -20.95
CA VAL G 208 -27.92 -5.73 -21.27
C VAL G 208 -28.42 -6.08 -22.67
N TYR G 209 -29.72 -6.43 -22.74
CA TYR G 209 -30.39 -6.72 -24.01
C TYR G 209 -31.30 -5.52 -24.32
N SER G 210 -31.04 -4.87 -25.46
CA SER G 210 -31.78 -3.68 -25.91
C SER G 210 -32.85 -4.01 -26.95
N TYR G 211 -34.05 -3.47 -26.74
CA TYR G 211 -35.18 -3.67 -27.67
C TYR G 211 -35.76 -2.33 -28.13
N SER G 212 -35.19 -1.75 -29.19
CA SER G 212 -35.70 -0.51 -29.77
C SER G 212 -36.74 -0.89 -30.84
N CYS G 213 -38.01 -0.61 -30.57
CA CYS G 213 -39.03 -0.95 -31.57
C CYS G 213 -39.34 0.23 -32.48
N ASP G 232 -32.13 9.38 -33.50
CA ASP G 232 -33.08 8.61 -34.27
C ASP G 232 -32.96 7.23 -33.75
N ILE G 233 -31.76 6.89 -33.32
CA ILE G 233 -31.49 5.59 -32.75
C ILE G 233 -30.86 5.73 -31.41
N TRP G 234 -31.17 4.80 -30.56
CA TRP G 234 -30.71 4.82 -29.18
C TRP G 234 -29.25 4.45 -29.10
N HIS G 235 -28.56 5.07 -28.14
CA HIS G 235 -27.14 4.85 -27.96
C HIS G 235 -26.87 4.77 -26.47
N VAL G 236 -25.74 4.19 -26.12
CA VAL G 236 -25.29 4.16 -24.73
C VAL G 236 -24.00 4.94 -24.63
N GLY G 237 -23.92 5.85 -23.66
CA GLY G 237 -22.72 6.66 -23.49
C GLY G 237 -21.85 5.99 -22.45
N PHE G 238 -20.55 6.26 -22.56
CA PHE G 238 -19.52 5.75 -21.67
C PHE G 238 -18.50 6.86 -21.51
N LYS G 239 -17.86 6.92 -20.36
CA LYS G 239 -16.86 7.95 -20.19
C LYS G 239 -16.02 7.58 -18.99
N ILE G 240 -14.85 8.16 -18.91
CA ILE G 240 -14.03 7.91 -17.74
C ILE G 240 -14.62 8.90 -16.74
N SER G 241 -14.73 8.46 -15.50
CA SER G 241 -15.37 9.29 -14.51
C SER G 241 -14.96 10.64 -14.06
N TRP G 242 -13.69 10.78 -13.71
CA TRP G 242 -13.18 12.02 -13.13
C TRP G 242 -12.79 12.90 -14.32
N ASP G 243 -12.57 12.31 -15.49
CA ASP G 243 -12.08 12.97 -16.70
C ASP G 243 -13.18 13.57 -17.58
N ILE G 244 -13.06 14.88 -17.82
CA ILE G 244 -14.01 15.68 -18.56
C ILE G 244 -13.46 16.12 -19.92
N GLU G 245 -12.18 15.85 -20.21
CA GLU G 245 -11.58 16.26 -21.48
C GLU G 245 -11.34 15.08 -22.42
N THR G 246 -11.76 13.86 -22.08
CA THR G 246 -11.64 12.74 -23.01
C THR G 246 -12.97 12.39 -23.66
N PRO G 247 -13.11 12.51 -24.97
CA PRO G 247 -14.40 12.17 -25.62
C PRO G 247 -14.97 10.83 -25.17
N GLY G 248 -16.26 10.85 -24.74
CA GLY G 248 -16.96 9.66 -24.27
C GLY G 248 -17.44 8.76 -25.40
N LEU G 249 -17.76 7.50 -25.09
CA LEU G 249 -18.20 6.55 -26.11
C LEU G 249 -19.73 6.43 -26.19
N ALA G 250 -20.26 6.55 -27.40
CA ALA G 250 -21.68 6.43 -27.73
C ALA G 250 -21.84 5.24 -28.66
N ILE G 251 -22.29 4.10 -28.16
CA ILE G 251 -22.44 2.90 -28.99
C ILE G 251 -23.87 2.80 -29.50
N PRO G 252 -24.06 2.75 -30.83
CA PRO G 252 -25.39 2.60 -31.43
C PRO G 252 -26.06 1.33 -30.92
N LEU G 253 -27.34 1.43 -30.59
CA LEU G 253 -28.07 0.26 -30.08
C LEU G 253 -29.25 0.01 -31.01
N HIS G 254 -29.21 -1.12 -31.72
CA HIS G 254 -30.26 -1.52 -32.66
C HIS G 254 -31.08 -2.66 -32.07
N GLN G 255 -32.31 -2.79 -32.59
CA GLN G 255 -33.24 -3.83 -32.14
C GLN G 255 -32.58 -5.20 -32.05
N GLY G 256 -32.35 -5.70 -30.84
CA GLY G 256 -31.76 -7.01 -30.66
C GLY G 256 -30.32 -7.00 -30.24
N ASP G 257 -29.68 -5.83 -30.21
CA ASP G 257 -28.28 -5.78 -29.81
C ASP G 257 -28.14 -5.94 -28.30
N CYS G 258 -27.03 -6.54 -27.90
CA CYS G 258 -26.73 -6.75 -26.50
C CYS G 258 -25.32 -6.23 -26.25
N TYR G 259 -25.12 -5.56 -25.12
CA TYR G 259 -23.76 -5.12 -24.81
C TYR G 259 -23.44 -5.53 -23.39
N PHE G 260 -22.15 -5.79 -23.17
CA PHE G 260 -21.64 -6.24 -21.90
C PHE G 260 -20.55 -5.31 -21.40
N MET G 261 -20.55 -5.13 -20.08
CA MET G 261 -19.56 -4.36 -19.36
C MET G 261 -18.87 -5.37 -18.48
N LEU G 262 -17.56 -5.54 -18.66
CA LEU G 262 -16.84 -6.58 -17.93
C LEU G 262 -15.80 -6.02 -16.97
N ASP G 263 -15.55 -6.81 -15.92
CA ASP G 263 -14.53 -6.54 -14.90
C ASP G 263 -14.82 -5.20 -14.24
N ASP G 264 -13.82 -4.32 -14.08
CA ASP G 264 -13.96 -3.03 -13.44
C ASP G 264 -14.41 -1.90 -14.35
N LEU G 265 -14.91 -2.20 -15.56
CA LEU G 265 -15.36 -1.11 -16.43
C LEU G 265 -16.43 -0.27 -15.75
N ASN G 266 -17.39 -0.88 -15.12
CA ASN G 266 -18.39 -0.05 -14.51
C ASN G 266 -17.78 0.81 -13.48
N ALA G 267 -16.82 0.29 -12.78
CA ALA G 267 -16.24 1.04 -11.66
C ALA G 267 -15.29 2.13 -12.13
N THR G 268 -14.58 1.91 -13.23
CA THR G 268 -13.65 2.91 -13.72
C THR G 268 -14.34 3.94 -14.60
N HIS G 269 -15.42 3.55 -15.26
CA HIS G 269 -16.16 4.43 -16.15
C HIS G 269 -17.60 4.62 -15.68
N LYS G 270 -18.16 5.68 -16.22
CA LYS G 270 -19.53 6.10 -16.05
C LYS G 270 -20.23 5.91 -17.37
N HIS G 271 -21.53 5.72 -17.35
CA HIS G 271 -22.28 5.50 -18.58
C HIS G 271 -23.65 6.13 -18.46
N CYS G 272 -24.27 6.35 -19.62
CA CYS G 272 -25.60 6.91 -19.71
C CYS G 272 -26.33 6.21 -20.84
N VAL G 273 -27.58 6.61 -21.09
CA VAL G 273 -28.34 6.00 -22.17
C VAL G 273 -28.99 7.12 -22.99
N LEU G 274 -28.36 7.45 -24.11
CA LEU G 274 -28.91 8.47 -25.01
C LEU G 274 -30.15 7.92 -25.70
N ALA G 275 -31.19 8.75 -25.75
CA ALA G 275 -32.47 8.40 -26.32
C ALA G 275 -32.51 8.53 -27.84
N GLY G 276 -33.35 7.70 -28.45
CA GLY G 276 -33.61 7.66 -29.88
C GLY G 276 -34.92 8.35 -30.19
N SER G 277 -35.58 7.93 -31.27
CA SER G 277 -36.84 8.56 -31.64
C SER G 277 -38.06 7.68 -31.37
N GLN G 278 -37.89 6.38 -31.34
CA GLN G 278 -38.93 5.41 -31.06
C GLN G 278 -38.80 4.95 -29.62
N PRO G 279 -39.75 4.16 -29.11
CA PRO G 279 -39.64 3.71 -27.72
C PRO G 279 -38.68 2.53 -27.63
N ARG G 280 -38.18 2.31 -26.42
CA ARG G 280 -37.26 1.20 -26.25
C ARG G 280 -37.41 0.53 -24.90
N PHE G 281 -37.13 -0.77 -24.92
CA PHE G 281 -37.12 -1.67 -23.79
C PHE G 281 -35.67 -2.09 -23.58
N SER G 282 -35.42 -2.80 -22.48
CA SER G 282 -34.08 -3.28 -22.20
C SER G 282 -34.07 -4.06 -20.91
N SER G 283 -33.27 -5.11 -20.84
CA SER G 283 -33.16 -5.89 -19.62
C SER G 283 -31.69 -5.87 -19.25
N THR G 284 -31.40 -5.23 -18.13
CA THR G 284 -30.03 -5.09 -17.64
C THR G 284 -29.84 -6.15 -16.55
N HIS G 285 -29.22 -7.26 -16.93
CA HIS G 285 -28.96 -8.34 -16.01
C HIS G 285 -27.71 -8.03 -15.21
N ARG G 286 -27.83 -8.17 -13.89
CA ARG G 286 -26.73 -7.89 -12.99
C ARG G 286 -26.71 -8.98 -11.93
N VAL G 287 -25.60 -8.98 -11.20
CA VAL G 287 -25.38 -9.87 -10.07
C VAL G 287 -25.32 -8.94 -8.86
N ALA G 288 -26.50 -8.61 -8.33
CA ALA G 288 -26.58 -7.68 -7.22
C ALA G 288 -25.88 -8.25 -6.00
N GLU G 289 -25.09 -7.41 -5.34
CA GLU G 289 -24.40 -7.84 -4.13
C GLU G 289 -25.50 -7.86 -3.10
N CYS G 290 -25.94 -9.06 -2.71
CA CYS G 290 -27.06 -9.17 -1.80
C CYS G 290 -26.70 -9.70 -0.42
N SER G 291 -25.47 -9.50 0.03
CA SER G 291 -25.21 -9.90 1.39
C SER G 291 -25.98 -8.86 2.21
N THR G 292 -26.44 -9.24 3.39
CA THR G 292 -27.23 -8.33 4.21
C THR G 292 -28.41 -7.74 3.42
N GLY G 293 -28.75 -8.35 2.28
CA GLY G 293 -29.80 -7.87 1.41
C GLY G 293 -30.86 -8.87 0.97
N THR G 294 -30.92 -10.05 1.59
CA THR G 294 -31.93 -11.03 1.22
C THR G 294 -32.85 -11.31 2.41
N LEU G 295 -34.01 -11.88 2.08
CA LEU G 295 -35.00 -12.23 3.10
C LEU G 295 -34.45 -13.20 4.15
N ASP G 296 -33.64 -14.14 3.75
CA ASP G 296 -33.15 -15.01 4.77
C ASP G 296 -32.27 -14.24 5.72
N TYR G 297 -31.34 -13.48 5.20
CA TYR G 297 -30.44 -12.73 6.08
C TYR G 297 -31.22 -11.92 7.10
N ILE G 298 -32.23 -11.16 6.65
CA ILE G 298 -32.95 -10.33 7.59
C ILE G 298 -33.77 -11.18 8.56
N LEU G 299 -34.31 -12.32 8.11
CA LEU G 299 -35.03 -13.17 9.04
C LEU G 299 -34.10 -13.67 10.14
N GLN G 300 -32.98 -14.28 9.76
CA GLN G 300 -32.05 -14.74 10.79
C GLN G 300 -31.62 -13.59 11.70
N ARG G 301 -31.42 -12.44 11.12
CA ARG G 301 -30.98 -11.37 11.97
C ARG G 301 -32.02 -11.13 12.99
N CYS G 302 -33.27 -11.05 12.58
CA CYS G 302 -34.34 -10.78 13.51
C CYS G 302 -34.34 -11.83 14.61
N GLN G 303 -34.37 -13.11 14.24
CA GLN G 303 -34.36 -14.17 15.26
C GLN G 303 -33.16 -14.01 16.19
N LEU G 304 -32.07 -13.43 15.67
CA LEU G 304 -30.86 -13.25 16.47
C LEU G 304 -31.07 -12.16 17.51
N ALA G 305 -31.73 -11.06 17.11
CA ALA G 305 -31.97 -10.02 18.11
C ALA G 305 -33.01 -10.48 19.11
N LEU G 306 -34.09 -11.12 18.63
CA LEU G 306 -35.14 -11.59 19.52
C LEU G 306 -34.69 -12.79 20.36
N GLN G 307 -33.47 -13.29 20.17
CA GLN G 307 -32.99 -14.39 21.01
C GLN G 307 -32.74 -13.92 22.43
N ASN G 308 -32.75 -12.61 22.67
CA ASN G 308 -32.49 -12.01 23.98
C ASN G 308 -33.81 -11.65 24.66
N VAL G 309 -34.85 -12.46 24.47
CA VAL G 309 -36.14 -12.25 25.10
C VAL G 309 -36.75 -13.59 25.49
N SER G 319 -39.62 -9.20 28.60
CA SER G 319 -38.44 -9.17 29.45
C SER G 319 -37.21 -9.65 28.68
N LEU G 320 -36.10 -8.92 28.85
CA LEU G 320 -34.85 -9.21 28.16
C LEU G 320 -33.95 -10.09 29.02
N LYS G 321 -33.30 -11.05 28.37
CA LYS G 321 -32.41 -11.97 29.07
C LYS G 321 -31.13 -11.28 29.54
N SER G 322 -30.75 -10.15 28.96
CA SER G 322 -29.56 -9.44 29.42
C SER G 322 -29.55 -8.02 28.88
N PHE G 323 -28.80 -7.16 29.57
CA PHE G 323 -28.64 -5.75 29.22
C PHE G 323 -27.18 -5.39 28.96
N GLU G 324 -26.42 -6.32 28.41
CA GLU G 324 -25.02 -6.06 28.10
C GLU G 324 -24.93 -5.02 26.98
N PRO G 325 -24.39 -3.82 27.25
CA PRO G 325 -24.29 -2.77 26.22
C PRO G 325 -23.99 -3.22 24.80
N ALA G 326 -23.19 -4.27 24.62
CA ALA G 326 -22.87 -4.73 23.28
C ALA G 326 -24.07 -5.42 22.63
N VAL G 327 -24.72 -6.32 23.36
CA VAL G 327 -25.87 -7.02 22.81
C VAL G 327 -27.02 -6.05 22.59
N LEU G 328 -27.15 -5.04 23.45
CA LEU G 328 -28.20 -4.06 23.24
C LEU G 328 -27.88 -3.22 22.02
N LYS G 329 -26.61 -2.90 21.80
CA LYS G 329 -26.28 -2.10 20.65
C LYS G 329 -26.59 -2.85 19.36
N GLN G 330 -26.12 -4.08 19.22
CA GLN G 330 -26.48 -4.90 18.07
C GLN G 330 -27.99 -5.08 17.94
N GLY G 331 -28.71 -5.12 19.06
CA GLY G 331 -30.15 -5.29 19.00
C GLY G 331 -30.86 -4.09 18.41
N GLU G 332 -30.60 -2.91 18.89
CA GLU G 332 -31.30 -1.86 18.23
C GLU G 332 -30.78 -1.73 16.80
N GLU G 333 -29.48 -1.82 16.57
CA GLU G 333 -29.01 -1.63 15.21
C GLU G 333 -29.82 -2.51 14.27
N ILE G 334 -30.00 -3.79 14.64
CA ILE G 334 -30.80 -4.70 13.83
C ILE G 334 -32.22 -4.17 13.74
N HIS G 335 -32.71 -3.56 14.83
CA HIS G 335 -34.06 -2.99 14.85
C HIS G 335 -34.18 -1.92 13.77
N ASN G 336 -33.18 -1.04 13.71
CA ASN G 336 -33.18 0.00 12.69
C ASN G 336 -33.12 -0.60 11.30
N GLU G 337 -32.31 -1.64 11.14
CA GLU G 337 -32.18 -2.24 9.85
C GLU G 337 -33.44 -2.85 9.35
N VAL G 338 -34.14 -3.61 10.17
CA VAL G 338 -35.40 -4.18 9.72
C VAL G 338 -36.47 -3.11 9.52
N GLU G 339 -36.45 -2.04 10.34
CA GLU G 339 -37.46 -1.00 10.18
C GLU G 339 -37.29 -0.21 8.88
N PHE G 340 -36.11 0.37 8.66
CA PHE G 340 -35.89 1.24 7.51
C PHE G 340 -35.33 0.56 6.27
N GLU G 341 -34.70 -0.58 6.37
CA GLU G 341 -34.22 -1.14 5.14
C GLU G 341 -35.14 -2.13 4.51
N TRP G 342 -36.09 -2.60 5.26
CA TRP G 342 -37.04 -3.57 4.71
C TRP G 342 -38.50 -3.10 4.82
N LEU G 343 -38.98 -2.86 6.04
CA LEU G 343 -40.38 -2.45 6.24
C LEU G 343 -40.70 -1.12 5.59
N ARG G 344 -40.02 -0.06 5.94
CA ARG G 344 -40.38 1.19 5.34
C ARG G 344 -40.14 1.17 3.84
N GLN G 345 -39.11 0.52 3.39
CA GLN G 345 -39.00 0.54 1.98
C GLN G 345 -40.12 -0.24 1.37
N PHE G 346 -40.42 -1.43 1.87
CA PHE G 346 -41.45 -2.24 1.25
C PHE G 346 -42.77 -1.49 1.22
N TRP G 347 -43.15 -0.83 2.30
CA TRP G 347 -44.43 -0.17 2.14
C TRP G 347 -44.27 1.10 1.32
N PHE G 348 -43.11 1.72 1.29
CA PHE G 348 -43.04 2.92 0.48
C PHE G 348 -43.20 2.70 -0.99
N GLN G 349 -42.48 1.74 -1.56
CA GLN G 349 -42.58 1.47 -2.97
C GLN G 349 -42.53 0.00 -3.31
N GLY G 350 -42.37 -0.84 -2.31
CA GLY G 350 -42.31 -2.25 -2.53
C GLY G 350 -43.62 -2.93 -2.67
N ASN G 351 -44.68 -2.23 -2.36
CA ASN G 351 -46.00 -2.76 -2.49
C ASN G 351 -46.59 -2.52 -3.88
N ARG G 352 -45.86 -1.86 -4.75
CA ARG G 352 -46.25 -1.59 -6.08
C ARG G 352 -46.39 -2.83 -6.87
N TYR G 353 -45.45 -3.71 -6.66
CA TYR G 353 -45.36 -4.96 -7.39
C TYR G 353 -46.54 -5.84 -7.18
N ARG G 354 -47.16 -5.64 -6.07
CA ARG G 354 -48.31 -6.51 -5.77
C ARG G 354 -49.08 -6.76 -7.05
N LYS G 355 -49.24 -5.74 -7.89
CA LYS G 355 -49.94 -5.89 -9.15
C LYS G 355 -49.43 -6.97 -10.09
N CYS G 356 -48.23 -7.44 -9.78
CA CYS G 356 -47.54 -8.47 -10.54
C CYS G 356 -47.17 -9.74 -9.76
N THR G 357 -47.16 -9.73 -8.44
CA THR G 357 -46.81 -10.87 -7.61
C THR G 357 -47.22 -10.65 -6.16
N ASP G 358 -47.50 -11.76 -5.46
CA ASP G 358 -47.89 -11.76 -4.07
C ASP G 358 -46.81 -12.33 -3.16
N TRP G 359 -45.74 -12.87 -3.75
CA TRP G 359 -44.62 -13.49 -3.04
C TRP G 359 -44.20 -12.80 -1.75
N TRP G 360 -44.12 -11.47 -1.75
CA TRP G 360 -43.66 -10.74 -0.57
C TRP G 360 -44.75 -10.43 0.44
N CYS G 361 -46.01 -10.70 0.10
CA CYS G 361 -47.12 -10.40 1.01
C CYS G 361 -46.96 -11.08 2.37
N GLN G 362 -46.73 -12.39 2.37
CA GLN G 362 -46.62 -13.16 3.60
C GLN G 362 -45.31 -12.97 4.39
N PRO G 363 -44.14 -12.88 3.75
CA PRO G 363 -42.90 -12.66 4.52
C PRO G 363 -42.82 -11.31 5.20
N MET G 364 -43.38 -10.29 4.57
CA MET G 364 -43.35 -8.97 5.15
C MET G 364 -44.14 -8.89 6.44
N ALA G 365 -45.23 -9.62 6.50
CA ALA G 365 -46.07 -9.54 7.69
C ALA G 365 -45.32 -10.14 8.85
N GLN G 366 -44.46 -11.14 8.57
CA GLN G 366 -43.67 -11.72 9.63
C GLN G 366 -42.57 -10.74 10.02
N LEU G 367 -42.03 -10.01 9.04
CA LEU G 367 -41.00 -9.04 9.39
C LEU G 367 -41.62 -7.89 10.19
N GLU G 368 -42.92 -7.63 9.97
CA GLU G 368 -43.56 -6.56 10.73
C GLU G 368 -43.81 -7.03 12.15
N ALA G 369 -44.27 -8.28 12.32
CA ALA G 369 -44.46 -8.82 13.66
C ALA G 369 -43.16 -8.82 14.44
N LEU G 370 -42.09 -9.32 13.81
CA LEU G 370 -40.77 -9.35 14.44
C LEU G 370 -40.36 -7.95 14.87
N TRP G 371 -40.53 -6.97 13.98
CA TRP G 371 -40.20 -5.59 14.30
C TRP G 371 -41.02 -5.12 15.49
N LYS G 372 -42.33 -5.40 15.48
CA LYS G 372 -43.21 -5.00 16.58
C LYS G 372 -42.66 -5.53 17.90
N LYS G 373 -42.20 -6.78 17.89
CA LYS G 373 -41.61 -7.35 19.09
C LYS G 373 -40.37 -6.56 19.48
N MET G 374 -39.60 -6.11 18.48
CA MET G 374 -38.43 -5.31 18.81
C MET G 374 -38.86 -3.98 19.42
N GLU G 375 -40.02 -3.45 19.01
CA GLU G 375 -40.49 -2.22 19.63
C GLU G 375 -40.77 -2.50 21.11
N GLY G 376 -41.30 -3.71 21.39
CA GLY G 376 -41.54 -4.09 22.77
C GLY G 376 -40.27 -4.26 23.56
N VAL G 377 -39.17 -4.63 22.88
CA VAL G 377 -37.93 -4.78 23.63
C VAL G 377 -37.35 -3.40 23.88
N THR G 378 -37.58 -2.50 22.95
CA THR G 378 -37.07 -1.18 23.17
C THR G 378 -37.77 -0.55 24.35
N ASN G 379 -39.11 -0.63 24.41
CA ASN G 379 -39.86 -0.12 25.55
C ASN G 379 -39.36 -0.77 26.85
N ALA G 380 -39.07 -2.07 26.78
CA ALA G 380 -38.58 -2.80 27.96
C ALA G 380 -37.26 -2.20 28.47
N VAL G 381 -36.24 -2.14 27.60
CA VAL G 381 -34.95 -1.57 28.00
C VAL G 381 -35.16 -0.16 28.52
N LEU G 382 -36.11 0.58 27.92
CA LEU G 382 -36.37 1.94 28.38
C LEU G 382 -36.87 1.92 29.81
N HIS G 383 -37.61 0.87 30.18
CA HIS G 383 -38.08 0.78 31.56
C HIS G 383 -36.94 0.37 32.49
N GLU G 384 -35.96 -0.37 31.96
CA GLU G 384 -34.84 -0.80 32.80
C GLU G 384 -33.88 0.34 33.09
N VAL G 385 -33.65 1.22 32.12
CA VAL G 385 -32.68 2.30 32.32
C VAL G 385 -33.15 3.34 33.32
N LYS G 386 -34.43 3.35 33.67
CA LYS G 386 -34.99 4.36 34.57
C LYS G 386 -35.54 3.67 35.82
N ARG G 387 -34.64 3.23 36.69
CA ARG G 387 -35.01 2.69 37.98
C ARG G 387 -33.85 2.90 38.94
N GLU G 388 -34.19 3.05 40.22
CA GLU G 388 -33.21 3.24 41.28
C GLU G 388 -32.22 2.07 41.35
N GLN G 394 -26.50 5.39 38.94
CA GLN G 394 -25.30 4.56 38.88
C GLN G 394 -24.35 5.04 37.79
N ARG G 395 -23.86 4.08 37.00
CA ARG G 395 -23.08 4.32 35.80
C ARG G 395 -23.89 3.73 34.64
N ASN G 396 -24.49 4.64 33.88
CA ASN G 396 -25.35 4.30 32.77
C ASN G 396 -24.78 4.21 31.38
N GLU G 397 -23.99 3.20 31.11
CA GLU G 397 -23.50 2.97 29.76
C GLU G 397 -24.52 2.24 28.89
N ILE G 398 -25.62 1.75 29.49
CA ILE G 398 -26.67 1.04 28.75
C ILE G 398 -27.52 2.15 28.14
N LEU G 399 -26.97 3.36 28.19
CA LEU G 399 -27.47 4.64 27.70
C LEU G 399 -26.54 5.20 26.62
N THR G 400 -25.22 5.05 26.83
CA THR G 400 -24.19 5.51 25.91
C THR G 400 -23.82 4.40 24.93
N ALA G 401 -24.78 3.53 24.66
CA ALA G 401 -24.69 2.39 23.77
C ALA G 401 -25.88 2.31 22.82
N ILE G 402 -26.90 3.14 23.01
CA ILE G 402 -28.10 3.11 22.16
C ILE G 402 -28.54 4.50 21.70
N LEU G 403 -27.92 5.57 22.22
CA LEU G 403 -28.35 6.90 21.82
C LEU G 403 -28.17 7.14 20.33
N ALA G 404 -27.08 6.63 19.76
CA ALA G 404 -26.86 6.81 18.33
C ALA G 404 -27.94 6.11 17.50
N SER G 405 -28.30 4.91 17.88
CA SER G 405 -29.32 4.22 17.15
C SER G 405 -30.67 4.85 17.25
N LEU G 406 -31.04 5.37 18.39
CA LEU G 406 -32.36 5.98 18.52
C LEU G 406 -32.39 7.35 17.84
N THR G 407 -31.29 8.11 17.88
CA THR G 407 -31.34 9.40 17.19
C THR G 407 -31.41 9.12 15.70
N ALA G 408 -30.72 8.05 15.25
CA ALA G 408 -30.78 7.70 13.85
C ALA G 408 -32.20 7.27 13.50
N ARG G 409 -32.85 6.61 14.43
CA ARG G 409 -34.20 6.15 14.23
C ARG G 409 -35.08 7.31 14.07
N GLN G 410 -34.80 8.36 14.80
CA GLN G 410 -35.64 9.56 14.79
C GLN G 410 -35.52 10.28 13.45
N ASN G 411 -34.29 10.56 13.03
CA ASN G 411 -34.09 11.26 11.76
C ASN G 411 -34.66 10.44 10.62
N LEU G 412 -34.22 9.18 10.50
CA LEU G 412 -34.73 8.33 9.42
C LEU G 412 -36.25 8.21 9.44
N ARG G 413 -36.85 8.29 10.60
CA ARG G 413 -38.27 8.22 10.62
C ARG G 413 -38.90 9.45 10.01
N ARG G 414 -38.47 10.64 10.36
CA ARG G 414 -39.12 11.72 9.66
C ARG G 414 -38.73 11.71 8.21
N GLU G 415 -37.49 11.38 7.92
CA GLU G 415 -37.06 11.46 6.54
C GLU G 415 -37.93 10.60 5.68
N TRP G 416 -38.30 9.41 6.14
CA TRP G 416 -39.25 8.59 5.38
C TRP G 416 -40.65 9.19 5.40
N HIS G 417 -41.10 9.68 6.56
CA HIS G 417 -42.44 10.26 6.62
C HIS G 417 -42.57 11.41 5.63
N ALA G 418 -41.48 12.16 5.42
CA ALA G 418 -41.45 13.27 4.48
C ALA G 418 -41.50 12.74 3.06
N ARG G 419 -40.53 11.87 2.72
CA ARG G 419 -40.42 11.25 1.40
C ARG G 419 -41.72 10.59 0.96
N CYS G 420 -42.61 10.35 1.92
CA CYS G 420 -43.91 9.73 1.66
C CYS G 420 -44.91 10.80 1.21
N GLN G 421 -44.99 11.82 2.04
CA GLN G 421 -45.81 12.97 1.78
C GLN G 421 -45.02 14.04 1.06
N SER G 422 -44.61 13.75 -0.13
CA SER G 422 -43.92 14.77 -0.91
C SER G 422 -44.75 15.13 -2.14
N ARG G 423 -44.49 16.32 -2.69
CA ARG G 423 -45.24 16.79 -3.84
C ARG G 423 -45.23 15.84 -5.03
N ILE G 424 -44.04 15.41 -5.46
CA ILE G 424 -43.97 14.53 -6.63
C ILE G 424 -44.66 13.19 -6.34
N ALA G 425 -44.59 12.77 -5.10
CA ALA G 425 -45.15 11.50 -4.69
C ALA G 425 -46.64 11.46 -4.98
N ARG G 426 -47.27 12.60 -4.83
CA ARG G 426 -48.69 12.76 -5.07
C ARG G 426 -49.11 12.59 -6.51
N THR G 427 -48.22 12.82 -7.44
CA THR G 427 -48.52 12.65 -8.83
C THR G 427 -48.89 11.24 -9.21
N LEU G 428 -48.25 10.26 -8.59
CA LEU G 428 -48.55 8.89 -8.98
C LEU G 428 -49.90 8.37 -8.56
N PRO G 429 -50.35 7.35 -9.25
CA PRO G 429 -51.65 6.74 -9.07
C PRO G 429 -51.80 6.00 -7.78
N ALA G 430 -53.04 5.66 -7.49
CA ALA G 430 -53.34 5.05 -6.22
C ALA G 430 -52.60 3.77 -5.92
N ASP G 431 -52.38 2.93 -6.92
CA ASP G 431 -51.66 1.70 -6.68
C ASP G 431 -50.24 1.93 -6.25
N GLN G 432 -49.58 2.93 -6.81
CA GLN G 432 -48.20 3.24 -6.47
C GLN G 432 -47.93 4.25 -5.39
N LYS G 433 -48.94 4.90 -4.83
CA LYS G 433 -48.67 5.91 -3.83
C LYS G 433 -48.03 5.25 -2.68
N PRO G 434 -46.98 5.85 -2.17
CA PRO G 434 -46.28 5.26 -1.02
C PRO G 434 -47.12 5.27 0.25
N GLU G 435 -47.01 4.22 1.05
CA GLU G 435 -47.72 4.13 2.32
C GLU G 435 -46.66 4.23 3.40
N CYS G 436 -46.91 5.02 4.43
CA CYS G 436 -45.90 5.16 5.49
C CYS G 436 -46.10 4.17 6.64
N ARG G 437 -46.30 2.91 6.32
CA ARG G 437 -46.40 1.90 7.36
C ARG G 437 -45.02 1.50 7.79
N PRO G 438 -44.82 1.12 9.04
CA PRO G 438 -45.74 1.23 10.18
C PRO G 438 -45.94 2.64 10.70
N TYR G 439 -47.19 3.05 10.83
CA TYR G 439 -47.53 4.38 11.34
C TYR G 439 -48.66 4.25 12.36
N TRP G 440 -48.59 5.05 13.42
CA TRP G 440 -49.63 5.01 14.43
C TRP G 440 -49.63 6.32 15.22
N GLU G 441 -50.82 6.80 15.52
CA GLU G 441 -50.99 8.03 16.28
C GLU G 441 -50.78 7.86 17.78
N LYS G 442 -50.23 8.84 18.45
CA LYS G 442 -49.82 8.55 19.81
C LYS G 442 -50.91 7.89 20.57
N ASP G 443 -52.13 8.08 20.11
CA ASP G 443 -53.32 7.59 20.74
C ASP G 443 -53.33 6.13 20.87
N ASP G 444 -52.54 5.49 20.05
CA ASP G 444 -52.70 4.06 19.84
C ASP G 444 -52.15 3.30 21.05
N ALA G 445 -52.95 2.36 21.56
CA ALA G 445 -52.61 1.55 22.72
C ALA G 445 -51.81 0.29 22.39
N SER G 446 -52.11 -0.33 21.24
CA SER G 446 -51.45 -1.56 20.82
C SER G 446 -49.94 -1.41 20.69
N MET G 447 -49.46 -0.21 20.46
CA MET G 447 -48.06 -0.10 20.35
C MET G 447 -47.55 0.44 21.65
N PRO G 448 -46.49 -0.17 22.12
CA PRO G 448 -45.87 0.12 23.40
C PRO G 448 -45.38 1.50 23.51
N LEU G 449 -44.77 1.98 22.45
CA LEU G 449 -44.20 3.30 22.41
C LEU G 449 -44.80 4.07 21.29
N PRO G 450 -44.52 5.34 21.31
CA PRO G 450 -45.02 6.24 20.30
C PRO G 450 -44.19 6.19 19.05
N PHE G 451 -44.57 7.05 18.12
CA PHE G 451 -43.87 7.17 16.85
C PHE G 451 -42.67 8.09 16.96
N ASP G 452 -42.40 8.36 18.20
CA ASP G 452 -41.36 9.14 18.77
C ASP G 452 -41.49 10.58 18.79
N LEU G 453 -41.55 11.23 17.63
CA LEU G 453 -41.40 12.69 17.55
C LEU G 453 -40.02 12.78 18.20
N THR G 454 -39.86 13.37 19.36
CA THR G 454 -38.53 13.40 19.93
C THR G 454 -38.32 13.40 21.41
N ASP G 455 -39.30 13.27 22.28
CA ASP G 455 -39.01 13.47 23.70
C ASP G 455 -38.03 12.51 24.23
N ILE G 456 -38.20 11.26 23.88
CA ILE G 456 -37.40 10.20 24.43
C ILE G 456 -35.95 10.31 24.18
N VAL G 457 -35.49 10.78 23.04
CA VAL G 457 -34.06 10.94 22.87
C VAL G 457 -33.46 12.00 23.76
N SER G 458 -34.05 13.17 23.87
CA SER G 458 -33.49 14.24 24.68
C SER G 458 -33.48 13.80 26.06
N GLU G 459 -34.56 13.25 26.47
CA GLU G 459 -34.49 12.82 27.85
C GLU G 459 -33.24 11.99 28.11
N LEU G 460 -32.82 11.18 27.15
CA LEU G 460 -31.62 10.37 27.26
C LEU G 460 -30.30 11.11 27.38
N ARG G 461 -30.33 12.37 26.99
CA ARG G 461 -29.17 13.19 27.04
C ARG G 461 -28.97 13.56 28.47
N GLY G 462 -28.80 12.54 29.30
CA GLY G 462 -28.52 12.73 30.69
C GLY G 462 -27.01 12.81 30.81
N GLN G 463 -26.47 13.99 30.47
CA GLN G 463 -25.05 14.33 30.47
C GLN G 463 -24.14 13.19 30.12
P 6MA H 4 -25.25 9.16 -9.30
OP1 6MA H 4 -25.46 7.70 -8.99
OP2 6MA H 4 -23.98 9.61 -9.97
O5' 6MA H 4 -26.50 9.65 -10.19
C5' 6MA H 4 -26.27 10.52 -11.29
C4' 6MA H 4 -27.42 10.38 -12.27
O4' 6MA H 4 -27.59 9.01 -12.64
C3' 6MA H 4 -28.73 10.85 -11.69
O3' 6MA H 4 -29.38 11.65 -12.70
C2' 6MA H 4 -29.55 9.59 -11.43
C1' 6MA H 4 -28.91 8.56 -12.34
N9 6MA H 4 -28.78 7.21 -11.72
C8 6MA H 4 -27.99 6.88 -10.70
N7 6MA H 4 -28.11 5.56 -10.39
C5 6MA H 4 -29.00 5.02 -11.25
C6 6MA H 4 -29.59 3.69 -11.49
N1 6MA H 4 -30.49 3.57 -12.49
C2 6MA H 4 -30.84 4.62 -13.26
N3 6MA H 4 -30.35 5.85 -13.10
C4 6MA H 4 -29.44 6.12 -12.13
N6 6MA H 4 -29.25 2.63 -10.74
C1 6MA H 4 -29.76 1.31 -11.06
MN MN I . 12.25 -24.08 10.64
C1 OGA J . 12.60 -26.88 10.15
C2 OGA J . 12.47 -26.68 11.60
C4 OGA J . 11.94 -27.47 13.93
C5 OGA J . 11.63 -28.71 14.76
O1 OGA J . 12.49 -25.88 9.41
O2 OGA J . 12.82 -28.03 9.69
O2' OGA J . 12.43 -25.52 12.02
O3 OGA J . 11.83 -29.86 14.31
N1 OGA J . 12.39 -27.88 12.52
O4 OGA J . 11.22 -28.50 15.92
MN MN K . 30.56 -1.05 2.54
C1 OGA L . 33.61 -0.28 3.07
C2 OGA L . 33.87 -0.58 1.66
C4 OGA L . 35.26 -0.37 -0.43
C5 OGA L . 36.51 0.29 -1.01
O1 OGA L . 34.55 -0.09 3.87
O2 OGA L . 32.41 -0.22 3.44
O2' OGA L . 32.98 -1.06 0.98
O3 OGA L . 36.54 0.42 -2.25
N1 OGA L . 35.26 -0.30 1.09
O4 OGA L . 37.46 0.62 -0.25
MN MN M . -16.09 24.03 2.82
C1 OGA N . -16.50 26.90 2.01
C2 OGA N . -17.12 26.67 3.30
C4 OGA N . -17.75 27.35 5.65
C5 OGA N . -17.97 28.54 6.58
O1 OGA N . -16.33 28.08 1.60
O2 OGA N . -16.13 25.91 1.34
O2' OGA N . -17.43 25.51 3.61
O3 OGA N . -18.15 28.26 7.78
N1 OGA N . -17.40 27.83 4.24
O4 OGA N . -18.02 29.70 6.13
MN MN O . -26.33 1.67 -15.11
C1 OGA P . -29.41 1.15 -16.42
C2 OGA P . -28.91 1.49 -17.75
C4 OGA P . -28.80 1.15 -20.25
C5 OGA P . -29.52 0.56 -21.45
O1 OGA P . -28.73 1.50 -15.43
O2 OGA P . -30.49 0.53 -16.29
O2' OGA P . -27.91 2.20 -17.84
O3 OGA P . -30.43 -0.27 -21.31
N1 OGA P . -29.64 0.97 -18.99
O4 OGA P . -29.15 1.00 -22.57
#